data_3QYR
#
_entry.id   3QYR
#
_cell.length_a   156.050
_cell.length_b   201.270
_cell.length_c   236.980
_cell.angle_alpha   90.000
_cell.angle_beta   90.000
_cell.angle_gamma   90.000
#
_symmetry.space_group_name_H-M   'F 2 2 2'
#
loop_
_entity.id
_entity.type
_entity.pdbx_description
1 polymer EchA16_2
2 non-polymer 1,2-ETHANEDIOL
3 water water
#
_entity_poly.entity_id   1
_entity_poly.type   'polypeptide(L)'
_entity_poly.pdbx_seq_one_letter_code
;GPGSMTDEILLSNTEERVRTLTLNRPQARNALSAALRDRFFGALADAETDDDVDVVIITGADPVFCAGLDLKELGGSSAL
PDISPRWPALTKPVIGAINGAAVTGGLELALYCDILIASENARFADTHARVGLLPTWGLSVRLPQKVGIGLARRMSLTGD
YLSAADALRAGLVTEVVPHDQLLGAAQAVAASIVGNNQNAVRALLASYHRIDDAQTSAGLWQEAMAARQFRTSGDDIAAN
REAVLARGRSQVR
;
_entity_poly.pdbx_strand_id   A,B,C,D,E,F
#
loop_
_chem_comp.id
_chem_comp.type
_chem_comp.name
_chem_comp.formula
EDO non-polymer 1,2-ETHANEDIOL 'C2 H6 O2'
#
# COMPACT_ATOMS: atom_id res chain seq x y z
N GLU A 8 -28.19 14.31 -27.49
CA GLU A 8 -28.45 13.59 -26.19
C GLU A 8 -28.31 12.03 -26.20
N ILE A 9 -28.25 11.37 -27.35
CA ILE A 9 -28.14 9.89 -27.36
C ILE A 9 -26.79 9.36 -26.90
N LEU A 10 -25.76 10.20 -26.98
CA LEU A 10 -24.47 9.91 -26.40
C LEU A 10 -24.01 11.11 -25.56
N LEU A 11 -23.70 10.88 -24.28
CA LEU A 11 -23.13 11.91 -23.44
C LEU A 11 -21.62 11.81 -23.54
N SER A 12 -20.98 12.98 -23.51
CA SER A 12 -19.53 13.08 -23.44
C SER A 12 -19.17 14.08 -22.35
N ASN A 13 -18.29 13.69 -21.43
CA ASN A 13 -17.77 14.61 -20.43
C ASN A 13 -16.32 14.35 -20.15
N THR A 14 -15.58 15.42 -19.86
CA THR A 14 -14.14 15.40 -19.80
C THR A 14 -13.67 16.11 -18.54
N GLU A 15 -13.00 15.36 -17.68
CA GLU A 15 -12.61 15.78 -16.35
C GLU A 15 -11.15 15.35 -16.16
N GLU A 16 -10.25 16.33 -16.11
CA GLU A 16 -8.83 16.10 -15.79
C GLU A 16 -8.24 15.00 -16.65
N ARG A 17 -8.33 15.21 -17.96
CA ARG A 17 -7.69 14.32 -18.96
C ARG A 17 -8.39 12.96 -19.13
N VAL A 18 -9.51 12.75 -18.47
CA VAL A 18 -10.31 11.53 -18.64
C VAL A 18 -11.67 11.90 -19.26
N ARG A 19 -11.94 11.36 -20.44
CA ARG A 19 -13.23 11.58 -21.12
C ARG A 19 -14.14 10.38 -20.96
N THR A 20 -15.35 10.62 -20.47
CA THR A 20 -16.32 9.55 -20.25
C THR A 20 -17.39 9.64 -21.29
N LEU A 21 -17.62 8.53 -22.00
CA LEU A 21 -18.64 8.44 -23.04
C LEU A 21 -19.80 7.53 -22.56
N THR A 22 -20.97 8.10 -22.38
CA THR A 22 -22.11 7.36 -21.83
C THR A 22 -23.15 7.14 -22.90
N LEU A 23 -23.33 5.88 -23.31
CA LEU A 23 -24.42 5.49 -24.24
C LEU A 23 -25.71 5.87 -23.53
N ASN A 24 -26.56 6.68 -24.15
CA ASN A 24 -27.65 7.33 -23.42
C ASN A 24 -29.02 7.26 -24.14
N ARG A 25 -29.47 6.03 -24.32
CA ARG A 25 -30.87 5.73 -24.63
C ARG A 25 -31.43 4.74 -23.58
N PRO A 26 -31.46 5.15 -22.31
CA PRO A 26 -31.82 4.20 -21.25
C PRO A 26 -33.13 3.47 -21.48
N GLN A 27 -34.13 4.19 -21.96
CA GLN A 27 -35.48 3.64 -22.12
C GLN A 27 -35.55 2.67 -23.28
N ALA A 28 -34.55 2.73 -24.16
CA ALA A 28 -34.34 1.73 -25.20
C ALA A 28 -33.14 0.82 -24.91
N ARG A 29 -32.70 0.77 -23.66
CA ARG A 29 -31.62 -0.13 -23.22
C ARG A 29 -30.31 0.12 -23.96
N ASN A 30 -30.10 1.37 -24.36
CA ASN A 30 -28.89 1.81 -25.04
C ASN A 30 -28.57 1.00 -26.31
N ALA A 31 -29.63 0.55 -26.98
CA ALA A 31 -29.52 -0.09 -28.28
C ALA A 31 -28.80 0.87 -29.22
N LEU A 32 -27.97 0.28 -30.07
CA LEU A 32 -27.11 1.02 -30.96
C LEU A 32 -27.83 1.20 -32.31
N SER A 33 -28.56 2.30 -32.44
CA SER A 33 -29.11 2.78 -33.70
C SER A 33 -27.98 3.28 -34.55
N ALA A 34 -28.20 3.42 -35.86
CA ALA A 34 -27.21 4.04 -36.78
C ALA A 34 -26.73 5.39 -36.23
N ALA A 35 -27.65 6.24 -35.77
CA ALA A 35 -27.26 7.53 -35.20
C ALA A 35 -26.30 7.35 -34.00
N LEU A 36 -26.56 6.37 -33.15
CA LEU A 36 -25.74 6.21 -31.95
C LEU A 36 -24.42 5.60 -32.31
N ARG A 37 -24.38 4.74 -33.32
CA ARG A 37 -23.11 4.20 -33.78
C ARG A 37 -22.25 5.32 -34.35
N ASP A 38 -22.82 6.13 -35.25
CA ASP A 38 -22.05 7.23 -35.83
C ASP A 38 -21.52 8.10 -34.70
N ARG A 39 -22.35 8.34 -33.68
CA ARG A 39 -21.96 9.20 -32.55
C ARG A 39 -20.88 8.59 -31.68
N PHE A 40 -20.99 7.29 -31.42
CA PHE A 40 -20.08 6.63 -30.51
C PHE A 40 -18.72 6.45 -31.17
N PHE A 41 -18.73 5.84 -32.35
CA PHE A 41 -17.48 5.61 -33.07
C PHE A 41 -16.77 6.93 -33.43
N GLY A 42 -17.56 7.93 -33.79
CA GLY A 42 -17.00 9.27 -34.06
C GLY A 42 -16.30 9.81 -32.82
N ALA A 43 -16.95 9.65 -31.66
CA ALA A 43 -16.37 10.11 -30.38
C ALA A 43 -15.08 9.39 -30.01
N LEU A 44 -14.97 8.11 -30.30
CA LEU A 44 -13.70 7.42 -30.03
C LEU A 44 -12.60 8.01 -30.93
N ALA A 45 -12.95 8.28 -32.17
CA ALA A 45 -11.99 8.80 -33.11
C ALA A 45 -11.46 10.11 -32.60
N ASP A 46 -12.36 11.05 -32.28
CA ASP A 46 -11.98 12.36 -31.79
C ASP A 46 -11.05 12.30 -30.55
N ALA A 47 -11.38 11.42 -29.60
CA ALA A 47 -10.61 11.29 -28.37
C ALA A 47 -9.14 11.00 -28.64
N GLU A 48 -8.86 10.18 -29.64
CA GLU A 48 -7.48 9.91 -30.00
C GLU A 48 -6.76 11.19 -30.44
N THR A 49 -7.43 12.08 -31.16
CA THR A 49 -6.77 13.29 -31.63
C THR A 49 -6.86 14.46 -30.64
N ASP A 50 -7.67 14.34 -29.60
CA ASP A 50 -7.82 15.46 -28.66
C ASP A 50 -6.72 15.49 -27.61
N ASP A 51 -5.97 16.58 -27.61
CA ASP A 51 -4.81 16.75 -26.72
C ASP A 51 -5.21 16.95 -25.24
N ASP A 52 -6.49 17.18 -24.96
CA ASP A 52 -7.01 17.21 -23.59
C ASP A 52 -7.37 15.85 -22.97
N VAL A 53 -7.17 14.74 -23.68
CA VAL A 53 -7.62 13.43 -23.24
C VAL A 53 -6.46 12.44 -23.19
N ASP A 54 -6.27 11.77 -22.05
CA ASP A 54 -5.28 10.70 -21.93
C ASP A 54 -5.93 9.34 -21.83
N VAL A 55 -7.15 9.30 -21.29
CA VAL A 55 -7.84 8.04 -21.02
C VAL A 55 -9.33 8.21 -21.33
N VAL A 56 -9.94 7.15 -21.88
CA VAL A 56 -11.36 7.14 -22.21
C VAL A 56 -12.08 6.08 -21.36
N ILE A 57 -13.27 6.40 -20.87
CA ILE A 57 -14.08 5.44 -20.13
C ILE A 57 -15.39 5.33 -20.90
N ILE A 58 -15.85 4.12 -21.22
CA ILE A 58 -17.17 3.98 -21.83
C ILE A 58 -18.07 3.26 -20.85
N THR A 59 -19.34 3.66 -20.83
CA THR A 59 -20.32 3.11 -19.91
C THR A 59 -21.69 3.39 -20.50
N GLY A 60 -22.72 2.91 -19.80
CA GLY A 60 -24.11 3.10 -20.23
C GLY A 60 -25.03 3.70 -19.19
N ALA A 61 -26.13 4.28 -19.68
CA ALA A 61 -27.15 4.86 -18.79
C ALA A 61 -27.96 3.70 -18.21
N ASP A 62 -28.10 3.67 -16.89
CA ASP A 62 -28.78 2.55 -16.21
C ASP A 62 -30.16 2.31 -16.84
N PRO A 63 -30.64 1.04 -16.82
CA PRO A 63 -30.02 -0.13 -16.19
C PRO A 63 -29.24 -1.09 -17.08
N VAL A 64 -29.12 -0.79 -18.37
CA VAL A 64 -28.40 -1.68 -19.30
C VAL A 64 -27.14 -0.96 -19.70
N PHE A 65 -26.06 -1.71 -19.95
CA PHE A 65 -24.87 -1.13 -20.56
C PHE A 65 -25.17 -0.90 -22.01
N CYS A 66 -25.49 -2.01 -22.71
CA CYS A 66 -25.86 -1.95 -24.10
C CYS A 66 -26.54 -3.22 -24.59
N ALA A 67 -27.82 -3.11 -25.00
CA ALA A 67 -28.62 -4.27 -25.47
C ALA A 67 -28.24 -4.84 -26.87
N GLY A 68 -27.26 -4.29 -27.54
CA GLY A 68 -26.97 -4.69 -28.92
C GLY A 68 -27.51 -3.68 -29.92
N LEU A 69 -27.47 -4.04 -31.20
CA LEU A 69 -27.89 -3.15 -32.28
C LEU A 69 -29.39 -2.95 -32.26
N ASP A 70 -29.85 -1.79 -32.75
CA ASP A 70 -31.28 -1.54 -32.84
C ASP A 70 -31.82 -2.45 -33.95
N LEU A 71 -32.51 -3.51 -33.54
CA LEU A 71 -32.98 -4.51 -34.46
C LEU A 71 -34.32 -4.05 -35.05
N LYS A 72 -35.10 -3.32 -34.25
CA LYS A 72 -36.34 -2.66 -34.74
C LYS A 72 -36.03 -1.77 -35.96
N GLU A 73 -34.97 -0.97 -35.87
CA GLU A 73 -34.48 -0.17 -37.00
C GLU A 73 -34.07 -1.06 -38.21
N LEU A 74 -33.21 -2.06 -37.98
CA LEU A 74 -32.81 -3.01 -39.03
C LEU A 74 -34.00 -3.93 -39.35
N ASP A 82 -25.23 -6.15 -43.15
CA ASP A 82 -24.04 -5.39 -43.53
C ASP A 82 -23.62 -4.38 -42.42
N ILE A 83 -22.93 -4.90 -41.40
CA ILE A 83 -22.47 -4.12 -40.24
C ILE A 83 -20.96 -4.32 -40.14
N SER A 84 -20.19 -3.49 -40.85
CA SER A 84 -18.73 -3.60 -40.86
C SER A 84 -18.18 -3.09 -39.52
N PRO A 85 -16.94 -3.50 -39.17
CA PRO A 85 -16.29 -3.05 -37.96
C PRO A 85 -15.87 -1.60 -38.06
N ARG A 86 -16.06 -0.85 -36.97
CA ARG A 86 -15.76 0.58 -36.91
C ARG A 86 -14.99 1.03 -35.67
N TRP A 87 -14.59 0.09 -34.80
CA TRP A 87 -13.79 0.48 -33.64
C TRP A 87 -12.44 0.90 -34.19
N PRO A 88 -12.09 2.19 -34.02
CA PRO A 88 -10.89 2.78 -34.56
C PRO A 88 -9.60 2.42 -33.84
N ALA A 89 -8.49 2.64 -34.54
CA ALA A 89 -7.16 2.49 -34.00
C ALA A 89 -6.92 3.59 -32.99
N LEU A 90 -6.82 3.19 -31.73
CA LEU A 90 -6.50 4.09 -30.64
C LEU A 90 -5.18 3.71 -29.95
N THR A 91 -4.47 4.72 -29.44
CA THR A 91 -3.28 4.53 -28.60
C THR A 91 -3.53 4.93 -27.15
N LYS A 92 -4.73 5.43 -26.83
CA LYS A 92 -5.10 5.74 -25.46
C LYS A 92 -6.01 4.63 -24.91
N PRO A 93 -5.84 4.26 -23.64
CA PRO A 93 -6.58 3.16 -23.10
C PRO A 93 -8.06 3.51 -22.96
N VAL A 94 -8.91 2.50 -23.14
CA VAL A 94 -10.35 2.62 -23.04
C VAL A 94 -10.77 1.59 -22.00
N ILE A 95 -11.38 2.10 -20.92
CA ILE A 95 -11.84 1.30 -19.81
C ILE A 95 -13.31 1.18 -19.98
N GLY A 96 -13.83 -0.04 -19.98
CA GLY A 96 -15.28 -0.27 -20.02
C GLY A 96 -15.85 -0.39 -18.61
N ALA A 97 -16.74 0.51 -18.22
CA ALA A 97 -17.46 0.41 -16.95
C ALA A 97 -18.83 -0.22 -17.21
N ILE A 98 -18.95 -1.53 -16.98
CA ILE A 98 -20.17 -2.21 -17.44
C ILE A 98 -21.16 -2.15 -16.30
N ASN A 99 -22.16 -1.29 -16.46
CA ASN A 99 -23.19 -1.07 -15.46
C ASN A 99 -24.34 -2.07 -15.47
N GLY A 100 -24.54 -2.81 -16.56
CA GLY A 100 -25.64 -3.78 -16.63
C GLY A 100 -25.45 -4.74 -17.79
N ALA A 101 -26.53 -5.29 -18.32
CA ALA A 101 -26.45 -6.19 -19.46
C ALA A 101 -25.66 -5.59 -20.66
N ALA A 102 -24.77 -6.43 -21.19
CA ALA A 102 -24.07 -6.22 -22.46
C ALA A 102 -24.38 -7.44 -23.33
N VAL A 103 -25.13 -7.24 -24.40
CA VAL A 103 -25.66 -8.34 -25.19
C VAL A 103 -25.29 -8.14 -26.63
N THR A 104 -24.70 -9.19 -27.21
CA THR A 104 -24.49 -9.29 -28.66
C THR A 104 -23.57 -8.18 -29.14
N GLY A 105 -24.05 -7.21 -29.92
CA GLY A 105 -23.20 -6.09 -30.30
C GLY A 105 -22.61 -5.35 -29.11
N GLY A 106 -23.39 -5.29 -28.04
CA GLY A 106 -22.99 -4.61 -26.80
C GLY A 106 -21.95 -5.42 -26.07
N LEU A 107 -22.00 -6.75 -26.23
CA LEU A 107 -20.92 -7.61 -25.72
C LEU A 107 -19.66 -7.38 -26.53
N GLU A 108 -19.80 -7.21 -27.84
CA GLU A 108 -18.67 -6.83 -28.69
C GLU A 108 -18.03 -5.48 -28.30
N LEU A 109 -18.82 -4.45 -28.04
CA LEU A 109 -18.26 -3.19 -27.57
C LEU A 109 -17.41 -3.43 -26.32
N ALA A 110 -17.92 -4.22 -25.38
CA ALA A 110 -17.13 -4.50 -24.14
C ALA A 110 -15.81 -5.22 -24.43
N LEU A 111 -15.86 -6.15 -25.37
CA LEU A 111 -14.69 -6.96 -25.75
C LEU A 111 -13.60 -6.10 -26.40
N TYR A 112 -14.02 -5.02 -27.05
CA TYR A 112 -13.06 -4.07 -27.62
C TYR A 112 -12.31 -3.30 -26.53
N CYS A 113 -12.84 -3.21 -25.32
CA CYS A 113 -12.19 -2.35 -24.32
C CYS A 113 -10.88 -2.95 -23.86
N ASP A 114 -9.91 -2.09 -23.54
CA ASP A 114 -8.64 -2.56 -23.03
C ASP A 114 -8.84 -3.25 -21.69
N ILE A 115 -9.73 -2.70 -20.87
CA ILE A 115 -9.84 -3.01 -19.44
C ILE A 115 -11.33 -2.89 -19.07
N LEU A 116 -11.88 -3.91 -18.42
CA LEU A 116 -13.26 -3.85 -18.00
C LEU A 116 -13.35 -3.83 -16.50
N ILE A 117 -14.30 -3.05 -15.99
CA ILE A 117 -14.73 -3.14 -14.60
C ILE A 117 -16.24 -3.28 -14.59
N ALA A 118 -16.75 -4.16 -13.73
CA ALA A 118 -18.17 -4.47 -13.70
C ALA A 118 -18.87 -4.08 -12.42
N SER A 119 -20.09 -3.60 -12.58
CA SER A 119 -21.06 -3.59 -11.49
C SER A 119 -21.55 -5.00 -11.24
N GLU A 120 -21.96 -5.26 -10.01
CA GLU A 120 -22.57 -6.57 -9.66
C GLU A 120 -23.80 -6.77 -10.52
N ASN A 121 -24.34 -5.66 -11.00
CA ASN A 121 -25.39 -5.66 -12.02
C ASN A 121 -25.05 -6.11 -13.44
N ALA A 122 -23.77 -6.09 -13.80
CA ALA A 122 -23.36 -6.48 -15.15
C ALA A 122 -23.74 -7.92 -15.41
N ARG A 123 -24.05 -8.17 -16.66
CA ARG A 123 -24.15 -9.54 -17.15
C ARG A 123 -23.92 -9.50 -18.66
N PHE A 124 -23.59 -10.66 -19.21
CA PHE A 124 -23.08 -10.72 -20.57
C PHE A 124 -23.71 -11.89 -21.33
N ALA A 125 -24.03 -11.64 -22.61
CA ALA A 125 -24.72 -12.65 -23.42
C ALA A 125 -24.53 -12.47 -24.88
N ASP A 126 -24.45 -13.58 -25.60
CA ASP A 126 -24.41 -13.55 -27.07
C ASP A 126 -25.64 -14.21 -27.69
N THR A 127 -26.47 -13.42 -28.36
CA THR A 127 -27.74 -13.93 -28.93
C THR A 127 -27.67 -14.11 -30.44
N HIS A 128 -26.49 -13.95 -31.01
CA HIS A 128 -26.31 -14.10 -32.47
C HIS A 128 -26.98 -15.41 -32.95
N ALA A 129 -26.68 -16.56 -32.35
CA ALA A 129 -27.31 -17.81 -32.80
C ALA A 129 -28.81 -17.88 -32.49
N ARG A 130 -29.27 -17.21 -31.45
CA ARG A 130 -30.69 -17.20 -31.13
C ARG A 130 -31.50 -16.49 -32.22
N VAL A 131 -31.04 -15.31 -32.62
CA VAL A 131 -31.69 -14.59 -33.71
C VAL A 131 -31.24 -15.05 -35.11
N GLY A 132 -30.35 -16.05 -35.19
CA GLY A 132 -29.81 -16.48 -36.48
C GLY A 132 -29.00 -15.46 -37.26
N LEU A 133 -27.97 -14.91 -36.65
CA LEU A 133 -27.03 -14.05 -37.35
C LEU A 133 -25.63 -14.44 -36.90
N LEU A 134 -24.63 -14.12 -37.70
CA LEU A 134 -23.27 -14.35 -37.29
C LEU A 134 -22.66 -13.01 -36.99
N PRO A 135 -21.63 -12.97 -36.14
CA PRO A 135 -20.99 -11.74 -35.70
C PRO A 135 -19.93 -11.19 -36.66
N THR A 136 -19.78 -9.86 -36.68
CA THR A 136 -18.82 -9.17 -37.53
C THR A 136 -18.01 -8.10 -36.77
N TRP A 137 -18.22 -8.02 -35.45
CA TRP A 137 -17.45 -7.11 -34.60
C TRP A 137 -16.50 -7.86 -33.66
N GLY A 138 -16.01 -9.02 -34.09
CA GLY A 138 -14.96 -9.73 -33.37
C GLY A 138 -15.36 -10.62 -32.21
N LEU A 139 -16.63 -10.79 -31.94
CA LEU A 139 -17.03 -11.74 -30.90
C LEU A 139 -16.38 -13.13 -31.08
N SER A 140 -16.34 -13.64 -32.30
CA SER A 140 -15.91 -15.04 -32.50
C SER A 140 -14.43 -15.22 -32.21
N VAL A 141 -13.68 -14.12 -32.21
CA VAL A 141 -12.29 -14.15 -31.89
C VAL A 141 -12.05 -13.80 -30.42
N ARG A 142 -12.54 -12.62 -30.03
CA ARG A 142 -12.25 -12.07 -28.73
C ARG A 142 -13.01 -12.77 -27.58
N LEU A 143 -14.18 -13.35 -27.81
CA LEU A 143 -14.92 -13.95 -26.70
C LEU A 143 -14.16 -15.16 -26.14
N PRO A 144 -13.75 -16.10 -27.00
CA PRO A 144 -12.89 -17.16 -26.51
C PRO A 144 -11.57 -16.64 -25.89
N GLN A 145 -11.04 -15.58 -26.50
CA GLN A 145 -9.78 -14.97 -26.04
C GLN A 145 -9.91 -14.52 -24.61
N LYS A 146 -11.03 -13.89 -24.27
CA LYS A 146 -11.15 -13.24 -22.95
C LYS A 146 -12.00 -13.97 -21.89
N VAL A 147 -12.84 -14.95 -22.29
CA VAL A 147 -13.49 -15.85 -21.29
C VAL A 147 -13.13 -17.32 -21.36
N GLY A 148 -12.29 -17.73 -22.29
CA GLY A 148 -11.98 -19.15 -22.48
C GLY A 148 -12.84 -19.79 -23.56
N ILE A 149 -12.35 -20.84 -24.21
CA ILE A 149 -13.04 -21.46 -25.36
C ILE A 149 -14.41 -22.06 -24.98
N GLY A 150 -14.46 -22.87 -23.95
CA GLY A 150 -15.68 -23.62 -23.62
C GLY A 150 -16.81 -22.72 -23.15
N LEU A 151 -16.48 -21.74 -22.33
CA LEU A 151 -17.44 -20.76 -21.90
C LEU A 151 -17.94 -19.93 -23.08
N ALA A 152 -17.06 -19.57 -24.00
CA ALA A 152 -17.48 -18.79 -25.18
C ALA A 152 -18.44 -19.61 -26.03
N ARG A 153 -18.12 -20.89 -26.21
CA ARG A 153 -18.95 -21.72 -27.03
C ARG A 153 -20.29 -21.95 -26.37
N ARG A 154 -20.30 -22.11 -25.03
CA ARG A 154 -21.55 -22.31 -24.32
C ARG A 154 -22.36 -21.03 -24.36
N MET A 155 -21.68 -19.90 -24.22
CA MET A 155 -22.40 -18.63 -24.27
C MET A 155 -23.05 -18.47 -25.64
N SER A 156 -22.24 -18.57 -26.70
CA SER A 156 -22.78 -18.29 -28.03
C SER A 156 -23.86 -19.28 -28.41
N LEU A 157 -23.76 -20.52 -27.97
CA LEU A 157 -24.67 -21.53 -28.51
C LEU A 157 -25.96 -21.65 -27.71
N THR A 158 -25.94 -21.33 -26.44
CA THR A 158 -27.17 -21.30 -25.63
C THR A 158 -27.81 -19.91 -25.60
N GLY A 159 -27.04 -18.87 -25.76
CA GLY A 159 -27.61 -17.57 -25.54
C GLY A 159 -27.80 -17.19 -24.08
N ASP A 160 -27.40 -18.02 -23.13
CA ASP A 160 -27.58 -17.71 -21.70
C ASP A 160 -26.69 -16.57 -21.17
N TYR A 161 -27.10 -15.97 -20.05
CA TYR A 161 -26.40 -14.86 -19.43
C TYR A 161 -25.25 -15.35 -18.55
N LEU A 162 -24.12 -14.65 -18.64
CA LEU A 162 -23.01 -14.81 -17.74
C LEU A 162 -23.06 -13.68 -16.71
N SER A 163 -23.09 -14.09 -15.45
CA SER A 163 -23.19 -13.16 -14.32
C SER A 163 -21.83 -12.44 -14.15
N ALA A 164 -21.85 -11.37 -13.38
CA ALA A 164 -20.65 -10.60 -13.08
C ALA A 164 -19.64 -11.45 -12.32
N ALA A 165 -20.14 -12.20 -11.36
CA ALA A 165 -19.29 -13.10 -10.57
C ALA A 165 -18.53 -14.11 -11.47
N ASP A 166 -19.19 -14.62 -12.49
CA ASP A 166 -18.60 -15.64 -13.35
C ASP A 166 -17.68 -14.99 -14.35
N ALA A 167 -17.98 -13.76 -14.77
CA ALA A 167 -17.08 -13.05 -15.66
C ALA A 167 -15.77 -12.78 -14.98
N LEU A 168 -15.81 -12.41 -13.70
CA LEU A 168 -14.58 -12.23 -12.91
C LEU A 168 -13.81 -13.55 -12.80
N ARG A 169 -14.52 -14.63 -12.53
CA ARG A 169 -13.87 -15.91 -12.40
C ARG A 169 -13.14 -16.31 -13.69
N ALA A 170 -13.82 -16.08 -14.81
CA ALA A 170 -13.32 -16.33 -16.16
C ALA A 170 -12.25 -15.34 -16.69
N GLY A 171 -12.08 -14.18 -16.08
CA GLY A 171 -11.09 -13.22 -16.59
C GLY A 171 -11.61 -12.22 -17.61
N LEU A 172 -12.92 -12.23 -17.88
CA LEU A 172 -13.53 -11.23 -18.76
C LEU A 172 -13.52 -9.80 -18.20
N VAL A 173 -13.62 -9.65 -16.88
CA VAL A 173 -13.47 -8.34 -16.26
C VAL A 173 -12.39 -8.40 -15.19
N THR A 174 -11.86 -7.25 -14.81
CA THR A 174 -10.75 -7.20 -13.86
C THR A 174 -11.24 -7.04 -12.45
N GLU A 175 -12.49 -6.62 -12.28
CA GLU A 175 -12.99 -6.23 -10.99
C GLU A 175 -14.51 -6.15 -11.01
N VAL A 176 -15.17 -6.64 -9.97
CA VAL A 176 -16.61 -6.44 -9.76
C VAL A 176 -16.81 -5.61 -8.49
N VAL A 177 -17.60 -4.53 -8.58
CA VAL A 177 -17.87 -3.66 -7.42
C VAL A 177 -19.36 -3.43 -7.22
N PRO A 178 -19.75 -2.89 -6.08
CA PRO A 178 -21.15 -2.61 -5.91
C PRO A 178 -21.58 -1.51 -6.86
N HIS A 179 -22.81 -1.61 -7.32
CA HIS A 179 -23.30 -0.75 -8.38
C HIS A 179 -22.94 0.71 -8.21
N ASP A 180 -23.13 1.27 -7.02
CA ASP A 180 -22.91 2.72 -6.83
C ASP A 180 -21.44 3.12 -6.73
N GLN A 181 -20.53 2.15 -6.77
CA GLN A 181 -19.10 2.43 -6.83
C GLN A 181 -18.53 2.32 -8.26
N LEU A 182 -19.36 1.95 -9.24
CA LEU A 182 -18.84 1.57 -10.56
C LEU A 182 -17.95 2.65 -11.18
N LEU A 183 -18.46 3.88 -11.30
CA LEU A 183 -17.69 4.91 -11.94
C LEU A 183 -16.48 5.32 -11.09
N GLY A 184 -16.66 5.36 -9.77
CA GLY A 184 -15.56 5.57 -8.84
C GLY A 184 -14.39 4.64 -9.12
N ALA A 185 -14.68 3.39 -9.44
CA ALA A 185 -13.64 2.39 -9.60
C ALA A 185 -12.94 2.57 -10.98
N ALA A 186 -13.71 2.95 -11.99
CA ALA A 186 -13.16 3.23 -13.31
C ALA A 186 -12.26 4.49 -13.31
N GLN A 187 -12.73 5.55 -12.64
CA GLN A 187 -11.94 6.79 -12.49
C GLN A 187 -10.67 6.61 -11.65
N ALA A 188 -10.64 5.60 -10.77
CA ALA A 188 -9.45 5.35 -9.94
C ALA A 188 -8.33 4.72 -10.78
N VAL A 189 -8.70 3.74 -11.59
CA VAL A 189 -7.80 3.20 -12.59
C VAL A 189 -7.38 4.32 -13.59
N ALA A 190 -8.33 5.15 -14.00
CA ALA A 190 -8.05 6.26 -14.91
C ALA A 190 -6.96 7.17 -14.32
N ALA A 191 -7.16 7.53 -13.05
CA ALA A 191 -6.23 8.45 -12.32
C ALA A 191 -4.83 7.89 -12.29
N SER A 192 -4.71 6.62 -11.97
CA SER A 192 -3.38 6.00 -11.94
C SER A 192 -2.76 6.05 -13.32
N ILE A 193 -3.50 5.71 -14.36
CA ILE A 193 -2.91 5.74 -15.69
C ILE A 193 -2.45 7.18 -15.99
N VAL A 194 -3.31 8.16 -15.73
CA VAL A 194 -3.01 9.55 -15.99
C VAL A 194 -1.75 10.01 -15.23
N GLY A 195 -1.52 9.43 -14.05
CA GLY A 195 -0.33 9.79 -13.26
C GLY A 195 0.97 9.28 -13.82
N ASN A 196 0.92 8.30 -14.72
CA ASN A 196 2.15 7.73 -15.27
C ASN A 196 2.65 8.51 -16.47
N ASN A 197 3.79 8.11 -17.03
CA ASN A 197 4.44 8.79 -18.16
C ASN A 197 3.65 8.48 -19.42
N GLN A 198 2.99 9.48 -19.99
CA GLN A 198 2.02 9.24 -21.04
C GLN A 198 2.64 8.81 -22.37
N ASN A 199 3.86 9.26 -22.68
CA ASN A 199 4.56 8.75 -23.87
C ASN A 199 4.76 7.23 -23.70
N ALA A 200 5.11 6.80 -22.49
CA ALA A 200 5.35 5.39 -22.21
C ALA A 200 4.01 4.65 -22.21
N VAL A 201 2.99 5.25 -21.58
CA VAL A 201 1.70 4.61 -21.55
C VAL A 201 1.26 4.29 -23.00
N ARG A 202 1.42 5.28 -23.88
CA ARG A 202 0.95 5.13 -25.29
C ARG A 202 1.86 4.23 -26.12
N ALA A 203 3.17 4.33 -25.93
CA ALA A 203 4.05 3.50 -26.75
C ALA A 203 3.82 2.01 -26.38
N LEU A 204 3.52 1.74 -25.10
CA LEU A 204 3.31 0.38 -24.64
C LEU A 204 1.96 -0.13 -25.07
N LEU A 205 0.91 0.69 -24.87
CA LEU A 205 -0.42 0.28 -25.30
C LEU A 205 -0.42 -0.02 -26.80
N ALA A 206 0.23 0.86 -27.59
CA ALA A 206 0.31 0.66 -29.03
C ALA A 206 0.97 -0.68 -29.30
N SER A 207 2.04 -0.98 -28.58
CA SER A 207 2.75 -2.23 -28.81
C SER A 207 1.84 -3.37 -28.42
N TYR A 208 1.19 -3.23 -27.28
CA TYR A 208 0.27 -4.27 -26.84
C TYR A 208 -0.73 -4.51 -27.95
N HIS A 209 -1.23 -3.45 -28.58
CA HIS A 209 -2.25 -3.57 -29.64
C HIS A 209 -1.70 -4.26 -30.90
N ARG A 210 -0.45 -3.98 -31.26
CA ARG A 210 0.19 -4.65 -32.43
C ARG A 210 0.41 -6.15 -32.21
N ILE A 211 0.86 -6.48 -31.01
CA ILE A 211 1.07 -7.86 -30.63
C ILE A 211 -0.27 -8.64 -30.68
N ASP A 212 -1.31 -8.10 -30.05
CA ASP A 212 -2.63 -8.73 -30.10
C ASP A 212 -3.16 -8.83 -31.50
N ASP A 213 -3.06 -7.72 -32.23
CA ASP A 213 -3.59 -7.70 -33.60
C ASP A 213 -2.92 -8.80 -34.48
N ALA A 214 -1.62 -9.03 -34.28
CA ALA A 214 -0.92 -10.04 -35.05
C ALA A 214 -1.55 -11.44 -34.84
N GLN A 215 -2.18 -11.63 -33.69
CA GLN A 215 -2.84 -12.89 -33.37
C GLN A 215 -4.30 -12.97 -33.84
N THR A 216 -5.02 -11.86 -33.76
CA THR A 216 -6.45 -11.82 -34.02
C THR A 216 -6.76 -11.68 -35.52
N SER A 217 -5.84 -11.12 -36.28
CA SER A 217 -6.13 -10.75 -37.67
C SER A 217 -6.61 -11.90 -38.53
N ALA A 218 -5.94 -13.05 -38.49
CA ALA A 218 -6.40 -14.22 -39.27
C ALA A 218 -7.78 -14.62 -38.79
N GLY A 219 -8.05 -14.54 -37.51
CA GLY A 219 -9.39 -14.88 -37.04
C GLY A 219 -10.50 -13.89 -37.46
N LEU A 220 -10.20 -12.60 -37.40
CA LEU A 220 -11.15 -11.58 -37.81
C LEU A 220 -11.48 -11.72 -39.30
N TRP A 221 -10.47 -11.95 -40.16
CA TRP A 221 -10.77 -12.23 -41.57
C TRP A 221 -11.72 -13.45 -41.74
N GLN A 222 -11.44 -14.53 -41.04
CA GLN A 222 -12.28 -15.72 -41.11
C GLN A 222 -13.68 -15.46 -40.53
N GLU A 223 -13.77 -14.69 -39.44
CA GLU A 223 -15.06 -14.24 -38.95
C GLU A 223 -15.83 -13.52 -40.05
N ALA A 224 -15.16 -12.59 -40.75
CA ALA A 224 -15.83 -11.81 -41.81
C ALA A 224 -16.26 -12.71 -42.94
N MET A 225 -15.37 -13.60 -43.40
CA MET A 225 -15.74 -14.53 -44.50
C MET A 225 -16.91 -15.44 -44.11
N ALA A 226 -16.91 -15.93 -42.88
CA ALA A 226 -18.04 -16.75 -42.40
C ALA A 226 -19.37 -15.98 -42.46
N ALA A 227 -19.34 -14.70 -42.10
CA ALA A 227 -20.52 -13.88 -42.07
C ALA A 227 -20.98 -13.61 -43.50
N ARG A 228 -20.06 -13.40 -44.44
CA ARG A 228 -20.42 -13.24 -45.85
C ARG A 228 -21.04 -14.52 -46.38
N GLN A 229 -20.51 -15.69 -46.00
CA GLN A 229 -20.99 -16.95 -46.58
C GLN A 229 -22.39 -17.27 -46.05
N PHE A 230 -22.62 -16.93 -44.79
CA PHE A 230 -23.91 -17.16 -44.13
C PHE A 230 -25.02 -16.26 -44.69
N ARG A 231 -24.71 -14.98 -44.91
CA ARG A 231 -25.63 -14.07 -45.62
C ARG A 231 -25.95 -14.56 -47.03
N THR A 232 -24.95 -15.05 -47.76
CA THR A 232 -25.15 -15.46 -49.16
C THR A 232 -25.96 -16.74 -49.34
N SER A 233 -25.92 -17.66 -48.37
CA SER A 233 -26.71 -18.90 -48.46
C SER A 233 -28.16 -18.69 -47.97
N GLY A 234 -28.37 -17.62 -47.18
CA GLY A 234 -29.72 -17.12 -46.82
C GLY A 234 -30.36 -16.23 -47.89
N ASP A 235 -29.54 -15.65 -48.77
CA ASP A 235 -30.01 -15.07 -50.04
C ASP A 235 -30.31 -16.19 -51.08
N ASP A 236 -30.35 -17.44 -50.63
CA ASP A 236 -30.96 -18.55 -51.38
C ASP A 236 -32.15 -19.17 -50.61
N ILE A 237 -32.64 -18.48 -49.58
CA ILE A 237 -33.75 -18.95 -48.74
C ILE A 237 -34.75 -17.83 -48.46
N GLU B 8 -15.58 25.81 -10.33
CA GLU B 8 -15.84 24.39 -9.88
C GLU B 8 -14.66 23.71 -9.15
N ILE B 9 -13.43 24.11 -9.45
CA ILE B 9 -12.23 23.44 -8.86
C ILE B 9 -12.07 23.63 -7.34
N LEU B 10 -12.71 24.67 -6.79
CA LEU B 10 -12.84 24.87 -5.34
C LEU B 10 -14.30 25.13 -4.98
N LEU B 11 -14.88 24.31 -4.12
CA LEU B 11 -16.22 24.58 -3.61
C LEU B 11 -16.12 25.43 -2.32
N SER B 12 -17.17 26.22 -2.14
CA SER B 12 -17.28 27.09 -0.97
C SER B 12 -18.76 27.14 -0.52
N ASN B 13 -18.99 26.87 0.77
CA ASN B 13 -20.32 26.98 1.39
C ASN B 13 -20.19 27.57 2.78
N THR B 14 -21.15 28.40 3.17
CA THR B 14 -21.16 29.05 4.47
C THR B 14 -22.46 28.69 5.20
N GLU B 15 -22.32 28.12 6.39
CA GLU B 15 -23.46 27.70 7.21
C GLU B 15 -23.19 28.02 8.68
N GLU B 16 -24.11 28.76 9.31
CA GLU B 16 -23.96 29.19 10.70
C GLU B 16 -22.51 29.60 11.08
N ARG B 17 -22.02 30.57 10.31
CA ARG B 17 -20.75 31.24 10.50
C ARG B 17 -19.52 30.35 10.29
N VAL B 18 -19.71 29.20 9.63
CA VAL B 18 -18.62 28.28 9.28
C VAL B 18 -18.50 28.16 7.80
N ARG B 19 -17.33 28.49 7.26
CA ARG B 19 -17.09 28.39 5.83
C ARG B 19 -16.24 27.15 5.55
N THR B 20 -16.81 26.20 4.79
CA THR B 20 -16.09 25.00 4.34
C THR B 20 -15.58 25.21 2.93
N LEU B 21 -14.30 24.91 2.73
CA LEU B 21 -13.62 25.08 1.45
C LEU B 21 -13.19 23.71 0.99
N THR B 22 -13.75 23.24 -0.13
CA THR B 22 -13.51 21.88 -0.62
C THR B 22 -12.64 21.87 -1.87
N LEU B 23 -11.46 21.31 -1.78
CA LEU B 23 -10.57 21.14 -2.92
C LEU B 23 -11.27 20.17 -3.85
N ASN B 24 -11.60 20.60 -5.07
CA ASN B 24 -12.51 19.88 -5.91
C ASN B 24 -11.99 19.58 -7.29
N ARG B 25 -10.86 18.86 -7.34
CA ARG B 25 -10.39 18.23 -8.58
C ARG B 25 -10.19 16.74 -8.33
N PRO B 26 -11.26 16.04 -7.96
CA PRO B 26 -11.13 14.65 -7.56
C PRO B 26 -10.45 13.76 -8.59
N GLN B 27 -10.74 13.97 -9.87
CA GLN B 27 -10.20 13.07 -10.87
C GLN B 27 -8.68 13.26 -10.99
N ALA B 28 -8.18 14.42 -10.55
CA ALA B 28 -6.72 14.63 -10.41
C ALA B 28 -6.25 14.51 -8.97
N ARG B 29 -7.09 13.97 -8.10
CA ARG B 29 -6.79 13.85 -6.67
C ARG B 29 -6.46 15.19 -5.97
N ASN B 30 -7.19 16.24 -6.35
CA ASN B 30 -7.07 17.55 -5.71
C ASN B 30 -5.65 18.10 -5.73
N ALA B 31 -4.87 17.69 -6.74
CA ALA B 31 -3.57 18.27 -6.98
C ALA B 31 -3.69 19.78 -7.16
N LEU B 32 -2.79 20.50 -6.49
CA LEU B 32 -2.80 21.96 -6.53
C LEU B 32 -2.23 22.59 -7.83
N SER B 33 -3.08 22.84 -8.81
CA SER B 33 -2.68 23.58 -10.01
C SER B 33 -2.45 25.02 -9.62
N ALA B 34 -1.84 25.81 -10.50
CA ALA B 34 -1.74 27.29 -10.31
C ALA B 34 -3.12 27.84 -10.01
N ALA B 35 -4.08 27.42 -10.81
CA ALA B 35 -5.44 27.91 -10.70
C ALA B 35 -6.02 27.53 -9.35
N LEU B 36 -5.84 26.28 -8.91
CA LEU B 36 -6.40 25.93 -7.59
C LEU B 36 -5.71 26.69 -6.45
N ARG B 37 -4.40 26.94 -6.56
CA ARG B 37 -3.68 27.67 -5.50
C ARG B 37 -4.23 29.08 -5.37
N ASP B 38 -4.41 29.74 -6.50
CA ASP B 38 -4.98 31.07 -6.49
C ASP B 38 -6.38 31.09 -5.84
N ARG B 39 -7.26 30.20 -6.24
CA ARG B 39 -8.60 30.17 -5.64
C ARG B 39 -8.54 29.83 -4.16
N PHE B 40 -7.71 28.86 -3.79
CA PHE B 40 -7.70 28.42 -2.42
C PHE B 40 -7.15 29.51 -1.51
N PHE B 41 -5.93 29.96 -1.79
CA PHE B 41 -5.31 30.98 -0.96
C PHE B 41 -6.12 32.25 -1.01
N GLY B 42 -6.76 32.51 -2.14
CA GLY B 42 -7.63 33.70 -2.24
C GLY B 42 -8.86 33.50 -1.36
N ALA B 43 -9.40 32.29 -1.38
CA ALA B 43 -10.56 32.00 -0.57
C ALA B 43 -10.26 32.14 0.92
N LEU B 44 -9.06 31.78 1.34
CA LEU B 44 -8.70 31.95 2.76
C LEU B 44 -8.58 33.46 3.12
N ALA B 45 -8.08 34.26 2.20
CA ALA B 45 -7.92 35.70 2.40
C ALA B 45 -9.28 36.33 2.63
N ASP B 46 -10.24 36.05 1.76
CA ASP B 46 -11.58 36.60 1.89
C ASP B 46 -12.24 36.19 3.21
N ALA B 47 -12.14 34.91 3.55
CA ALA B 47 -12.69 34.40 4.80
C ALA B 47 -12.33 35.33 5.93
N GLU B 48 -11.06 35.71 6.04
CA GLU B 48 -10.57 36.51 7.18
C GLU B 48 -11.37 37.81 7.28
N THR B 49 -11.69 38.43 6.13
CA THR B 49 -12.37 39.75 6.12
C THR B 49 -13.90 39.68 6.01
N ASP B 50 -14.44 38.48 5.79
CA ASP B 50 -15.89 38.25 5.71
C ASP B 50 -16.50 38.16 7.11
N ASP B 51 -17.33 39.15 7.46
CA ASP B 51 -17.92 39.20 8.79
C ASP B 51 -18.96 38.14 9.00
N ASP B 52 -19.35 37.43 7.94
CA ASP B 52 -20.28 36.31 8.07
C ASP B 52 -19.58 35.03 8.55
N VAL B 53 -18.25 35.04 8.61
CA VAL B 53 -17.43 33.86 8.96
C VAL B 53 -16.59 33.97 10.24
N ASP B 54 -16.75 33.00 11.15
CA ASP B 54 -15.96 32.91 12.39
C ASP B 54 -14.90 31.81 12.29
N VAL B 55 -15.15 30.80 11.46
CA VAL B 55 -14.31 29.61 11.41
C VAL B 55 -14.24 29.00 10.00
N VAL B 56 -13.09 28.46 9.59
CA VAL B 56 -12.98 27.82 8.29
C VAL B 56 -12.69 26.33 8.44
N ILE B 57 -13.36 25.51 7.65
CA ILE B 57 -13.02 24.10 7.53
C ILE B 57 -12.46 23.87 6.10
N ILE B 58 -11.30 23.23 5.98
CA ILE B 58 -10.83 22.87 4.65
C ILE B 58 -10.87 21.35 4.48
N THR B 59 -11.17 20.90 3.27
CA THR B 59 -11.28 19.46 3.03
C THR B 59 -11.17 19.19 1.51
N GLY B 60 -11.17 17.93 1.10
CA GLY B 60 -11.07 17.58 -0.32
C GLY B 60 -12.15 16.63 -0.78
N ALA B 61 -12.45 16.69 -2.08
CA ALA B 61 -13.39 15.75 -2.67
C ALA B 61 -12.74 14.37 -2.63
N ASP B 62 -13.50 13.35 -2.28
CA ASP B 62 -12.97 12.00 -2.15
C ASP B 62 -12.39 11.56 -3.48
N PRO B 63 -11.47 10.57 -3.47
CA PRO B 63 -11.01 9.81 -2.30
C PRO B 63 -9.74 10.34 -1.63
N VAL B 64 -9.11 11.34 -2.22
CA VAL B 64 -7.83 11.89 -1.71
C VAL B 64 -8.05 13.28 -1.14
N PHE B 65 -7.30 13.65 -0.11
CA PHE B 65 -7.40 15.01 0.39
C PHE B 65 -6.65 15.98 -0.50
N CYS B 66 -5.34 15.78 -0.62
CA CYS B 66 -4.53 16.55 -1.56
C CYS B 66 -3.27 15.79 -1.91
N ALA B 67 -3.09 15.49 -3.19
CA ALA B 67 -1.91 14.76 -3.67
C ALA B 67 -0.63 15.58 -3.72
N GLY B 68 -0.72 16.88 -3.44
CA GLY B 68 0.42 17.81 -3.63
C GLY B 68 0.32 18.78 -4.82
N LEU B 69 1.39 19.50 -5.09
CA LEU B 69 1.41 20.47 -6.21
C LEU B 69 1.26 19.79 -7.57
N ASP B 70 0.61 20.46 -8.53
CA ASP B 70 0.46 19.84 -9.84
C ASP B 70 1.82 19.77 -10.51
N LEU B 71 2.39 18.56 -10.44
CA LEU B 71 3.75 18.29 -10.85
C LEU B 71 3.82 18.26 -12.37
N LYS B 72 2.83 17.62 -12.99
CA LYS B 72 2.71 17.58 -14.46
C LYS B 72 2.78 19.01 -15.03
N GLU B 73 1.84 19.86 -14.60
CA GLU B 73 1.78 21.27 -14.99
C GLU B 73 3.18 21.96 -14.93
N LEU B 74 3.87 21.80 -13.79
CA LEU B 74 5.22 22.34 -13.63
C LEU B 74 6.22 21.46 -14.38
N ILE B 83 8.52 27.20 -5.61
CA ILE B 83 7.10 27.48 -5.36
C ILE B 83 6.93 28.23 -4.02
N SER B 84 6.59 29.52 -4.07
CA SER B 84 6.53 30.41 -2.87
C SER B 84 5.36 30.11 -1.95
N PRO B 85 5.54 30.36 -0.62
CA PRO B 85 4.48 30.19 0.37
C PRO B 85 3.44 31.29 0.29
N ARG B 86 2.20 30.93 0.59
CA ARG B 86 1.08 31.83 0.37
C ARG B 86 0.01 31.74 1.43
N TRP B 87 0.17 30.87 2.41
CA TRP B 87 -0.86 30.76 3.41
C TRP B 87 -0.89 32.07 4.17
N PRO B 88 -2.01 32.81 4.09
CA PRO B 88 -2.09 34.18 4.66
C PRO B 88 -2.16 34.27 6.19
N ALA B 89 -1.99 35.50 6.69
CA ALA B 89 -2.03 35.76 8.12
C ALA B 89 -3.49 35.73 8.44
N LEU B 90 -3.91 34.83 9.33
CA LEU B 90 -5.33 34.69 9.65
C LEU B 90 -5.50 34.77 11.13
N THR B 91 -6.63 35.31 11.56
CA THR B 91 -7.02 35.28 12.96
C THR B 91 -8.16 34.31 13.20
N LYS B 92 -8.84 33.82 12.18
CA LYS B 92 -9.95 32.85 12.39
C LYS B 92 -9.39 31.45 12.28
N PRO B 93 -9.88 30.53 13.12
CA PRO B 93 -9.32 29.20 13.12
C PRO B 93 -9.65 28.41 11.86
N VAL B 94 -8.70 27.57 11.45
CA VAL B 94 -8.84 26.73 10.30
C VAL B 94 -8.71 25.29 10.76
N ILE B 95 -9.80 24.54 10.57
CA ILE B 95 -9.83 23.11 10.84
C ILE B 95 -9.60 22.35 9.53
N GLY B 96 -8.63 21.45 9.47
CA GLY B 96 -8.50 20.58 8.30
C GLY B 96 -9.30 19.30 8.53
N ALA B 97 -10.20 18.98 7.61
CA ALA B 97 -10.90 17.68 7.66
C ALA B 97 -10.25 16.77 6.63
N ILE B 98 -9.30 15.96 7.10
CA ILE B 98 -8.46 15.23 6.17
C ILE B 98 -9.18 13.95 5.78
N ASN B 99 -9.75 13.94 4.57
CA ASN B 99 -10.63 12.86 4.11
C ASN B 99 -9.92 11.70 3.43
N GLY B 100 -8.60 11.80 3.26
CA GLY B 100 -7.84 10.82 2.48
C GLY B 100 -6.38 11.21 2.44
N ALA B 101 -5.68 10.81 1.37
CA ALA B 101 -4.24 11.01 1.32
C ALA B 101 -3.85 12.50 1.33
N ALA B 102 -2.81 12.82 2.08
CA ALA B 102 -2.27 14.15 2.16
C ALA B 102 -0.79 14.02 1.91
N VAL B 103 -0.32 14.42 0.74
CA VAL B 103 1.02 14.06 0.26
C VAL B 103 1.87 15.30 -0.11
N THR B 104 3.03 15.42 0.55
CA THR B 104 4.03 16.39 0.18
C THR B 104 3.47 17.79 0.37
N GLY B 105 3.19 18.52 -0.71
CA GLY B 105 2.54 19.83 -0.59
C GLY B 105 1.18 19.75 0.06
N GLY B 106 0.52 18.61 -0.11
CA GLY B 106 -0.80 18.42 0.46
C GLY B 106 -0.72 18.23 1.95
N LEU B 107 0.39 17.64 2.42
CA LEU B 107 0.62 17.42 3.85
C LEU B 107 0.94 18.74 4.50
N GLU B 108 1.62 19.58 3.72
CA GLU B 108 1.89 20.95 4.14
C GLU B 108 0.63 21.76 4.37
N LEU B 109 -0.34 21.69 3.45
CA LEU B 109 -1.64 22.28 3.76
C LEU B 109 -2.16 21.78 5.10
N ALA B 110 -2.16 20.47 5.34
CA ALA B 110 -2.60 19.90 6.62
C ALA B 110 -1.85 20.55 7.80
N LEU B 111 -0.54 20.69 7.65
CA LEU B 111 0.33 21.27 8.69
C LEU B 111 0.03 22.75 8.97
N TYR B 112 -0.49 23.51 7.99
CA TYR B 112 -0.83 24.92 8.25
C TYR B 112 -2.05 25.12 9.13
N CYS B 113 -2.97 24.15 9.10
CA CYS B 113 -4.24 24.20 9.85
C CYS B 113 -4.01 24.25 11.34
N ASP B 114 -4.89 24.95 12.07
CA ASP B 114 -4.76 25.03 13.53
C ASP B 114 -5.09 23.69 14.18
N ILE B 115 -6.09 23.03 13.62
CA ILE B 115 -6.67 21.80 14.18
C ILE B 115 -6.99 20.82 13.03
N LEU B 116 -6.58 19.55 13.19
CA LEU B 116 -6.91 18.52 12.23
C LEU B 116 -7.75 17.41 12.85
N ILE B 117 -8.76 16.99 12.08
CA ILE B 117 -9.55 15.79 12.33
C ILE B 117 -9.42 14.87 11.13
N ALA B 118 -9.26 13.59 11.34
CA ALA B 118 -8.99 12.64 10.27
C ALA B 118 -10.09 11.59 10.06
N SER B 119 -10.34 11.27 8.79
CA SER B 119 -11.05 10.06 8.42
C SER B 119 -10.11 8.92 8.66
N GLU B 120 -10.65 7.73 8.93
CA GLU B 120 -9.88 6.48 9.00
C GLU B 120 -9.15 6.26 7.70
N ASN B 121 -9.74 6.81 6.64
CA ASN B 121 -9.17 6.82 5.29
C ASN B 121 -7.98 7.78 5.10
N ALA B 122 -7.78 8.71 6.03
CA ALA B 122 -6.68 9.67 5.97
C ALA B 122 -5.36 8.93 6.02
N ARG B 123 -4.37 9.48 5.30
CA ARG B 123 -2.99 9.07 5.51
C ARG B 123 -2.05 10.19 5.05
N PHE B 124 -0.82 10.16 5.51
CA PHE B 124 0.07 11.27 5.32
C PHE B 124 1.42 10.83 4.80
N ALA B 125 1.95 11.57 3.82
CA ALA B 125 3.33 11.31 3.37
C ALA B 125 4.02 12.55 2.80
N ASP B 126 5.34 12.52 2.92
CA ASP B 126 6.27 13.48 2.32
C ASP B 126 7.15 12.77 1.28
N THR B 127 6.97 13.10 0.00
CA THR B 127 7.77 12.47 -1.10
C THR B 127 8.78 13.42 -1.74
N HIS B 128 9.09 14.54 -1.04
CA HIS B 128 10.11 15.49 -1.51
C HIS B 128 11.42 14.82 -1.85
N ALA B 129 11.92 13.97 -0.96
CA ALA B 129 13.20 13.29 -1.20
C ALA B 129 13.10 12.19 -2.26
N ARG B 130 11.91 11.65 -2.46
CA ARG B 130 11.69 10.67 -3.51
C ARG B 130 11.68 11.34 -4.90
N VAL B 131 11.06 12.51 -5.00
CA VAL B 131 10.98 13.18 -6.30
C VAL B 131 12.15 14.14 -6.58
N GLY B 132 13.11 14.26 -5.66
CA GLY B 132 14.28 15.13 -5.85
C GLY B 132 13.99 16.62 -5.73
N LEU B 133 13.17 17.00 -4.75
CA LEU B 133 12.84 18.38 -4.45
C LEU B 133 12.94 18.66 -2.97
N LEU B 134 13.02 19.92 -2.58
CA LEU B 134 12.98 20.30 -1.15
C LEU B 134 11.75 21.16 -0.82
N PRO B 135 11.25 21.03 0.42
CA PRO B 135 10.05 21.75 0.81
C PRO B 135 10.24 23.28 0.93
N THR B 136 9.21 24.03 0.56
CA THR B 136 9.17 25.49 0.72
C THR B 136 7.88 25.99 1.38
N TRP B 137 7.02 25.07 1.83
CA TRP B 137 5.74 25.42 2.50
C TRP B 137 5.70 24.99 4.00
N GLY B 138 6.86 24.97 4.62
CA GLY B 138 6.93 24.73 6.05
C GLY B 138 7.10 23.31 6.51
N LEU B 139 7.14 22.36 5.60
CA LEU B 139 7.24 20.95 5.99
C LEU B 139 8.38 20.69 6.92
N SER B 140 9.55 21.22 6.62
CA SER B 140 10.73 20.85 7.38
C SER B 140 10.76 21.44 8.78
N VAL B 141 9.92 22.43 9.05
CA VAL B 141 9.73 22.98 10.40
C VAL B 141 8.50 22.37 11.08
N ARG B 142 7.38 22.30 10.39
CA ARG B 142 6.14 21.96 11.06
C ARG B 142 5.93 20.48 11.26
N LEU B 143 6.48 19.65 10.38
CA LEU B 143 6.36 18.19 10.55
C LEU B 143 7.08 17.70 11.80
N PRO B 144 8.33 18.09 12.01
CA PRO B 144 8.90 17.64 13.32
C PRO B 144 8.19 18.26 14.51
N GLN B 145 7.70 19.48 14.34
CA GLN B 145 6.94 20.16 15.38
C GLN B 145 5.68 19.38 15.79
N LYS B 146 5.03 18.72 14.84
CA LYS B 146 3.71 18.15 15.10
C LYS B 146 3.67 16.63 15.06
N VAL B 147 4.77 15.95 14.67
CA VAL B 147 4.85 14.47 14.83
C VAL B 147 6.06 13.97 15.62
N GLY B 148 6.96 14.88 15.97
CA GLY B 148 8.23 14.57 16.63
C GLY B 148 9.32 14.44 15.58
N ILE B 149 10.56 14.52 16.03
CA ILE B 149 11.72 14.57 15.16
C ILE B 149 11.93 13.25 14.41
N GLY B 150 11.94 12.17 15.18
CA GLY B 150 12.23 10.84 14.65
C GLY B 150 11.22 10.43 13.59
N LEU B 151 9.95 10.57 13.94
CA LEU B 151 8.92 10.24 12.99
C LEU B 151 8.97 11.16 11.74
N ALA B 152 9.26 12.44 11.93
CA ALA B 152 9.33 13.38 10.79
C ALA B 152 10.44 13.01 9.80
N ARG B 153 11.60 12.65 10.35
CA ARG B 153 12.74 12.23 9.55
C ARG B 153 12.52 10.86 8.93
N ARG B 154 11.89 9.94 9.67
CA ARG B 154 11.47 8.68 9.06
C ARG B 154 10.55 8.92 7.87
N MET B 155 9.56 9.77 8.06
CA MET B 155 8.62 10.07 6.96
C MET B 155 9.31 10.70 5.74
N SER B 156 10.10 11.73 5.98
CA SER B 156 10.71 12.47 4.88
C SER B 156 11.73 11.65 4.12
N LEU B 157 12.55 10.91 4.87
CA LEU B 157 13.63 10.18 4.23
C LEU B 157 13.18 8.87 3.56
N THR B 158 12.04 8.32 3.96
CA THR B 158 11.58 7.04 3.38
C THR B 158 10.52 7.26 2.35
N GLY B 159 9.70 8.28 2.57
CA GLY B 159 8.53 8.53 1.73
C GLY B 159 7.32 7.70 2.10
N ASP B 160 7.40 6.93 3.20
CA ASP B 160 6.32 6.00 3.59
C ASP B 160 5.07 6.70 4.15
N TYR B 161 3.91 6.11 3.90
CA TYR B 161 2.67 6.66 4.42
C TYR B 161 2.66 6.50 5.92
N LEU B 162 2.03 7.47 6.59
CA LEU B 162 1.68 7.37 8.00
C LEU B 162 0.16 7.24 8.04
N SER B 163 -0.31 6.23 8.75
CA SER B 163 -1.73 5.99 8.86
C SER B 163 -2.42 6.97 9.82
N ALA B 164 -3.75 6.95 9.73
CA ALA B 164 -4.65 7.76 10.54
C ALA B 164 -4.41 7.47 12.00
N ALA B 165 -4.45 6.19 12.37
CA ALA B 165 -4.17 5.74 13.75
C ALA B 165 -2.80 6.23 14.28
N ASP B 166 -1.77 6.10 13.45
CA ASP B 166 -0.44 6.51 13.86
C ASP B 166 -0.37 8.04 13.96
N ALA B 167 -1.06 8.77 13.07
CA ALA B 167 -1.12 10.23 13.13
C ALA B 167 -1.79 10.75 14.42
N LEU B 168 -2.89 10.11 14.84
CA LEU B 168 -3.52 10.42 16.12
C LEU B 168 -2.55 10.11 17.28
N ARG B 169 -1.92 8.92 17.22
CA ARG B 169 -0.99 8.49 18.27
C ARG B 169 0.13 9.50 18.41
N ALA B 170 0.58 10.02 17.27
CA ALA B 170 1.77 10.92 17.22
C ALA B 170 1.43 12.38 17.46
N GLY B 171 0.15 12.73 17.53
CA GLY B 171 -0.26 14.12 17.77
C GLY B 171 -0.48 15.01 16.56
N LEU B 172 -0.34 14.47 15.34
CA LEU B 172 -0.59 15.21 14.12
C LEU B 172 -2.07 15.59 13.88
N VAL B 173 -3.01 14.72 14.29
CA VAL B 173 -4.42 15.02 14.18
C VAL B 173 -5.03 14.83 15.56
N THR B 174 -6.16 15.50 15.85
CA THR B 174 -6.70 15.50 17.22
C THR B 174 -7.70 14.36 17.46
N GLU B 175 -8.17 13.72 16.37
CA GLU B 175 -9.35 12.86 16.39
C GLU B 175 -9.40 12.03 15.10
N VAL B 176 -9.76 10.75 15.18
CA VAL B 176 -10.01 9.94 13.97
C VAL B 176 -11.43 9.43 14.01
N VAL B 177 -12.17 9.56 12.92
CA VAL B 177 -13.57 9.19 12.92
C VAL B 177 -13.88 8.42 11.67
N PRO B 178 -14.89 7.56 11.72
CA PRO B 178 -15.20 6.81 10.49
C PRO B 178 -15.48 7.76 9.35
N HIS B 179 -15.30 7.28 8.13
CA HIS B 179 -15.25 8.16 6.98
C HIS B 179 -16.45 9.09 6.85
N ASP B 180 -17.65 8.53 7.00
CA ASP B 180 -18.87 9.31 6.77
C ASP B 180 -19.25 10.26 7.94
N GLN B 181 -18.47 10.24 9.02
CA GLN B 181 -18.65 11.20 10.15
C GLN B 181 -17.70 12.42 10.11
N LEU B 182 -16.84 12.52 9.07
CA LEU B 182 -15.75 13.49 9.06
C LEU B 182 -16.24 14.93 9.14
N LEU B 183 -17.07 15.36 8.18
CA LEU B 183 -17.56 16.73 8.22
C LEU B 183 -18.42 17.05 9.46
N GLY B 184 -19.26 16.10 9.86
CA GLY B 184 -19.99 16.25 11.12
C GLY B 184 -19.05 16.55 12.30
N ALA B 185 -17.98 15.78 12.39
CA ALA B 185 -17.03 15.93 13.46
C ALA B 185 -16.37 17.33 13.42
N ALA B 186 -15.94 17.76 12.23
CA ALA B 186 -15.35 19.07 12.03
C ALA B 186 -16.39 20.19 12.28
N GLN B 187 -17.59 20.04 11.73
CA GLN B 187 -18.66 21.02 12.01
C GLN B 187 -18.92 21.16 13.51
N ALA B 188 -18.81 20.07 14.26
CA ALA B 188 -19.09 20.13 15.69
C ALA B 188 -18.03 20.92 16.45
N VAL B 189 -16.75 20.76 16.07
CA VAL B 189 -15.67 21.59 16.66
C VAL B 189 -15.91 23.05 16.23
N ALA B 190 -16.29 23.24 14.97
CA ALA B 190 -16.58 24.59 14.49
C ALA B 190 -17.65 25.23 15.37
N ALA B 191 -18.71 24.47 15.66
CA ALA B 191 -19.86 24.96 16.41
C ALA B 191 -19.48 25.44 17.83
N SER B 192 -18.72 24.62 18.54
CA SER B 192 -18.28 25.01 19.87
C SER B 192 -17.49 26.31 19.80
N ILE B 193 -16.61 26.43 18.83
CA ILE B 193 -15.83 27.65 18.70
C ILE B 193 -16.77 28.81 18.45
N VAL B 194 -17.74 28.62 17.55
CA VAL B 194 -18.66 29.69 17.20
C VAL B 194 -19.42 30.16 18.43
N GLY B 195 -19.63 29.25 19.37
CA GLY B 195 -20.50 29.53 20.52
C GLY B 195 -19.78 30.26 21.66
N ASN B 196 -18.45 30.32 21.58
CA ASN B 196 -17.67 31.07 22.55
C ASN B 196 -17.51 32.51 22.09
N ASN B 197 -16.88 33.33 22.95
CA ASN B 197 -16.65 34.76 22.70
C ASN B 197 -15.66 35.00 21.58
N GLN B 198 -16.09 35.58 20.46
CA GLN B 198 -15.24 35.67 19.26
C GLN B 198 -14.06 36.65 19.38
N ASN B 199 -14.25 37.72 20.16
CA ASN B 199 -13.14 38.62 20.45
C ASN B 199 -12.00 37.88 21.16
N ALA B 200 -12.35 37.07 22.15
CA ALA B 200 -11.37 36.27 22.85
C ALA B 200 -10.82 35.15 21.98
N VAL B 201 -11.68 34.48 21.22
CA VAL B 201 -11.19 33.46 20.29
C VAL B 201 -10.09 34.03 19.35
N ARG B 202 -10.38 35.18 18.76
CA ARG B 202 -9.48 35.77 17.76
C ARG B 202 -8.23 36.29 18.43
N ALA B 203 -8.39 37.06 19.50
CA ALA B 203 -7.26 37.59 20.24
C ALA B 203 -6.35 36.45 20.75
N LEU B 204 -6.89 35.32 21.18
CA LEU B 204 -6.08 34.21 21.67
C LEU B 204 -5.42 33.39 20.53
N LEU B 205 -6.15 33.10 19.46
CA LEU B 205 -5.50 32.50 18.29
C LEU B 205 -4.42 33.42 17.72
N ALA B 206 -4.65 34.74 17.67
CA ALA B 206 -3.60 35.65 17.18
C ALA B 206 -2.35 35.50 18.03
N SER B 207 -2.55 35.49 19.35
CA SER B 207 -1.44 35.33 20.27
C SER B 207 -0.76 34.00 20.06
N TYR B 208 -1.52 32.93 20.00
CA TYR B 208 -0.93 31.62 19.63
C TYR B 208 -0.16 31.69 18.30
N HIS B 209 -0.67 32.38 17.29
CA HIS B 209 0.08 32.55 16.05
C HIS B 209 1.41 33.27 16.23
N ARG B 210 1.40 34.36 16.99
CA ARG B 210 2.64 35.11 17.28
C ARG B 210 3.68 34.26 18.04
N ILE B 211 3.24 33.52 19.05
CA ILE B 211 4.16 32.76 19.93
C ILE B 211 4.85 31.66 19.11
N ASP B 212 4.05 30.98 18.29
CA ASP B 212 4.55 29.96 17.33
C ASP B 212 5.45 30.56 16.24
N ASP B 213 4.99 31.63 15.58
CA ASP B 213 5.82 32.35 14.60
C ASP B 213 7.21 32.77 15.15
N ALA B 214 7.24 33.28 16.37
CA ALA B 214 8.51 33.60 16.99
C ALA B 214 9.49 32.37 17.05
N GLN B 215 8.95 31.15 17.18
CA GLN B 215 9.79 29.94 17.22
C GLN B 215 10.07 29.36 15.83
N THR B 216 9.20 29.56 14.85
CA THR B 216 9.33 28.92 13.53
C THR B 216 10.00 29.79 12.46
N SER B 217 9.96 31.11 12.62
CA SER B 217 10.50 32.03 11.61
C SER B 217 11.93 31.72 11.19
N ALA B 218 12.81 31.56 12.18
CA ALA B 218 14.18 31.17 11.85
C ALA B 218 14.18 29.92 11.01
N GLY B 219 13.42 28.92 11.43
CA GLY B 219 13.45 27.64 10.72
C GLY B 219 12.97 27.74 9.28
N LEU B 220 11.94 28.57 9.07
CA LEU B 220 11.32 28.70 7.77
C LEU B 220 12.24 29.47 6.86
N TRP B 221 13.01 30.39 7.41
CA TRP B 221 13.97 31.13 6.59
C TRP B 221 15.01 30.16 6.09
N GLN B 222 15.47 29.32 7.00
CA GLN B 222 16.49 28.33 6.72
C GLN B 222 15.97 27.27 5.76
N GLU B 223 14.72 26.85 5.91
CA GLU B 223 14.11 25.96 4.91
C GLU B 223 14.17 26.61 3.52
N ALA B 224 13.80 27.89 3.47
CA ALA B 224 13.80 28.66 2.23
C ALA B 224 15.21 28.72 1.64
N MET B 225 16.22 29.03 2.43
CA MET B 225 17.56 29.11 1.88
C MET B 225 18.05 27.75 1.36
N ALA B 226 17.78 26.70 2.15
CA ALA B 226 18.16 25.35 1.79
C ALA B 226 17.54 24.95 0.44
N ALA B 227 16.29 25.35 0.20
CA ALA B 227 15.60 25.11 -1.05
C ALA B 227 16.23 25.88 -2.20
N ARG B 228 16.51 27.14 -1.96
CA ARG B 228 17.14 27.97 -2.99
C ARG B 228 18.44 27.32 -3.47
N GLN B 229 19.26 26.93 -2.50
CA GLN B 229 20.57 26.41 -2.77
C GLN B 229 20.51 25.07 -3.46
N PHE B 230 19.50 24.28 -3.14
CA PHE B 230 19.36 23.01 -3.79
C PHE B 230 19.00 23.16 -5.27
N ARG B 231 18.15 24.14 -5.58
CA ARG B 231 17.77 24.43 -6.97
C ARG B 231 18.97 24.97 -7.73
N THR B 232 19.74 25.85 -7.10
CA THR B 232 20.83 26.50 -7.78
C THR B 232 21.91 25.53 -8.23
N SER B 233 22.28 24.55 -7.41
CA SER B 233 23.31 23.59 -7.79
C SER B 233 22.79 22.42 -8.66
N GLY B 234 21.52 22.06 -8.48
CA GLY B 234 20.87 21.06 -9.33
C GLY B 234 20.63 21.57 -10.74
N ASP B 235 20.29 22.86 -10.85
CA ASP B 235 20.18 23.56 -12.16
C ASP B 235 21.55 23.77 -12.88
N ASP B 236 22.66 23.64 -12.15
CA ASP B 236 23.96 23.39 -12.79
C ASP B 236 23.89 21.96 -13.39
N ILE B 237 23.39 21.90 -14.63
CA ILE B 237 23.12 20.65 -15.36
C ILE B 237 23.13 20.95 -16.87
N GLU C 8 -22.16 -53.66 -26.63
CA GLU C 8 -22.28 -53.10 -25.26
C GLU C 8 -21.20 -52.02 -24.98
N ILE C 9 -20.02 -52.09 -25.59
CA ILE C 9 -18.91 -51.22 -25.18
C ILE C 9 -19.13 -49.71 -25.38
N LEU C 10 -19.94 -49.32 -26.36
CA LEU C 10 -20.38 -47.94 -26.49
C LEU C 10 -21.89 -47.91 -26.49
N LEU C 11 -22.49 -47.15 -25.58
CA LEU C 11 -23.94 -46.99 -25.64
C LEU C 11 -24.24 -45.72 -26.43
N SER C 12 -25.32 -45.79 -27.21
CA SER C 12 -25.82 -44.66 -27.96
C SER C 12 -27.37 -44.54 -27.86
N ASN C 13 -27.85 -43.35 -27.51
CA ASN C 13 -29.27 -43.09 -27.42
C ASN C 13 -29.60 -41.73 -28.01
N THR C 14 -30.59 -41.69 -28.90
CA THR C 14 -31.04 -40.41 -29.42
C THR C 14 -32.43 -39.96 -28.92
N GLU C 15 -32.47 -38.73 -28.41
CA GLU C 15 -33.68 -38.15 -27.79
C GLU C 15 -33.83 -36.71 -28.28
N GLU C 16 -34.90 -36.40 -29.01
CA GLU C 16 -35.27 -35.01 -29.28
C GLU C 16 -34.07 -34.23 -29.77
N ARG C 17 -33.41 -34.86 -30.74
CA ARG C 17 -32.29 -34.34 -31.49
C ARG C 17 -30.99 -34.24 -30.68
N VAL C 18 -30.97 -34.87 -29.52
CA VAL C 18 -29.73 -35.00 -28.73
C VAL C 18 -29.29 -36.46 -28.66
N ARG C 19 -28.07 -36.71 -29.13
CA ARG C 19 -27.48 -38.02 -29.04
C ARG C 19 -26.40 -38.08 -27.95
N THR C 20 -26.53 -39.08 -27.05
CA THR C 20 -25.59 -39.30 -25.96
C THR C 20 -24.85 -40.61 -26.23
N LEU C 21 -23.52 -40.48 -26.23
CA LEU C 21 -22.63 -41.57 -26.49
C LEU C 21 -22.01 -41.79 -25.14
N THR C 22 -22.09 -43.03 -24.68
CA THR C 22 -21.60 -43.42 -23.40
C THR C 22 -20.53 -44.51 -23.54
N LEU C 23 -19.29 -44.16 -23.19
CA LEU C 23 -18.21 -45.14 -23.09
C LEU C 23 -18.62 -46.13 -22.02
N ASN C 24 -18.53 -47.43 -22.31
CA ASN C 24 -19.16 -48.43 -21.47
C ASN C 24 -18.29 -49.66 -21.34
N ARG C 25 -17.17 -49.50 -20.63
CA ARG C 25 -16.38 -50.59 -20.14
C ARG C 25 -16.06 -50.31 -18.69
N PRO C 26 -17.09 -50.16 -17.86
CA PRO C 26 -16.85 -49.72 -16.49
C PRO C 26 -15.72 -50.51 -15.77
N GLN C 27 -15.72 -51.83 -15.92
CA GLN C 27 -14.76 -52.67 -15.20
C GLN C 27 -13.32 -52.40 -15.66
N ALA C 28 -13.14 -51.91 -16.89
CA ALA C 28 -11.81 -51.45 -17.35
C ALA C 28 -11.67 -49.94 -17.33
N ARG C 29 -12.49 -49.29 -16.50
CA ARG C 29 -12.56 -47.82 -16.34
C ARG C 29 -12.61 -47.10 -17.68
N ASN C 30 -13.44 -47.64 -18.56
CA ASN C 30 -13.70 -47.06 -19.85
C ASN C 30 -12.41 -46.84 -20.68
N ALA C 31 -11.39 -47.65 -20.41
CA ALA C 31 -10.13 -47.58 -21.16
C ALA C 31 -10.46 -47.78 -22.62
N LEU C 32 -9.82 -47.01 -23.51
CA LEU C 32 -10.15 -47.05 -24.94
C LEU C 32 -9.34 -48.10 -25.67
N SER C 33 -9.97 -49.24 -25.91
CA SER C 33 -9.39 -50.30 -26.71
C SER C 33 -9.44 -49.94 -28.18
N ALA C 34 -8.78 -50.72 -29.00
CA ALA C 34 -8.89 -50.59 -30.46
C ALA C 34 -10.36 -50.61 -30.89
N ALA C 35 -11.10 -51.61 -30.41
CA ALA C 35 -12.52 -51.69 -30.73
C ALA C 35 -13.34 -50.47 -30.21
N LEU C 36 -13.05 -50.00 -29.00
CA LEU C 36 -13.78 -48.85 -28.46
C LEU C 36 -13.38 -47.55 -29.16
N ARG C 37 -12.13 -47.42 -29.61
CA ARG C 37 -11.76 -46.25 -30.39
C ARG C 37 -12.60 -46.25 -31.66
N ASP C 38 -12.62 -47.37 -32.38
CA ASP C 38 -13.34 -47.43 -33.66
C ASP C 38 -14.82 -47.09 -33.54
N ARG C 39 -15.47 -47.55 -32.47
CA ARG C 39 -16.89 -47.30 -32.27
C ARG C 39 -17.15 -45.86 -31.86
N PHE C 40 -16.31 -45.33 -30.99
CA PHE C 40 -16.48 -43.96 -30.54
C PHE C 40 -16.24 -42.98 -31.71
N PHE C 41 -15.02 -42.98 -32.26
CA PHE C 41 -14.72 -42.07 -33.38
C PHE C 41 -15.68 -42.22 -34.56
N GLY C 42 -15.98 -43.45 -34.94
CA GLY C 42 -17.05 -43.73 -35.91
C GLY C 42 -18.42 -43.18 -35.55
N ALA C 43 -18.80 -43.27 -34.27
CA ALA C 43 -20.09 -42.70 -33.81
C ALA C 43 -20.15 -41.18 -33.99
N LEU C 44 -19.06 -40.48 -33.67
CA LEU C 44 -19.02 -39.03 -33.87
C LEU C 44 -19.18 -38.69 -35.34
N ALA C 45 -18.55 -39.48 -36.22
CA ALA C 45 -18.64 -39.26 -37.67
C ALA C 45 -20.05 -39.47 -38.18
N ASP C 46 -20.66 -40.58 -37.78
CA ASP C 46 -22.08 -40.81 -38.06
C ASP C 46 -22.97 -39.65 -37.56
N ALA C 47 -22.61 -39.06 -36.42
CA ALA C 47 -23.47 -38.04 -35.83
C ALA C 47 -23.51 -36.82 -36.72
N GLU C 48 -22.36 -36.46 -37.29
CA GLU C 48 -22.29 -35.27 -38.18
C GLU C 48 -23.26 -35.34 -39.32
N THR C 49 -23.52 -36.53 -39.85
CA THR C 49 -24.34 -36.62 -41.06
C THR C 49 -25.77 -37.12 -40.82
N ASP C 50 -26.11 -37.49 -39.59
CA ASP C 50 -27.45 -37.99 -39.25
C ASP C 50 -28.37 -36.80 -39.00
N ASP C 51 -29.38 -36.65 -39.85
CA ASP C 51 -30.29 -35.49 -39.84
C ASP C 51 -31.21 -35.45 -38.61
N ASP C 52 -31.20 -36.52 -37.83
CA ASP C 52 -31.94 -36.54 -36.59
C ASP C 52 -31.14 -35.93 -35.43
N VAL C 53 -29.92 -35.42 -35.68
CA VAL C 53 -29.03 -35.00 -34.62
C VAL C 53 -28.61 -33.56 -34.76
N ASP C 54 -28.81 -32.79 -33.70
CA ASP C 54 -28.34 -31.41 -33.59
C ASP C 54 -27.17 -31.23 -32.65
N VAL C 55 -27.10 -32.06 -31.61
CA VAL C 55 -26.16 -31.91 -30.51
C VAL C 55 -25.74 -33.28 -30.02
N VAL C 56 -24.47 -33.46 -29.69
CA VAL C 56 -23.95 -34.70 -29.11
C VAL C 56 -23.48 -34.47 -27.69
N ILE C 57 -23.79 -35.41 -26.78
CA ILE C 57 -23.23 -35.45 -25.42
C ILE C 57 -22.38 -36.74 -25.29
N ILE C 58 -21.13 -36.63 -24.83
CA ILE C 58 -20.32 -37.80 -24.54
C ILE C 58 -20.14 -37.89 -23.01
N THR C 59 -20.15 -39.13 -22.50
CA THR C 59 -19.99 -39.39 -21.07
C THR C 59 -19.44 -40.82 -20.89
N GLY C 60 -19.19 -41.21 -19.65
CA GLY C 60 -18.69 -42.55 -19.38
C GLY C 60 -19.53 -43.17 -18.29
N ALA C 61 -19.59 -44.50 -18.30
CA ALA C 61 -20.21 -45.27 -17.23
C ALA C 61 -19.37 -45.16 -15.96
N ASP C 62 -20.04 -45.03 -14.83
CA ASP C 62 -19.36 -44.76 -13.57
C ASP C 62 -18.45 -45.93 -13.22
N PRO C 63 -17.45 -45.67 -12.39
CA PRO C 63 -17.09 -44.40 -11.73
C PRO C 63 -16.03 -43.52 -12.43
N VAL C 64 -15.50 -43.95 -13.57
CA VAL C 64 -14.48 -43.16 -14.28
C VAL C 64 -15.01 -42.69 -15.61
N PHE C 65 -14.64 -41.47 -16.03
CA PHE C 65 -15.01 -41.01 -17.36
C PHE C 65 -14.22 -41.80 -18.40
N CYS C 66 -12.88 -41.70 -18.32
CA CYS C 66 -12.01 -42.41 -19.25
C CYS C 66 -10.59 -42.47 -18.72
N ALA C 67 -10.09 -43.68 -18.58
CA ALA C 67 -8.77 -43.92 -18.02
C ALA C 67 -7.67 -43.72 -19.05
N GLY C 68 -8.02 -43.49 -20.30
CA GLY C 68 -7.04 -43.39 -21.36
C GLY C 68 -7.05 -44.60 -22.28
N LEU C 69 -5.99 -44.74 -23.08
CA LEU C 69 -5.85 -45.88 -23.96
C LEU C 69 -5.70 -47.16 -23.17
N ASP C 70 -6.11 -48.27 -23.77
CA ASP C 70 -5.97 -49.57 -23.14
C ASP C 70 -4.52 -50.01 -23.31
N LEU C 71 -3.76 -49.86 -22.22
CA LEU C 71 -2.31 -50.02 -22.22
C LEU C 71 -1.96 -51.50 -22.24
N LYS C 72 -2.86 -52.34 -21.69
CA LYS C 72 -2.66 -53.80 -21.71
C LYS C 72 -2.50 -54.27 -23.17
N GLU C 73 -3.62 -54.28 -23.91
CA GLU C 73 -3.64 -54.45 -25.37
C GLU C 73 -2.36 -53.91 -26.05
N LEU C 74 -2.06 -52.63 -25.82
CA LEU C 74 -0.90 -51.97 -26.42
C LEU C 74 0.39 -52.46 -25.76
N ILE C 83 -0.51 -44.03 -32.36
CA ILE C 83 -1.80 -43.53 -31.89
C ILE C 83 -2.11 -42.19 -32.57
N SER C 84 -2.49 -42.29 -33.85
CA SER C 84 -2.88 -41.16 -34.70
C SER C 84 -4.18 -40.53 -34.22
N PRO C 85 -4.34 -39.22 -34.45
CA PRO C 85 -5.56 -38.53 -34.07
C PRO C 85 -6.70 -38.95 -34.97
N ARG C 86 -7.90 -39.02 -34.41
CA ARG C 86 -9.09 -39.49 -35.14
C ARG C 86 -10.39 -38.78 -34.81
N TRP C 87 -10.36 -37.79 -33.93
CA TRP C 87 -11.53 -36.98 -33.72
C TRP C 87 -11.88 -36.24 -35.00
N PRO C 88 -13.04 -36.53 -35.60
CA PRO C 88 -13.39 -35.99 -36.93
C PRO C 88 -13.85 -34.54 -36.92
N ALA C 89 -13.95 -33.96 -38.10
CA ALA C 89 -14.35 -32.55 -38.23
C ALA C 89 -15.87 -32.50 -38.10
N LEU C 90 -16.34 -31.72 -37.12
CA LEU C 90 -17.76 -31.66 -36.77
C LEU C 90 -18.24 -30.23 -36.81
N THR C 91 -19.49 -30.04 -37.22
CA THR C 91 -20.15 -28.75 -37.11
C THR C 91 -21.34 -28.77 -36.14
N LYS C 92 -21.54 -29.90 -35.48
CA LYS C 92 -22.53 -30.03 -34.43
C LYS C 92 -21.81 -30.04 -33.10
N PRO C 93 -22.36 -29.36 -32.09
CA PRO C 93 -21.64 -29.23 -30.83
C PRO C 93 -21.55 -30.52 -30.00
N VAL C 94 -20.41 -30.73 -29.33
CA VAL C 94 -20.18 -31.88 -28.48
C VAL C 94 -19.93 -31.39 -27.06
N ILE C 95 -20.87 -31.76 -26.18
CA ILE C 95 -20.81 -31.43 -24.76
C ILE C 95 -20.26 -32.67 -24.09
N GLY C 96 -19.22 -32.50 -23.27
CA GLY C 96 -18.66 -33.61 -22.53
C GLY C 96 -19.20 -33.54 -21.12
N ALA C 97 -19.78 -34.65 -20.66
CA ALA C 97 -20.26 -34.75 -19.26
C ALA C 97 -19.27 -35.63 -18.51
N ILE C 98 -18.36 -34.99 -17.77
CA ILE C 98 -17.28 -35.70 -17.11
C ILE C 98 -17.75 -36.20 -15.76
N ASN C 99 -17.99 -37.51 -15.72
CA ASN C 99 -18.55 -38.19 -14.54
C ASN C 99 -17.53 -38.69 -13.50
N GLY C 100 -16.27 -38.67 -13.88
CA GLY C 100 -15.19 -39.04 -12.95
C GLY C 100 -13.84 -38.88 -13.59
N ALA C 101 -12.88 -39.72 -13.21
CA ALA C 101 -11.49 -39.50 -13.67
C ALA C 101 -11.39 -39.39 -15.20
N ALA C 102 -10.71 -38.34 -15.66
CA ALA C 102 -10.32 -38.17 -17.07
C ALA C 102 -8.78 -38.11 -17.17
N VAL C 103 -8.16 -39.22 -17.57
CA VAL C 103 -6.72 -39.41 -17.47
C VAL C 103 -6.04 -39.57 -18.84
N THR C 104 -5.03 -38.73 -19.11
CA THR C 104 -4.15 -38.91 -20.30
C THR C 104 -4.99 -38.97 -21.61
N GLY C 105 -4.92 -40.06 -22.37
CA GLY C 105 -5.81 -40.15 -23.56
C GLY C 105 -7.21 -39.65 -23.29
N GLY C 106 -7.72 -39.90 -22.07
CA GLY C 106 -9.09 -39.55 -21.71
C GLY C 106 -9.24 -38.10 -21.41
N LEU C 107 -8.18 -37.47 -20.95
CA LEU C 107 -8.17 -35.99 -20.81
C LEU C 107 -8.21 -35.37 -22.19
N GLU C 108 -7.48 -35.98 -23.11
CA GLU C 108 -7.52 -35.53 -24.50
C GLU C 108 -8.94 -35.60 -25.10
N LEU C 109 -9.72 -36.63 -24.79
CA LEU C 109 -11.15 -36.66 -25.23
C LEU C 109 -11.92 -35.47 -24.65
N ALA C 110 -11.73 -35.22 -23.37
CA ALA C 110 -12.35 -34.07 -22.72
C ALA C 110 -11.95 -32.76 -23.40
N LEU C 111 -10.67 -32.64 -23.75
CA LEU C 111 -10.17 -31.43 -24.38
C LEU C 111 -10.72 -31.15 -25.77
N TYR C 112 -11.13 -32.19 -26.48
CA TYR C 112 -11.74 -32.06 -27.82
C TYR C 112 -13.15 -31.46 -27.75
N CYS C 113 -13.85 -31.70 -26.65
CA CYS C 113 -15.23 -31.28 -26.55
C CYS C 113 -15.36 -29.76 -26.65
N ASP C 114 -16.45 -29.29 -27.26
CA ASP C 114 -16.69 -27.86 -27.36
C ASP C 114 -16.99 -27.26 -25.97
N ILE C 115 -17.78 -27.94 -25.13
CA ILE C 115 -18.17 -27.48 -23.81
C ILE C 115 -18.08 -28.61 -22.78
N LEU C 116 -17.54 -28.34 -21.59
CA LEU C 116 -17.48 -29.38 -20.56
C LEU C 116 -18.29 -28.98 -19.34
N ILE C 117 -18.95 -29.97 -18.75
CA ILE C 117 -19.61 -29.89 -17.45
C ILE C 117 -19.14 -31.09 -16.63
N ALA C 118 -18.90 -30.88 -15.35
CA ALA C 118 -18.29 -31.89 -14.52
C ALA C 118 -19.16 -32.23 -13.36
N SER C 119 -19.20 -33.53 -13.05
CA SER C 119 -19.61 -33.97 -11.74
C SER C 119 -18.65 -33.45 -10.68
N GLU C 120 -19.10 -33.33 -9.45
CA GLU C 120 -18.17 -33.05 -8.33
C GLU C 120 -17.08 -34.10 -8.22
N ASN C 121 -17.34 -35.27 -8.83
CA ASN C 121 -16.42 -36.38 -8.90
C ASN C 121 -15.38 -36.35 -10.01
N ALA C 122 -15.54 -35.45 -10.96
CA ALA C 122 -14.54 -35.31 -12.02
C ALA C 122 -13.19 -34.98 -11.41
N ARG C 123 -12.16 -35.55 -12.00
CA ARG C 123 -10.81 -35.06 -11.82
C ARG C 123 -10.04 -35.34 -13.07
N PHE C 124 -8.95 -34.61 -13.23
CA PHE C 124 -8.21 -34.61 -14.50
C PHE C 124 -6.72 -34.82 -14.32
N ALA C 125 -6.12 -35.62 -15.18
CA ALA C 125 -4.69 -35.91 -15.04
C ALA C 125 -4.04 -36.21 -16.38
N ASP C 126 -2.76 -35.86 -16.46
CA ASP C 126 -1.93 -36.26 -17.56
C ASP C 126 -0.80 -37.12 -17.05
N THR C 127 -0.85 -38.42 -17.32
CA THR C 127 0.18 -39.33 -16.82
C THR C 127 1.18 -39.72 -17.90
N HIS C 128 1.19 -38.98 -19.01
CA HIS C 128 2.13 -39.27 -20.12
C HIS C 128 3.60 -39.39 -19.70
N ALA C 129 4.11 -38.36 -19.03
CA ALA C 129 5.50 -38.36 -18.59
C ALA C 129 5.75 -39.35 -17.44
N ARG C 130 4.72 -39.77 -16.73
CA ARG C 130 4.88 -40.78 -15.71
C ARG C 130 5.10 -42.15 -16.40
N VAL C 131 4.29 -42.45 -17.41
CA VAL C 131 4.43 -43.75 -18.08
C VAL C 131 5.42 -43.76 -19.24
N GLY C 132 6.10 -42.65 -19.49
CA GLY C 132 7.15 -42.59 -20.52
C GLY C 132 6.66 -42.51 -21.95
N LEU C 133 5.60 -41.73 -22.17
CA LEU C 133 5.11 -41.48 -23.53
C LEU C 133 4.92 -39.97 -23.72
N LEU C 134 4.81 -39.57 -24.99
CA LEU C 134 4.46 -38.18 -25.35
C LEU C 134 3.11 -38.20 -26.05
N PRO C 135 2.29 -37.14 -25.87
CA PRO C 135 0.92 -37.12 -26.42
C PRO C 135 0.86 -36.91 -27.92
N THR C 136 -0.18 -37.46 -28.54
CA THR C 136 -0.45 -37.36 -29.97
C THR C 136 -1.90 -36.95 -30.33
N TRP C 137 -2.74 -36.74 -29.29
CA TRP C 137 -4.13 -36.29 -29.46
C TRP C 137 -4.33 -34.85 -28.93
N GLY C 138 -3.31 -34.00 -29.07
CA GLY C 138 -3.48 -32.58 -28.84
C GLY C 138 -3.29 -32.04 -27.44
N LEU C 139 -2.92 -32.90 -26.50
CA LEU C 139 -2.76 -32.44 -25.10
C LEU C 139 -1.80 -31.28 -24.99
N SER C 140 -0.69 -31.34 -25.73
CA SER C 140 0.38 -30.35 -25.53
C SER C 140 0.00 -28.97 -26.06
N VAL C 141 -1.07 -28.95 -26.84
CA VAL C 141 -1.63 -27.71 -27.34
C VAL C 141 -2.85 -27.31 -26.53
N ARG C 142 -3.79 -28.24 -26.36
CA ARG C 142 -5.11 -27.87 -25.85
C ARG C 142 -5.16 -27.67 -24.35
N LEU C 143 -4.36 -28.41 -23.58
CA LEU C 143 -4.31 -28.23 -22.14
C LEU C 143 -3.86 -26.85 -21.71
N PRO C 144 -2.71 -26.36 -22.20
CA PRO C 144 -2.36 -24.96 -21.92
C PRO C 144 -3.43 -23.99 -22.33
N GLN C 145 -4.02 -24.23 -23.50
CA GLN C 145 -5.11 -23.41 -24.06
C GLN C 145 -6.24 -23.29 -23.05
N LYS C 146 -6.58 -24.42 -22.42
CA LYS C 146 -7.81 -24.48 -21.61
C LYS C 146 -7.65 -24.40 -20.09
N VAL C 147 -6.48 -24.70 -19.53
CA VAL C 147 -6.23 -24.45 -18.08
C VAL C 147 -5.15 -23.41 -17.76
N GLY C 148 -4.46 -22.88 -18.77
CA GLY C 148 -3.28 -22.02 -18.57
C GLY C 148 -1.97 -22.77 -18.70
N ILE C 149 -0.89 -22.05 -18.98
CA ILE C 149 0.41 -22.66 -19.26
C ILE C 149 0.96 -23.26 -17.98
N GLY C 150 0.87 -22.47 -16.91
CA GLY C 150 1.44 -22.81 -15.63
C GLY C 150 0.87 -24.11 -15.16
N LEU C 151 -0.45 -24.18 -15.15
CA LEU C 151 -1.15 -25.32 -14.61
C LEU C 151 -0.99 -26.55 -15.52
N ALA C 152 -0.94 -26.34 -16.84
CA ALA C 152 -0.76 -27.48 -17.76
C ALA C 152 0.56 -28.12 -17.50
N ARG C 153 1.56 -27.26 -17.27
CA ARG C 153 2.89 -27.73 -17.01
C ARG C 153 3.00 -28.38 -15.64
N ARG C 154 2.37 -27.79 -14.64
CA ARG C 154 2.34 -28.47 -13.35
C ARG C 154 1.63 -29.85 -13.46
N MET C 155 0.51 -29.89 -14.18
CA MET C 155 -0.19 -31.18 -14.37
C MET C 155 0.71 -32.20 -15.07
N SER C 156 1.26 -31.81 -16.23
CA SER C 156 1.94 -32.79 -17.09
C SER C 156 3.19 -33.30 -16.44
N LEU C 157 3.86 -32.43 -15.71
CA LEU C 157 5.14 -32.82 -15.17
C LEU C 157 5.02 -33.58 -13.87
N THR C 158 3.97 -33.30 -13.10
CA THR C 158 3.73 -34.03 -11.83
C THR C 158 2.96 -35.32 -12.00
N GLY C 159 1.98 -35.30 -12.90
CA GLY C 159 0.99 -36.37 -13.01
C GLY C 159 -0.15 -36.27 -12.00
N ASP C 160 -0.20 -35.21 -11.23
CA ASP C 160 -1.22 -35.07 -10.20
C ASP C 160 -2.60 -34.74 -10.79
N TYR C 161 -3.65 -35.09 -10.05
CA TYR C 161 -5.03 -34.74 -10.37
C TYR C 161 -5.33 -33.26 -10.13
N LEU C 162 -6.11 -32.70 -11.04
CA LEU C 162 -6.73 -31.40 -10.86
C LEU C 162 -8.16 -31.71 -10.46
N SER C 163 -8.64 -31.12 -9.39
CA SER C 163 -10.01 -31.39 -8.94
C SER C 163 -11.08 -30.72 -9.81
N ALA C 164 -12.32 -31.15 -9.66
CA ALA C 164 -13.43 -30.58 -10.39
C ALA C 164 -13.47 -29.08 -10.13
N ALA C 165 -13.31 -28.72 -8.85
CA ALA C 165 -13.45 -27.33 -8.41
C ALA C 165 -12.34 -26.47 -9.00
N ASP C 166 -11.12 -27.00 -9.03
CA ASP C 166 -10.00 -26.26 -9.60
C ASP C 166 -10.12 -26.18 -11.12
N ALA C 167 -10.71 -27.21 -11.73
CA ALA C 167 -10.94 -27.22 -13.15
C ALA C 167 -11.88 -26.07 -13.51
N LEU C 168 -12.86 -25.82 -12.65
CA LEU C 168 -13.82 -24.75 -12.84
C LEU C 168 -13.08 -23.40 -12.75
N ARG C 169 -12.31 -23.20 -11.70
CA ARG C 169 -11.58 -21.95 -11.50
C ARG C 169 -10.70 -21.66 -12.73
N ALA C 170 -10.03 -22.67 -13.24
CA ALA C 170 -9.05 -22.51 -14.31
C ALA C 170 -9.68 -22.39 -15.71
N GLY C 171 -10.97 -22.72 -15.84
CA GLY C 171 -11.69 -22.57 -17.09
C GLY C 171 -11.75 -23.83 -17.97
N LEU C 172 -11.29 -24.97 -17.45
CA LEU C 172 -11.38 -26.24 -18.16
C LEU C 172 -12.82 -26.69 -18.33
N VAL C 173 -13.65 -26.47 -17.32
CA VAL C 173 -15.07 -26.83 -17.33
C VAL C 173 -15.94 -25.59 -17.09
N THR C 174 -17.19 -25.60 -17.56
CA THR C 174 -18.10 -24.42 -17.46
C THR C 174 -18.99 -24.50 -16.21
N GLU C 175 -19.08 -25.69 -15.62
CA GLU C 175 -20.03 -25.94 -14.54
C GLU C 175 -19.64 -27.24 -13.83
N VAL C 176 -19.77 -27.21 -12.51
CA VAL C 176 -19.64 -28.38 -11.67
C VAL C 176 -20.96 -28.54 -10.94
N VAL C 177 -21.58 -29.72 -11.03
CA VAL C 177 -22.85 -30.01 -10.36
C VAL C 177 -22.72 -31.29 -9.52
N PRO C 178 -23.62 -31.51 -8.56
CA PRO C 178 -23.50 -32.76 -7.80
C PRO C 178 -23.62 -33.93 -8.73
N HIS C 179 -23.06 -35.07 -8.37
CA HIS C 179 -22.94 -36.21 -9.29
C HIS C 179 -24.23 -36.62 -10.01
N ASP C 180 -25.34 -36.63 -9.29
CA ASP C 180 -26.60 -37.16 -9.83
C ASP C 180 -27.32 -36.17 -10.74
N GLN C 181 -26.83 -34.94 -10.82
CA GLN C 181 -27.40 -33.91 -11.72
C GLN C 181 -26.65 -33.75 -13.04
N LEU C 182 -25.63 -34.59 -13.25
CA LEU C 182 -24.69 -34.36 -14.34
C LEU C 182 -25.35 -34.40 -15.70
N LEU C 183 -25.98 -35.52 -16.02
CA LEU C 183 -26.62 -35.64 -17.31
C LEU C 183 -27.75 -34.62 -17.51
N GLY C 184 -28.55 -34.41 -16.48
CA GLY C 184 -29.58 -33.37 -16.53
C GLY C 184 -29.00 -31.98 -16.85
N ALA C 185 -27.80 -31.71 -16.32
CA ALA C 185 -27.08 -30.47 -16.57
C ALA C 185 -26.57 -30.41 -18.01
N ALA C 186 -26.15 -31.54 -18.54
CA ALA C 186 -25.73 -31.59 -19.93
C ALA C 186 -26.93 -31.46 -20.89
N GLN C 187 -28.04 -32.09 -20.54
CA GLN C 187 -29.24 -32.08 -21.39
C GLN C 187 -29.85 -30.71 -21.41
N ALA C 188 -29.72 -30.00 -20.30
CA ALA C 188 -30.23 -28.64 -20.21
C ALA C 188 -29.51 -27.70 -21.20
N VAL C 189 -28.18 -27.72 -21.18
CA VAL C 189 -27.41 -26.96 -22.17
C VAL C 189 -27.77 -27.39 -23.60
N ALA C 190 -27.88 -28.69 -23.85
CA ALA C 190 -28.31 -29.23 -25.18
C ALA C 190 -29.66 -28.70 -25.69
N ALA C 191 -30.64 -28.71 -24.79
CA ALA C 191 -31.95 -28.19 -25.10
C ALA C 191 -31.86 -26.71 -25.52
N SER C 192 -31.03 -25.93 -24.85
CA SER C 192 -30.97 -24.52 -25.19
C SER C 192 -30.37 -24.34 -26.56
N ILE C 193 -29.37 -25.16 -26.90
CA ILE C 193 -28.74 -25.10 -28.23
C ILE C 193 -29.72 -25.54 -29.32
N VAL C 194 -30.44 -26.65 -29.06
CA VAL C 194 -31.45 -27.12 -29.98
C VAL C 194 -32.54 -26.08 -30.21
N GLY C 195 -32.84 -25.29 -29.18
CA GLY C 195 -33.90 -24.29 -29.27
C GLY C 195 -33.54 -23.06 -30.10
N ASN C 196 -32.25 -22.89 -30.39
CA ASN C 196 -31.77 -21.79 -31.25
C ASN C 196 -31.74 -22.19 -32.75
N ASN C 197 -31.52 -21.21 -33.60
CA ASN C 197 -31.49 -21.40 -35.05
C ASN C 197 -30.29 -22.26 -35.47
N GLN C 198 -30.56 -23.47 -35.93
CA GLN C 198 -29.50 -24.45 -36.17
C GLN C 198 -28.56 -24.09 -37.32
N ASN C 199 -29.06 -23.33 -38.29
CA ASN C 199 -28.19 -22.85 -39.35
C ASN C 199 -27.07 -21.98 -38.76
N ALA C 200 -27.47 -21.05 -37.89
CA ALA C 200 -26.54 -20.13 -37.28
C ALA C 200 -25.70 -20.91 -36.29
N VAL C 201 -26.29 -21.84 -35.57
CA VAL C 201 -25.50 -22.58 -34.60
C VAL C 201 -24.36 -23.33 -35.30
N ARG C 202 -24.65 -23.98 -36.42
CA ARG C 202 -23.61 -24.72 -37.15
C ARG C 202 -22.57 -23.84 -37.88
N ALA C 203 -23.01 -22.76 -38.50
CA ALA C 203 -22.13 -21.85 -39.19
C ALA C 203 -21.18 -21.19 -38.18
N LEU C 204 -21.72 -20.74 -37.05
CA LEU C 204 -20.87 -20.15 -36.00
C LEU C 204 -19.89 -21.22 -35.45
N LEU C 205 -20.37 -22.44 -35.24
CA LEU C 205 -19.49 -23.40 -34.60
C LEU C 205 -18.38 -23.72 -35.58
N ALA C 206 -18.74 -23.91 -36.85
CA ALA C 206 -17.73 -24.19 -37.86
C ALA C 206 -16.70 -23.09 -37.84
N SER C 207 -17.15 -21.83 -37.69
CA SER C 207 -16.24 -20.68 -37.72
C SER C 207 -15.32 -20.66 -36.48
N TYR C 208 -15.90 -20.93 -35.33
CA TYR C 208 -15.07 -21.12 -34.14
C TYR C 208 -13.96 -22.17 -34.39
N HIS C 209 -14.33 -23.33 -34.93
CA HIS C 209 -13.38 -24.43 -35.17
C HIS C 209 -12.29 -23.95 -36.12
N ARG C 210 -12.68 -23.32 -37.22
CA ARG C 210 -11.73 -22.78 -38.19
C ARG C 210 -10.73 -21.80 -37.56
N ILE C 211 -11.23 -20.87 -36.76
CA ILE C 211 -10.40 -19.83 -36.15
C ILE C 211 -9.46 -20.50 -35.16
N ASP C 212 -10.00 -21.42 -34.37
CA ASP C 212 -9.18 -22.22 -33.44
C ASP C 212 -8.13 -23.06 -34.19
N ASP C 213 -8.58 -23.80 -35.20
CA ASP C 213 -7.65 -24.61 -36.01
C ASP C 213 -6.45 -23.79 -36.57
N ALA C 214 -6.73 -22.59 -37.07
CA ALA C 214 -5.69 -21.70 -37.54
C ALA C 214 -4.62 -21.44 -36.46
N GLN C 215 -5.04 -21.36 -35.20
CA GLN C 215 -4.08 -21.16 -34.10
C GLN C 215 -3.39 -22.47 -33.63
N THR C 216 -4.08 -23.59 -33.71
CA THR C 216 -3.56 -24.85 -33.17
C THR C 216 -2.75 -25.73 -34.15
N SER C 217 -2.87 -25.50 -35.46
CA SER C 217 -2.25 -26.37 -36.46
C SER C 217 -0.78 -26.56 -36.31
N ALA C 218 -0.06 -25.45 -36.24
CA ALA C 218 1.38 -25.49 -36.08
C ALA C 218 1.74 -26.30 -34.87
N GLY C 219 1.04 -26.05 -33.77
CA GLY C 219 1.33 -26.70 -32.51
C GLY C 219 1.08 -28.18 -32.57
N LEU C 220 0.02 -28.59 -33.25
CA LEU C 220 -0.28 -30.02 -33.33
C LEU C 220 0.73 -30.74 -34.22
N TRP C 221 1.25 -30.05 -35.21
CA TRP C 221 2.29 -30.63 -36.05
C TRP C 221 3.55 -30.84 -35.23
N GLN C 222 3.93 -29.82 -34.45
CA GLN C 222 5.08 -29.92 -33.53
C GLN C 222 4.85 -31.01 -32.51
N GLU C 223 3.60 -31.16 -32.05
CA GLU C 223 3.30 -32.23 -31.12
C GLU C 223 3.59 -33.55 -31.80
N ALA C 224 3.12 -33.71 -33.03
CA ALA C 224 3.28 -34.99 -33.73
C ALA C 224 4.77 -35.29 -33.96
N MET C 225 5.53 -34.31 -34.42
CA MET C 225 6.99 -34.52 -34.66
C MET C 225 7.75 -34.85 -33.36
N ALA C 226 7.39 -34.21 -32.27
CA ALA C 226 8.07 -34.47 -31.01
C ALA C 226 7.82 -35.94 -30.67
N ALA C 227 6.59 -36.38 -30.83
CA ALA C 227 6.28 -37.80 -30.58
C ALA C 227 7.08 -38.73 -31.51
N ARG C 228 7.13 -38.43 -32.80
CA ARG C 228 7.95 -39.24 -33.72
C ARG C 228 9.42 -39.29 -33.23
N GLN C 229 10.04 -38.15 -32.94
CA GLN C 229 11.45 -38.15 -32.49
C GLN C 229 11.62 -38.97 -31.20
N PHE C 230 10.71 -38.83 -30.25
CA PHE C 230 10.81 -39.55 -29.00
C PHE C 230 10.70 -41.07 -29.22
N ARG C 231 9.73 -41.51 -30.03
CA ARG C 231 9.58 -42.94 -30.39
C ARG C 231 10.80 -43.46 -31.17
N THR C 232 11.46 -42.57 -31.91
CA THR C 232 12.62 -42.91 -32.72
C THR C 232 13.87 -43.17 -31.86
N SER C 233 14.09 -42.37 -30.81
CA SER C 233 15.26 -42.58 -29.94
C SER C 233 15.12 -43.87 -29.10
N GLY C 234 13.91 -44.14 -28.61
CA GLY C 234 13.60 -45.40 -27.93
C GLY C 234 12.95 -46.42 -28.87
N GLU D 8 37.80 -5.90 17.46
CA GLU D 8 36.76 -6.49 18.36
C GLU D 8 35.79 -5.46 18.95
N ILE D 9 36.28 -4.36 19.53
CA ILE D 9 35.40 -3.52 20.38
C ILE D 9 34.32 -2.75 19.60
N LEU D 10 34.59 -2.40 18.34
CA LEU D 10 33.55 -1.87 17.46
C LEU D 10 33.46 -2.79 16.24
N LEU D 11 32.29 -3.31 15.94
CA LEU D 11 32.11 -4.09 14.73
C LEU D 11 31.56 -3.13 13.67
N SER D 12 31.98 -3.36 12.44
CA SER D 12 31.54 -2.58 11.30
C SER D 12 31.30 -3.57 10.16
N ASN D 13 30.23 -3.32 9.44
CA ASN D 13 29.90 -4.09 8.26
C ASN D 13 29.09 -3.25 7.31
N THR D 14 29.44 -3.31 6.03
CA THR D 14 28.74 -2.56 5.03
C THR D 14 28.05 -3.53 4.08
N GLU D 15 26.77 -3.27 3.84
CA GLU D 15 25.95 -4.08 2.97
C GLU D 15 25.02 -3.16 2.17
N GLU D 16 25.19 -3.15 0.85
CA GLU D 16 24.35 -2.40 -0.08
C GLU D 16 24.09 -0.96 0.38
N ARG D 17 25.19 -0.27 0.63
CA ARG D 17 25.24 1.14 0.95
C ARG D 17 24.73 1.49 2.34
N VAL D 18 24.51 0.46 3.16
CA VAL D 18 24.12 0.63 4.56
C VAL D 18 25.24 0.08 5.44
N ARG D 19 25.80 0.95 6.28
CA ARG D 19 26.85 0.56 7.23
C ARG D 19 26.28 0.39 8.64
N THR D 20 26.53 -0.77 9.25
CA THR D 20 26.08 -1.05 10.62
C THR D 20 27.24 -1.06 11.57
N LEU D 21 27.16 -0.23 12.61
CA LEU D 21 28.21 -0.14 13.65
C LEU D 21 27.66 -0.76 14.92
N THR D 22 28.39 -1.76 15.44
CA THR D 22 27.96 -2.48 16.63
C THR D 22 28.92 -2.26 17.78
N LEU D 23 28.43 -1.56 18.81
CA LEU D 23 29.16 -1.47 20.09
C LEU D 23 29.31 -2.89 20.67
N ASN D 24 30.55 -3.32 20.89
CA ASN D 24 30.85 -4.74 21.13
C ASN D 24 31.78 -4.96 22.31
N ARG D 25 31.28 -4.65 23.49
CA ARG D 25 31.95 -5.00 24.76
C ARG D 25 30.90 -5.61 25.64
N PRO D 26 30.38 -6.78 25.24
CA PRO D 26 29.26 -7.37 25.97
C PRO D 26 29.56 -7.75 27.44
N GLN D 27 30.83 -7.96 27.81
CA GLN D 27 31.16 -8.21 29.24
C GLN D 27 31.13 -6.94 30.11
N ALA D 28 31.11 -5.75 29.47
CA ALA D 28 31.04 -4.47 30.19
C ALA D 28 29.84 -3.68 29.71
N ARG D 29 28.82 -4.41 29.27
CA ARG D 29 27.57 -3.79 28.84
C ARG D 29 27.80 -2.67 27.82
N ASN D 30 28.68 -2.92 26.85
CA ASN D 30 29.03 -1.93 25.82
C ASN D 30 29.38 -0.54 26.35
N ALA D 31 29.98 -0.49 27.54
CA ALA D 31 30.35 0.78 28.14
C ALA D 31 31.36 1.50 27.28
N LEU D 32 31.18 2.80 27.11
CA LEU D 32 32.07 3.55 26.24
C LEU D 32 33.39 3.89 26.94
N SER D 33 34.41 3.12 26.68
CA SER D 33 35.78 3.46 27.09
C SER D 33 36.37 4.49 26.13
N ALA D 34 37.49 5.10 26.52
CA ALA D 34 38.18 6.08 25.69
C ALA D 34 38.47 5.47 24.34
N ALA D 35 38.93 4.22 24.39
CA ALA D 35 39.16 3.44 23.19
C ALA D 35 37.91 3.33 22.31
N LEU D 36 36.78 2.97 22.89
CA LEU D 36 35.58 2.74 22.10
C LEU D 36 34.98 4.07 21.60
N ARG D 37 35.07 5.11 22.42
CA ARG D 37 34.65 6.45 21.98
C ARG D 37 35.43 6.86 20.72
N ASP D 38 36.75 6.69 20.76
CA ASP D 38 37.58 6.97 19.58
C ASP D 38 37.19 6.15 18.35
N ARG D 39 37.00 4.84 18.49
CA ARG D 39 36.70 4.01 17.33
C ARG D 39 35.28 4.32 16.81
N PHE D 40 34.36 4.65 17.73
CA PHE D 40 32.97 4.88 17.36
C PHE D 40 32.78 6.21 16.63
N PHE D 41 33.22 7.30 17.25
CA PHE D 41 33.12 8.62 16.64
C PHE D 41 33.92 8.69 15.37
N GLY D 42 35.04 8.00 15.34
CA GLY D 42 35.89 7.91 14.14
C GLY D 42 35.16 7.21 13.00
N ALA D 43 34.39 6.18 13.34
CA ALA D 43 33.64 5.40 12.37
C ALA D 43 32.51 6.23 11.79
N LEU D 44 31.90 7.09 12.59
CA LEU D 44 30.81 7.93 12.09
C LEU D 44 31.34 8.93 11.08
N ALA D 45 32.48 9.55 11.37
CA ALA D 45 33.09 10.54 10.49
C ALA D 45 33.57 9.86 9.21
N ASP D 46 34.21 8.70 9.32
CA ASP D 46 34.60 7.94 8.13
C ASP D 46 33.35 7.66 7.24
N ALA D 47 32.22 7.34 7.85
CA ALA D 47 31.00 7.10 7.12
C ALA D 47 30.53 8.30 6.26
N GLU D 48 30.65 9.51 6.79
CA GLU D 48 30.26 10.70 6.01
C GLU D 48 31.02 10.78 4.70
N THR D 49 32.28 10.37 4.70
CA THR D 49 33.14 10.54 3.52
C THR D 49 33.20 9.29 2.66
N ASP D 50 32.63 8.18 3.10
CA ASP D 50 32.74 6.94 2.34
C ASP D 50 31.70 6.92 1.24
N ASP D 51 32.15 6.95 -0.01
CA ASP D 51 31.25 7.04 -1.14
C ASP D 51 30.45 5.75 -1.32
N ASP D 52 30.82 4.69 -0.60
CA ASP D 52 30.06 3.43 -0.62
C ASP D 52 28.91 3.36 0.40
N VAL D 53 28.79 4.39 1.24
CA VAL D 53 27.77 4.44 2.28
C VAL D 53 26.76 5.57 2.08
N ASP D 54 25.47 5.22 2.09
CA ASP D 54 24.34 6.21 2.11
C ASP D 54 23.67 6.42 3.48
N VAL D 55 23.63 5.35 4.30
CA VAL D 55 22.89 5.27 5.56
C VAL D 55 23.71 4.50 6.61
N VAL D 56 23.66 4.94 7.86
CA VAL D 56 24.32 4.26 8.95
C VAL D 56 23.32 3.75 9.97
N ILE D 57 23.52 2.53 10.44
CA ILE D 57 22.73 1.95 11.52
C ILE D 57 23.68 1.69 12.67
N ILE D 58 23.32 2.09 13.89
CA ILE D 58 24.17 1.83 15.06
C ILE D 58 23.39 0.95 16.02
N THR D 59 24.08 0.00 16.66
CA THR D 59 23.42 -0.93 17.55
C THR D 59 24.42 -1.51 18.53
N GLY D 60 23.94 -2.39 19.42
CA GLY D 60 24.82 -3.00 20.43
C GLY D 60 24.78 -4.53 20.48
N ALA D 61 25.88 -5.13 20.90
CA ALA D 61 25.91 -6.59 21.14
C ALA D 61 24.95 -6.94 22.30
N ASP D 62 24.10 -7.93 22.11
CA ASP D 62 23.15 -8.28 23.15
C ASP D 62 23.89 -8.58 24.43
N PRO D 63 23.22 -8.38 25.58
CA PRO D 63 21.82 -7.95 25.73
C PRO D 63 21.58 -6.45 25.93
N VAL D 64 22.66 -5.64 25.95
CA VAL D 64 22.56 -4.19 26.18
C VAL D 64 22.85 -3.36 24.93
N PHE D 65 22.19 -2.23 24.75
CA PHE D 65 22.64 -1.26 23.72
C PHE D 65 23.93 -0.56 24.19
N CYS D 66 23.81 0.24 25.24
CA CYS D 66 24.97 0.91 25.78
C CYS D 66 24.71 1.41 27.19
N ALA D 67 25.59 1.05 28.12
CA ALA D 67 25.40 1.37 29.55
C ALA D 67 25.90 2.73 29.93
N GLY D 68 26.45 3.47 28.95
CA GLY D 68 27.05 4.77 29.22
C GLY D 68 28.56 4.76 29.25
N LEU D 69 29.13 5.93 29.49
CA LEU D 69 30.59 6.11 29.58
C LEU D 69 31.25 5.24 30.65
N ASP D 70 32.43 4.71 30.34
CA ASP D 70 33.19 3.92 31.33
C ASP D 70 33.70 4.82 32.45
N LEU D 71 32.99 4.73 33.58
CA LEU D 71 33.30 5.42 34.83
C LEU D 71 34.58 4.89 35.52
N LYS D 72 34.78 3.57 35.50
CA LYS D 72 35.95 2.93 36.13
C LYS D 72 37.23 3.59 35.59
N GLU D 73 37.49 3.37 34.30
CA GLU D 73 38.45 4.15 33.54
C GLU D 73 38.42 5.65 33.92
N LEU D 74 37.22 6.25 33.90
CA LEU D 74 37.05 7.66 34.30
C LEU D 74 37.60 7.95 35.71
N ASP D 82 36.45 17.00 32.40
CA ASP D 82 35.61 17.42 31.27
C ASP D 82 35.43 16.30 30.20
N ILE D 83 34.18 16.20 29.70
CA ILE D 83 33.73 15.15 28.77
C ILE D 83 33.03 15.79 27.55
N SER D 84 33.84 16.24 26.59
CA SER D 84 33.34 17.06 25.48
C SER D 84 32.47 16.24 24.51
N PRO D 85 31.56 16.92 23.80
CA PRO D 85 30.78 16.24 22.76
C PRO D 85 31.64 15.99 21.53
N ARG D 86 31.34 14.89 20.86
CA ARG D 86 32.13 14.42 19.73
C ARG D 86 31.29 13.87 18.59
N TRP D 87 29.97 13.76 18.76
CA TRP D 87 29.16 13.29 17.68
C TRP D 87 29.29 14.30 16.53
N PRO D 88 29.81 13.85 15.39
CA PRO D 88 30.17 14.78 14.31
C PRO D 88 29.01 15.25 13.45
N ALA D 89 29.32 16.21 12.58
CA ALA D 89 28.36 16.78 11.66
C ALA D 89 28.21 15.79 10.50
N LEU D 90 26.98 15.42 10.20
CA LEU D 90 26.69 14.37 9.25
C LEU D 90 25.49 14.77 8.42
N THR D 91 25.54 14.42 7.13
CA THR D 91 24.43 14.62 6.22
C THR D 91 23.85 13.27 5.80
N LYS D 92 24.44 12.16 6.24
CA LYS D 92 23.82 10.85 6.02
C LYS D 92 22.97 10.42 7.25
N PRO D 93 21.86 9.74 7.04
CA PRO D 93 21.01 9.43 8.18
C PRO D 93 21.58 8.36 9.09
N VAL D 94 21.36 8.51 10.40
CA VAL D 94 21.83 7.53 11.36
C VAL D 94 20.64 6.91 12.08
N ILE D 95 20.41 5.60 11.88
CA ILE D 95 19.29 4.91 12.47
C ILE D 95 19.78 4.18 13.69
N GLY D 96 19.22 4.47 14.85
CA GLY D 96 19.55 3.68 16.05
C GLY D 96 18.70 2.40 16.17
N ALA D 97 19.36 1.23 16.22
CA ALA D 97 18.64 -0.02 16.45
C ALA D 97 18.82 -0.38 17.92
N ILE D 98 17.89 0.03 18.76
CA ILE D 98 18.06 -0.11 20.20
C ILE D 98 17.63 -1.50 20.66
N ASN D 99 18.64 -2.35 20.88
CA ASN D 99 18.50 -3.77 21.21
C ASN D 99 18.38 -4.08 22.71
N GLY D 100 18.63 -3.10 23.56
CA GLY D 100 18.54 -3.28 25.01
C GLY D 100 18.68 -1.97 25.79
N ALA D 101 19.17 -2.09 27.03
CA ALA D 101 19.24 -0.94 27.92
C ALA D 101 20.11 0.17 27.33
N ALA D 102 19.57 1.38 27.33
CA ALA D 102 20.26 2.57 26.81
C ALA D 102 20.29 3.59 27.97
N VAL D 103 21.45 3.78 28.59
CA VAL D 103 21.53 4.41 29.89
C VAL D 103 22.58 5.53 29.87
N THR D 104 22.12 6.68 30.33
CA THR D 104 22.96 7.83 30.61
C THR D 104 23.69 8.20 29.34
N GLY D 105 24.99 8.06 29.28
CA GLY D 105 25.69 8.39 28.04
C GLY D 105 25.17 7.64 26.83
N GLY D 106 24.71 6.40 27.01
CA GLY D 106 24.18 5.60 25.90
C GLY D 106 22.80 6.05 25.45
N LEU D 107 22.08 6.71 26.35
CA LEU D 107 20.79 7.30 26.03
C LEU D 107 21.05 8.52 25.16
N GLU D 108 22.13 9.23 25.47
CA GLU D 108 22.57 10.35 24.65
C GLU D 108 22.97 9.86 23.24
N LEU D 109 23.68 8.75 23.13
CA LEU D 109 23.91 8.15 21.82
C LEU D 109 22.59 7.89 21.08
N ALA D 110 21.61 7.29 21.75
CA ALA D 110 20.28 7.13 21.15
C ALA D 110 19.67 8.51 20.78
N LEU D 111 19.86 9.50 21.64
CA LEU D 111 19.20 10.79 21.38
C LEU D 111 19.79 11.50 20.15
N TYR D 112 21.04 11.18 19.82
CA TYR D 112 21.72 11.79 18.70
C TYR D 112 21.18 11.26 17.38
N CYS D 113 20.61 10.06 17.41
CA CYS D 113 20.27 9.39 16.16
C CYS D 113 19.12 10.14 15.51
N ASP D 114 19.09 10.10 14.18
CA ASP D 114 17.97 10.65 13.44
C ASP D 114 16.64 9.92 13.69
N ILE D 115 16.68 8.60 13.59
CA ILE D 115 15.50 7.77 13.68
C ILE D 115 15.86 6.59 14.56
N LEU D 116 15.01 6.31 15.56
CA LEU D 116 15.19 5.12 16.41
C LEU D 116 14.10 4.09 16.13
N ILE D 117 14.48 2.81 16.23
CA ILE D 117 13.58 1.67 16.27
C ILE D 117 14.01 0.81 17.47
N ALA D 118 13.06 0.23 18.20
CA ALA D 118 13.38 -0.49 19.46
C ALA D 118 12.98 -1.94 19.39
N SER D 119 13.85 -2.80 19.87
CA SER D 119 13.44 -4.14 20.30
C SER D 119 12.46 -4.05 21.44
N GLU D 120 11.59 -5.04 21.57
CA GLU D 120 10.77 -5.15 22.79
C GLU D 120 11.64 -5.11 24.05
N ASN D 121 12.92 -5.43 23.90
CA ASN D 121 13.87 -5.47 25.01
C ASN D 121 14.53 -4.15 25.36
N ALA D 122 14.28 -3.14 24.52
CA ALA D 122 14.87 -1.85 24.73
C ALA D 122 14.30 -1.28 26.02
N ARG D 123 15.16 -0.57 26.74
CA ARG D 123 14.72 0.34 27.79
C ARG D 123 15.70 1.47 27.95
N PHE D 124 15.21 2.56 28.53
CA PHE D 124 15.98 3.78 28.57
C PHE D 124 16.00 4.33 29.98
N ALA D 125 17.14 4.86 30.40
CA ALA D 125 17.29 5.39 31.74
C ALA D 125 18.37 6.47 31.80
N ASP D 126 18.19 7.42 32.72
CA ASP D 126 19.19 8.47 32.94
C ASP D 126 19.61 8.42 34.37
N THR D 127 20.85 8.03 34.63
CA THR D 127 21.35 7.93 35.99
C THR D 127 22.35 9.02 36.33
N HIS D 128 22.44 10.05 35.48
CA HIS D 128 23.32 11.18 35.76
C HIS D 128 23.19 11.65 37.20
N ALA D 129 21.98 11.96 37.62
CA ALA D 129 21.79 12.49 38.94
C ALA D 129 22.29 11.47 39.93
N ARG D 130 21.79 10.24 39.79
CA ARG D 130 22.09 9.17 40.77
C ARG D 130 23.56 9.05 41.05
N VAL D 131 24.35 9.08 39.99
CA VAL D 131 25.78 8.93 40.10
C VAL D 131 26.53 10.24 40.37
N GLY D 132 25.85 11.38 40.35
CA GLY D 132 26.49 12.65 40.75
C GLY D 132 27.25 13.41 39.66
N LEU D 133 26.78 13.28 38.41
CA LEU D 133 27.33 14.01 37.25
C LEU D 133 26.23 14.67 36.47
N LEU D 134 26.51 15.85 35.92
CA LEU D 134 25.58 16.48 34.97
C LEU D 134 25.97 16.11 33.54
N PRO D 135 24.96 15.97 32.66
CA PRO D 135 25.18 15.52 31.28
C PRO D 135 25.88 16.57 30.42
N THR D 136 26.69 16.10 29.47
CA THR D 136 27.41 16.99 28.57
C THR D 136 27.26 16.61 27.10
N TRP D 137 26.49 15.56 26.81
CA TRP D 137 26.25 15.11 25.45
C TRP D 137 24.79 15.30 25.04
N GLY D 138 24.14 16.33 25.58
CA GLY D 138 22.85 16.82 25.04
C GLY D 138 21.57 16.30 25.72
N LEU D 139 21.71 15.37 26.66
CA LEU D 139 20.53 14.85 27.34
C LEU D 139 19.57 15.90 27.82
N SER D 140 20.10 16.91 28.52
CA SER D 140 19.22 17.88 29.18
C SER D 140 18.48 18.75 28.20
N VAL D 141 18.89 18.69 26.93
CA VAL D 141 18.18 19.38 25.85
C VAL D 141 17.31 18.40 25.05
N ARG D 142 17.90 17.28 24.61
CA ARG D 142 17.22 16.38 23.68
C ARG D 142 16.24 15.39 24.32
N LEU D 143 16.38 15.07 25.60
CA LEU D 143 15.40 14.19 26.25
C LEU D 143 14.05 14.91 26.33
N PRO D 144 14.01 16.10 26.94
CA PRO D 144 12.72 16.82 26.90
C PRO D 144 12.14 16.97 25.49
N GLN D 145 13.01 17.28 24.53
CA GLN D 145 12.67 17.43 23.11
C GLN D 145 11.99 16.19 22.52
N LYS D 146 12.47 15.00 22.88
CA LYS D 146 11.98 13.79 22.22
C LYS D 146 11.00 12.91 23.01
N VAL D 147 10.90 13.10 24.33
CA VAL D 147 9.93 12.40 25.19
C VAL D 147 8.96 13.33 25.92
N GLY D 148 9.19 14.64 25.86
CA GLY D 148 8.33 15.60 26.53
C GLY D 148 8.93 16.02 27.85
N ILE D 149 8.62 17.24 28.24
CA ILE D 149 9.21 17.84 29.42
C ILE D 149 8.98 17.00 30.68
N GLY D 150 7.74 16.59 30.92
CA GLY D 150 7.38 15.90 32.17
C GLY D 150 8.07 14.54 32.33
N LEU D 151 8.09 13.79 31.25
CA LEU D 151 8.65 12.47 31.29
C LEU D 151 10.18 12.53 31.36
N ALA D 152 10.78 13.57 30.82
CA ALA D 152 12.23 13.75 30.86
C ALA D 152 12.63 13.95 32.30
N ARG D 153 11.89 14.84 32.95
CA ARG D 153 12.18 15.21 34.32
C ARG D 153 11.94 14.04 35.27
N ARG D 154 10.88 13.28 35.02
CA ARG D 154 10.63 12.07 35.78
C ARG D 154 11.77 11.08 35.61
N MET D 155 12.18 10.88 34.37
CA MET D 155 13.23 9.95 34.11
C MET D 155 14.49 10.43 34.84
N SER D 156 14.86 11.69 34.63
CA SER D 156 16.14 12.19 35.14
C SER D 156 16.20 12.15 36.64
N LEU D 157 15.10 12.44 37.31
CA LEU D 157 15.12 12.66 38.75
C LEU D 157 14.87 11.38 39.57
N THR D 158 14.15 10.41 38.98
CA THR D 158 13.97 9.09 39.58
C THR D 158 15.08 8.13 39.19
N GLY D 159 15.60 8.28 37.97
CA GLY D 159 16.53 7.29 37.40
C GLY D 159 15.88 6.00 36.91
N ASP D 160 14.55 5.92 36.92
CA ASP D 160 13.85 4.70 36.54
C ASP D 160 13.91 4.46 35.02
N TYR D 161 13.80 3.19 34.65
CA TYR D 161 13.68 2.76 33.27
C TYR D 161 12.38 3.15 32.57
N LEU D 162 12.51 3.59 31.33
CA LEU D 162 11.38 3.74 30.42
C LEU D 162 11.36 2.47 29.56
N SER D 163 10.24 1.78 29.56
CA SER D 163 10.05 0.65 28.65
C SER D 163 9.98 1.09 27.17
N ALA D 164 10.14 0.11 26.30
CA ALA D 164 10.00 0.31 24.87
C ALA D 164 8.60 0.81 24.57
N ALA D 165 7.61 0.09 25.04
CA ALA D 165 6.22 0.47 24.77
C ALA D 165 5.95 1.92 25.13
N ASP D 166 6.54 2.38 26.25
CA ASP D 166 6.31 3.74 26.72
C ASP D 166 7.15 4.75 25.92
N ALA D 167 8.27 4.30 25.38
CA ALA D 167 9.11 5.16 24.57
C ALA D 167 8.46 5.40 23.20
N LEU D 168 7.86 4.34 22.63
CA LEU D 168 6.97 4.49 21.49
C LEU D 168 5.81 5.48 21.78
N ARG D 169 5.09 5.23 22.86
CA ARG D 169 4.00 6.10 23.21
C ARG D 169 4.50 7.55 23.33
N ALA D 170 5.68 7.77 23.88
CA ALA D 170 6.09 9.13 24.15
C ALA D 170 6.71 9.81 22.93
N GLY D 171 7.01 9.04 21.90
CA GLY D 171 7.61 9.58 20.67
C GLY D 171 9.13 9.44 20.60
N LEU D 172 9.71 8.73 21.55
CA LEU D 172 11.16 8.57 21.58
C LEU D 172 11.67 7.62 20.51
N VAL D 173 10.85 6.64 20.11
CA VAL D 173 11.22 5.70 19.07
C VAL D 173 10.06 5.61 18.12
N THR D 174 10.33 5.25 16.86
CA THR D 174 9.29 5.29 15.84
C THR D 174 8.54 3.99 15.71
N GLU D 175 9.13 2.89 16.22
CA GLU D 175 8.60 1.52 16.06
C GLU D 175 9.26 0.57 17.08
N VAL D 176 8.50 -0.41 17.57
CA VAL D 176 8.99 -1.42 18.46
C VAL D 176 8.63 -2.75 17.81
N VAL D 177 9.58 -3.69 17.81
CA VAL D 177 9.38 -4.98 17.13
C VAL D 177 9.93 -6.06 18.00
N PRO D 178 9.47 -7.31 17.79
CA PRO D 178 10.06 -8.38 18.60
C PRO D 178 11.57 -8.44 18.34
N HIS D 179 12.31 -8.87 19.36
CA HIS D 179 13.76 -8.76 19.37
C HIS D 179 14.49 -9.30 18.14
N ASP D 180 14.05 -10.44 17.64
CA ASP D 180 14.71 -11.10 16.52
C ASP D 180 14.46 -10.43 15.16
N GLN D 181 13.53 -9.49 15.12
CA GLN D 181 13.27 -8.70 13.92
C GLN D 181 13.95 -7.29 13.89
N LEU D 182 14.72 -6.93 14.92
CA LEU D 182 15.17 -5.52 15.08
C LEU D 182 15.99 -5.02 13.92
N LEU D 183 17.03 -5.77 13.62
CA LEU D 183 17.96 -5.44 12.56
C LEU D 183 17.29 -5.43 11.21
N GLY D 184 16.41 -6.39 10.96
CA GLY D 184 15.65 -6.42 9.73
C GLY D 184 14.81 -5.16 9.56
N ALA D 185 14.31 -4.66 10.67
CA ALA D 185 13.38 -3.55 10.66
C ALA D 185 14.17 -2.27 10.40
N ALA D 186 15.36 -2.21 10.98
CA ALA D 186 16.26 -1.09 10.77
C ALA D 186 16.69 -1.06 9.30
N GLN D 187 17.00 -2.24 8.75
CA GLN D 187 17.36 -2.40 7.35
C GLN D 187 16.20 -2.09 6.39
N ALA D 188 14.96 -2.19 6.85
CA ALA D 188 13.81 -1.90 5.97
C ALA D 188 13.71 -0.39 5.72
N VAL D 189 13.92 0.35 6.79
CA VAL D 189 13.92 1.79 6.75
C VAL D 189 15.14 2.30 5.93
N ALA D 190 16.34 1.78 6.22
CA ALA D 190 17.51 2.03 5.38
C ALA D 190 17.28 1.81 3.87
N ALA D 191 16.69 0.67 3.52
CA ALA D 191 16.47 0.34 2.12
C ALA D 191 15.62 1.44 1.49
N SER D 192 14.59 1.89 2.19
CA SER D 192 13.65 2.84 1.60
C SER D 192 14.38 4.16 1.37
N ILE D 193 15.20 4.58 2.33
CA ILE D 193 15.99 5.80 2.17
C ILE D 193 16.93 5.64 0.97
N VAL D 194 17.57 4.46 0.88
CA VAL D 194 18.58 4.19 -0.14
C VAL D 194 18.00 4.27 -1.56
N GLY D 195 16.74 3.90 -1.74
CA GLY D 195 16.07 4.01 -3.03
C GLY D 195 15.54 5.42 -3.41
N ASN D 196 15.61 6.38 -2.50
CA ASN D 196 15.20 7.76 -2.85
C ASN D 196 16.40 8.51 -3.42
N ASN D 197 16.24 9.79 -3.73
CA ASN D 197 17.29 10.55 -4.38
C ASN D 197 18.26 11.01 -3.28
N GLN D 198 19.50 10.56 -3.34
CA GLN D 198 20.46 10.80 -2.25
C GLN D 198 20.90 12.29 -2.13
N ASN D 199 20.87 13.04 -3.24
CA ASN D 199 21.20 14.46 -3.19
C ASN D 199 20.12 15.17 -2.38
N ALA D 200 18.88 14.78 -2.66
CA ALA D 200 17.72 15.27 -1.96
C ALA D 200 17.72 14.79 -0.51
N VAL D 201 17.97 13.51 -0.27
CA VAL D 201 17.96 13.00 1.12
C VAL D 201 18.95 13.82 1.94
N ARG D 202 20.14 14.01 1.39
CA ARG D 202 21.21 14.69 2.14
C ARG D 202 20.95 16.18 2.33
N ALA D 203 20.47 16.86 1.30
CA ALA D 203 20.18 18.30 1.43
C ALA D 203 19.09 18.50 2.48
N LEU D 204 18.03 17.71 2.40
CA LEU D 204 16.96 17.79 3.35
C LEU D 204 17.47 17.44 4.76
N LEU D 205 18.25 16.37 4.91
CA LEU D 205 18.70 16.02 6.27
C LEU D 205 19.60 17.11 6.87
N ALA D 206 20.47 17.69 6.05
CA ALA D 206 21.31 18.78 6.52
C ALA D 206 20.46 19.95 7.01
N SER D 207 19.42 20.26 6.27
CA SER D 207 18.56 21.38 6.59
C SER D 207 17.84 21.12 7.91
N TYR D 208 17.30 19.91 8.04
CA TYR D 208 16.69 19.49 9.30
C TYR D 208 17.71 19.66 10.43
N HIS D 209 18.95 19.28 10.20
CA HIS D 209 19.96 19.41 11.24
C HIS D 209 20.21 20.85 11.59
N ARG D 210 20.18 21.71 10.58
CA ARG D 210 20.50 23.09 10.76
C ARG D 210 19.40 23.77 11.52
N ILE D 211 18.15 23.38 11.22
CA ILE D 211 16.96 23.96 11.83
C ILE D 211 16.90 23.59 13.30
N ASP D 212 17.11 22.30 13.58
CA ASP D 212 17.13 21.79 14.93
C ASP D 212 18.32 22.40 15.70
N ASP D 213 19.47 22.52 15.06
CA ASP D 213 20.65 23.12 15.69
C ASP D 213 20.39 24.54 16.17
N ALA D 214 19.74 25.36 15.37
CA ALA D 214 19.37 26.71 15.77
C ALA D 214 18.53 26.73 17.06
N GLN D 215 17.71 25.69 17.23
CA GLN D 215 16.83 25.58 18.37
C GLN D 215 17.60 25.09 19.59
N THR D 216 18.60 24.22 19.40
CA THR D 216 19.25 23.56 20.55
C THR D 216 20.53 24.26 21.03
N SER D 217 21.13 25.09 20.20
CA SER D 217 22.44 25.64 20.53
C SER D 217 22.51 26.34 21.88
N ALA D 218 21.55 27.23 22.15
CA ALA D 218 21.54 27.96 23.43
C ALA D 218 21.53 26.94 24.57
N GLY D 219 20.68 25.94 24.48
CA GLY D 219 20.54 24.97 25.56
C GLY D 219 21.77 24.10 25.77
N LEU D 220 22.45 23.76 24.70
CA LEU D 220 23.68 22.99 24.83
C LEU D 220 24.75 23.83 25.52
N TRP D 221 24.81 25.11 25.22
CA TRP D 221 25.77 25.96 25.88
C TRP D 221 25.46 25.99 27.33
N GLN D 222 24.18 26.21 27.67
CA GLN D 222 23.77 26.26 29.08
C GLN D 222 23.94 24.89 29.80
N GLU D 223 23.69 23.79 29.12
CA GLU D 223 23.96 22.48 29.67
C GLU D 223 25.43 22.34 29.99
N ALA D 224 26.29 22.83 29.09
CA ALA D 224 27.73 22.76 29.27
C ALA D 224 28.18 23.65 30.43
N MET D 225 27.61 24.84 30.54
CA MET D 225 27.95 25.70 31.67
C MET D 225 27.42 25.10 32.98
N ALA D 226 26.29 24.42 32.92
CA ALA D 226 25.78 23.82 34.13
C ALA D 226 26.75 22.74 34.61
N ALA D 227 27.27 21.94 33.69
CA ALA D 227 28.16 20.84 34.03
C ALA D 227 29.49 21.33 34.60
N ARG D 228 30.07 22.35 33.95
CA ARG D 228 31.28 23.02 34.46
C ARG D 228 31.03 23.49 35.90
N GLN D 229 29.96 24.28 36.12
CA GLN D 229 29.70 24.86 37.47
C GLN D 229 29.53 23.77 38.55
N PHE D 230 28.94 22.64 38.19
CA PHE D 230 28.68 21.58 39.16
C PHE D 230 29.93 20.77 39.53
N ARG D 231 30.86 20.65 38.57
CA ARG D 231 32.21 20.10 38.84
C ARG D 231 33.02 21.03 39.76
N THR D 232 33.11 22.31 39.41
CA THR D 232 33.79 23.35 40.21
C THR D 232 33.33 23.38 41.67
N SER D 233 32.03 23.19 41.89
CA SER D 233 31.44 23.28 43.23
C SER D 233 31.61 21.98 44.03
N GLY D 234 31.52 20.83 43.35
CA GLY D 234 31.81 19.53 43.96
C GLY D 234 33.26 19.42 44.44
N ASP D 235 34.13 20.20 43.78
CA ASP D 235 35.55 20.32 44.14
C ASP D 235 35.84 21.28 45.31
N ASP D 236 34.91 22.19 45.62
CA ASP D 236 35.07 23.15 46.70
C ASP D 236 34.86 22.54 48.10
N GLU E 8 28.34 -15.09 -2.66
CA GLU E 8 27.22 -14.46 -1.86
C GLU E 8 26.00 -13.86 -2.64
N ILE E 9 26.16 -13.10 -3.72
CA ILE E 9 24.96 -12.46 -4.33
C ILE E 9 23.90 -13.43 -4.91
N LEU E 10 24.33 -14.65 -5.23
CA LEU E 10 23.40 -15.74 -5.60
C LEU E 10 23.74 -17.00 -4.76
N LEU E 11 22.73 -17.60 -4.16
CA LEU E 11 22.92 -18.86 -3.47
C LEU E 11 22.43 -20.01 -4.33
N SER E 12 23.10 -21.13 -4.16
CA SER E 12 22.85 -22.35 -4.93
C SER E 12 22.95 -23.54 -3.99
N ASN E 13 21.97 -24.43 -4.04
CA ASN E 13 21.99 -25.61 -3.21
C ASN E 13 21.18 -26.72 -3.87
N THR E 14 21.68 -27.94 -3.83
CA THR E 14 21.04 -29.07 -4.53
C THR E 14 20.71 -30.19 -3.53
N GLU E 15 19.42 -30.49 -3.38
CA GLU E 15 18.91 -31.55 -2.51
C GLU E 15 17.90 -32.41 -3.28
N GLU E 16 18.08 -33.72 -3.20
CA GLU E 16 17.24 -34.66 -3.96
C GLU E 16 17.12 -34.27 -5.45
N ARG E 17 18.24 -33.93 -6.08
CA ARG E 17 18.27 -33.56 -7.51
C ARG E 17 17.44 -32.31 -7.88
N VAL E 18 17.02 -31.55 -6.88
CA VAL E 18 16.35 -30.26 -7.11
C VAL E 18 17.32 -29.17 -6.69
N ARG E 19 17.75 -28.33 -7.63
CA ARG E 19 18.65 -27.21 -7.31
C ARG E 19 17.87 -25.93 -7.13
N THR E 20 18.10 -25.29 -6.00
CA THR E 20 17.44 -24.05 -5.68
C THR E 20 18.44 -22.93 -5.83
N LEU E 21 18.08 -21.96 -6.67
CA LEU E 21 18.86 -20.74 -6.92
C LEU E 21 18.19 -19.60 -6.18
N THR E 22 18.90 -18.92 -5.27
CA THR E 22 18.29 -17.88 -4.45
C THR E 22 18.94 -16.53 -4.72
N LEU E 23 18.17 -15.60 -5.28
CA LEU E 23 18.65 -14.23 -5.43
C LEU E 23 18.87 -13.65 -4.04
N ASN E 24 20.07 -13.14 -3.80
CA ASN E 24 20.54 -12.86 -2.46
C ASN E 24 21.28 -11.52 -2.36
N ARG E 25 20.54 -10.44 -2.63
CA ARG E 25 20.91 -9.10 -2.21
C ARG E 25 19.70 -8.48 -1.52
N PRO E 26 19.24 -9.12 -0.43
CA PRO E 26 18.00 -8.77 0.25
C PRO E 26 17.95 -7.31 0.69
N GLN E 27 19.08 -6.73 1.07
CA GLN E 27 19.06 -5.34 1.49
C GLN E 27 18.87 -4.40 0.30
N ALA E 28 19.17 -4.88 -0.91
CA ALA E 28 18.86 -4.14 -2.13
C ALA E 28 17.59 -4.69 -2.77
N ARG E 29 16.77 -5.34 -1.95
CA ARG E 29 15.55 -6.02 -2.43
C ARG E 29 15.79 -6.89 -3.68
N ASN E 30 16.91 -7.59 -3.72
CA ASN E 30 17.25 -8.52 -4.82
C ASN E 30 17.22 -7.90 -6.23
N ALA E 31 17.60 -6.65 -6.33
CA ALA E 31 17.70 -5.99 -7.62
C ALA E 31 18.74 -6.71 -8.44
N LEU E 32 18.55 -6.73 -9.76
CA LEU E 32 19.45 -7.44 -10.66
C LEU E 32 20.46 -6.47 -11.19
N SER E 33 21.62 -6.49 -10.57
CA SER E 33 22.83 -5.84 -11.09
C SER E 33 23.42 -6.62 -12.27
N ALA E 34 24.41 -6.03 -12.93
CA ALA E 34 25.14 -6.74 -14.00
C ALA E 34 25.74 -8.05 -13.46
N ALA E 35 26.34 -7.98 -12.28
CA ALA E 35 26.89 -9.16 -11.62
C ALA E 35 25.84 -10.23 -11.32
N LEU E 36 24.67 -9.82 -10.83
CA LEU E 36 23.64 -10.77 -10.49
C LEU E 36 23.00 -11.35 -11.73
N ARG E 37 22.92 -10.56 -12.80
CA ARG E 37 22.40 -11.11 -14.05
C ARG E 37 23.34 -12.20 -14.58
N ASP E 38 24.62 -11.89 -14.73
CA ASP E 38 25.60 -12.88 -15.20
C ASP E 38 25.57 -14.16 -14.36
N ARG E 39 25.48 -14.01 -13.05
CA ARG E 39 25.57 -15.13 -12.15
C ARG E 39 24.29 -15.98 -12.19
N PHE E 40 23.15 -15.31 -12.27
CA PHE E 40 21.89 -16.02 -12.35
C PHE E 40 21.72 -16.76 -13.67
N PHE E 41 21.79 -16.04 -14.78
CA PHE E 41 21.60 -16.64 -16.09
C PHE E 41 22.68 -17.68 -16.39
N GLY E 42 23.86 -17.51 -15.83
CA GLY E 42 24.92 -18.52 -15.93
C GLY E 42 24.54 -19.74 -15.10
N ALA E 43 24.00 -19.52 -13.91
CA ALA E 43 23.61 -20.63 -13.07
C ALA E 43 22.52 -21.47 -13.69
N LEU E 44 21.58 -20.86 -14.41
CA LEU E 44 20.54 -21.66 -15.11
C LEU E 44 21.19 -22.52 -16.20
N ALA E 45 21.97 -21.89 -17.09
CA ALA E 45 22.67 -22.59 -18.16
C ALA E 45 23.42 -23.80 -17.62
N ASP E 46 24.07 -23.65 -16.46
CA ASP E 46 24.88 -24.73 -15.88
C ASP E 46 23.99 -25.89 -15.41
N ALA E 47 22.80 -25.55 -14.91
CA ALA E 47 21.88 -26.55 -14.41
C ALA E 47 21.36 -27.45 -15.52
N GLU E 48 21.16 -26.89 -16.72
CA GLU E 48 20.75 -27.68 -17.87
C GLU E 48 21.79 -28.78 -18.12
N THR E 49 23.08 -28.43 -18.08
CA THR E 49 24.14 -29.39 -18.44
C THR E 49 24.59 -30.28 -17.29
N ASP E 50 24.08 -30.06 -16.08
CA ASP E 50 24.57 -30.76 -14.88
C ASP E 50 23.69 -31.97 -14.60
N ASP E 51 24.26 -33.15 -14.77
CA ASP E 51 23.51 -34.42 -14.70
C ASP E 51 23.01 -34.76 -13.31
N ASP E 52 23.46 -34.01 -12.31
CA ASP E 52 22.98 -34.15 -10.95
C ASP E 52 21.64 -33.46 -10.69
N VAL E 53 21.15 -32.65 -11.65
CA VAL E 53 19.94 -31.84 -11.46
C VAL E 53 18.84 -32.24 -12.45
N ASP E 54 17.60 -32.36 -11.95
CA ASP E 54 16.40 -32.60 -12.76
C ASP E 54 15.48 -31.40 -12.81
N VAL E 55 15.38 -30.67 -11.70
CA VAL E 55 14.51 -29.51 -11.57
C VAL E 55 15.24 -28.34 -10.95
N VAL E 56 14.84 -27.14 -11.36
CA VAL E 56 15.41 -25.93 -10.80
C VAL E 56 14.28 -25.22 -10.08
N ILE E 57 14.54 -24.72 -8.88
CA ILE E 57 13.64 -23.77 -8.24
C ILE E 57 14.36 -22.44 -8.14
N ILE E 58 13.69 -21.34 -8.49
CA ILE E 58 14.25 -20.00 -8.24
C ILE E 58 13.44 -19.26 -7.18
N THR E 59 14.13 -18.53 -6.29
CA THR E 59 13.44 -17.73 -5.25
C THR E 59 14.29 -16.54 -4.84
N GLY E 60 13.78 -15.70 -3.95
CA GLY E 60 14.57 -14.60 -3.40
C GLY E 60 14.71 -14.58 -1.88
N ALA E 61 15.79 -13.98 -1.40
CA ALA E 61 15.92 -13.77 0.05
C ALA E 61 14.89 -12.73 0.45
N ASP E 62 14.18 -12.97 1.53
CA ASP E 62 13.10 -12.07 1.98
C ASP E 62 13.58 -10.63 2.26
N PRO E 63 12.66 -9.66 2.22
CA PRO E 63 11.20 -9.79 2.06
C PRO E 63 10.71 -9.70 0.63
N VAL E 64 11.62 -9.49 -0.33
CA VAL E 64 11.26 -9.29 -1.75
C VAL E 64 11.79 -10.44 -2.60
N PHE E 65 11.06 -10.79 -3.66
CA PHE E 65 11.56 -11.76 -4.63
C PHE E 65 12.59 -11.07 -5.56
N CYS E 66 12.11 -10.10 -6.34
CA CYS E 66 12.99 -9.29 -7.16
C CYS E 66 12.41 -7.91 -7.47
N ALA E 67 13.10 -6.85 -7.05
CA ALA E 67 12.66 -5.48 -7.38
C ALA E 67 12.92 -5.06 -8.84
N GLY E 68 13.56 -5.91 -9.64
CA GLY E 68 13.85 -5.56 -11.03
C GLY E 68 15.29 -5.14 -11.20
N LEU E 69 15.62 -4.66 -12.38
CA LEU E 69 16.97 -4.28 -12.72
C LEU E 69 17.49 -3.21 -11.77
N ASP E 70 18.79 -3.25 -11.49
CA ASP E 70 19.44 -2.26 -10.66
C ASP E 70 19.48 -0.98 -11.48
N LEU E 71 18.43 -0.17 -11.31
CA LEU E 71 18.24 1.07 -12.03
C LEU E 71 19.31 2.11 -11.58
N LYS E 72 19.65 2.10 -10.28
CA LYS E 72 20.78 2.89 -9.75
C LYS E 72 21.97 2.78 -10.71
N GLU E 73 22.39 1.53 -10.94
CA GLU E 73 23.51 1.21 -11.84
C GLU E 73 23.30 1.74 -13.29
N LEU E 74 22.11 1.47 -13.86
CA LEU E 74 21.78 1.87 -15.26
C LEU E 74 21.10 3.24 -15.31
N ILE E 83 19.19 -3.42 -22.82
CA ILE E 83 19.04 -4.57 -21.93
C ILE E 83 18.48 -5.79 -22.69
N SER E 84 19.38 -6.66 -23.15
CA SER E 84 18.98 -7.79 -23.99
C SER E 84 18.53 -8.98 -23.18
N PRO E 85 17.63 -9.81 -23.75
CA PRO E 85 17.11 -11.02 -23.08
C PRO E 85 18.15 -12.12 -22.99
N ARG E 86 18.18 -12.82 -21.88
CA ARG E 86 19.25 -13.75 -21.59
C ARG E 86 18.80 -15.10 -21.06
N TRP E 87 17.54 -15.23 -20.69
CA TRP E 87 17.06 -16.52 -20.21
C TRP E 87 17.42 -17.57 -21.27
N PRO E 88 18.15 -18.62 -20.87
CA PRO E 88 18.66 -19.59 -21.83
C PRO E 88 17.66 -20.69 -22.17
N ALA E 89 17.99 -21.49 -23.17
CA ALA E 89 17.14 -22.60 -23.59
C ALA E 89 17.29 -23.77 -22.61
N LEU E 90 16.22 -24.14 -21.92
CA LEU E 90 16.26 -25.23 -20.94
C LEU E 90 15.27 -26.34 -21.31
N THR E 91 15.60 -27.58 -21.01
CA THR E 91 14.63 -28.64 -21.06
C THR E 91 14.31 -29.16 -19.67
N LYS E 92 15.01 -28.69 -18.63
CA LYS E 92 14.59 -29.01 -17.27
C LYS E 92 13.60 -27.94 -16.75
N PRO E 93 12.62 -28.35 -15.97
CA PRO E 93 11.64 -27.40 -15.52
C PRO E 93 12.17 -26.46 -14.49
N VAL E 94 11.67 -25.21 -14.52
CA VAL E 94 11.99 -24.19 -13.55
C VAL E 94 10.71 -23.77 -12.84
N ILE E 95 10.71 -23.97 -11.51
CA ILE E 95 9.62 -23.58 -10.65
C ILE E 95 9.96 -22.26 -9.94
N GLY E 96 9.13 -21.24 -10.10
CA GLY E 96 9.36 -19.99 -9.40
C GLY E 96 8.65 -20.04 -8.07
N ALA E 97 9.43 -19.91 -6.98
CA ALA E 97 8.90 -19.82 -5.61
C ALA E 97 8.85 -18.35 -5.18
N ILE E 98 7.72 -17.69 -5.39
CA ILE E 98 7.69 -16.22 -5.29
C ILE E 98 7.40 -15.77 -3.90
N ASN E 99 8.43 -15.29 -3.20
CA ASN E 99 8.35 -15.01 -1.76
C ASN E 99 7.91 -13.60 -1.37
N GLY E 100 7.79 -12.72 -2.36
CA GLY E 100 7.44 -11.32 -2.09
C GLY E 100 7.28 -10.59 -3.41
N ALA E 101 7.46 -9.27 -3.39
CA ALA E 101 7.21 -8.46 -4.57
C ALA E 101 8.06 -8.91 -5.76
N ALA E 102 7.38 -9.09 -6.89
CA ALA E 102 8.02 -9.30 -8.20
C ALA E 102 7.63 -8.11 -9.06
N VAL E 103 8.57 -7.20 -9.29
CA VAL E 103 8.31 -5.93 -9.95
C VAL E 103 9.09 -5.80 -11.24
N THR E 104 8.40 -5.43 -12.31
CA THR E 104 9.00 -5.03 -13.58
C THR E 104 9.93 -6.12 -14.16
N GLY E 105 11.23 -5.94 -14.17
CA GLY E 105 12.08 -6.99 -14.71
C GLY E 105 12.03 -8.23 -13.82
N GLY E 106 11.65 -8.03 -12.57
CA GLY E 106 11.51 -9.12 -11.63
C GLY E 106 10.25 -9.90 -11.93
N LEU E 107 9.23 -9.19 -12.39
CA LEU E 107 8.01 -9.82 -12.84
C LEU E 107 8.32 -10.63 -14.09
N GLU E 108 9.19 -10.11 -14.94
CA GLU E 108 9.57 -10.83 -16.14
C GLU E 108 10.28 -12.12 -15.79
N LEU E 109 11.13 -12.10 -14.79
CA LEU E 109 11.73 -13.34 -14.33
C LEU E 109 10.65 -14.36 -13.92
N ALA E 110 9.66 -13.93 -13.17
CA ALA E 110 8.62 -14.85 -12.73
C ALA E 110 7.95 -15.45 -13.99
N LEU E 111 7.68 -14.58 -14.97
CA LEU E 111 7.00 -14.95 -16.19
C LEU E 111 7.74 -15.99 -17.01
N TYR E 112 9.07 -15.98 -16.97
CA TYR E 112 9.87 -17.01 -17.63
C TYR E 112 9.70 -18.41 -16.97
N CYS E 113 9.40 -18.48 -15.68
CA CYS E 113 9.24 -19.78 -15.05
C CYS E 113 8.14 -20.62 -15.67
N ASP E 114 8.38 -21.93 -15.75
CA ASP E 114 7.34 -22.86 -16.22
C ASP E 114 6.16 -22.92 -15.27
N ILE E 115 6.43 -22.93 -13.97
CA ILE E 115 5.44 -23.12 -12.96
C ILE E 115 5.73 -22.17 -11.81
N LEU E 116 4.69 -21.48 -11.35
CA LEU E 116 4.84 -20.54 -10.23
C LEU E 116 4.06 -21.06 -9.03
N ILE E 117 4.64 -20.87 -7.85
CA ILE E 117 3.94 -21.00 -6.59
C ILE E 117 4.28 -19.78 -5.78
N ALA E 118 3.32 -19.30 -4.99
CA ALA E 118 3.42 -18.01 -4.33
C ALA E 118 3.18 -18.06 -2.82
N SER E 119 3.98 -17.29 -2.08
CA SER E 119 3.67 -16.98 -0.71
C SER E 119 2.48 -16.06 -0.69
N GLU E 120 1.75 -16.10 0.43
CA GLU E 120 0.74 -15.08 0.72
C GLU E 120 1.34 -13.69 0.63
N ASN E 121 2.65 -13.58 0.88
CA ASN E 121 3.38 -12.32 0.66
C ASN E 121 3.70 -11.89 -0.76
N ALA E 122 3.50 -12.77 -1.75
CA ALA E 122 3.77 -12.45 -3.13
C ALA E 122 2.91 -11.27 -3.54
N ARG E 123 3.47 -10.41 -4.39
CA ARG E 123 2.68 -9.45 -5.16
C ARG E 123 3.40 -9.13 -6.45
N PHE E 124 2.68 -8.60 -7.41
CA PHE E 124 3.25 -8.47 -8.72
C PHE E 124 2.86 -7.13 -9.29
N ALA E 125 3.82 -6.50 -9.98
CA ALA E 125 3.65 -5.18 -10.52
C ALA E 125 4.48 -4.96 -11.78
N ASP E 126 3.98 -4.16 -12.72
CA ASP E 126 4.77 -3.67 -13.85
C ASP E 126 4.86 -2.16 -13.80
N THR E 127 6.06 -1.62 -13.56
CA THR E 127 6.25 -0.17 -13.42
C THR E 127 6.92 0.46 -14.66
N HIS E 128 7.14 -0.33 -15.71
CA HIS E 128 7.73 0.20 -16.96
C HIS E 128 7.17 1.56 -17.35
N ALA E 129 5.85 1.64 -17.58
CA ALA E 129 5.23 2.94 -17.92
C ALA E 129 5.42 3.99 -16.80
N ARG E 130 5.45 3.56 -15.55
CA ARG E 130 5.64 4.51 -14.47
C ARG E 130 7.02 5.16 -14.52
N VAL E 131 8.09 4.38 -14.71
CA VAL E 131 9.45 4.91 -14.74
C VAL E 131 9.88 5.35 -16.17
N GLY E 132 8.96 5.30 -17.11
CA GLY E 132 9.20 5.80 -18.44
C GLY E 132 10.00 4.91 -19.37
N LEU E 133 9.95 3.58 -19.18
CA LEU E 133 10.66 2.60 -20.02
C LEU E 133 9.70 1.61 -20.68
N LEU E 134 10.22 0.81 -21.62
CA LEU E 134 9.51 -0.29 -22.22
C LEU E 134 10.23 -1.59 -21.96
N PRO E 135 9.47 -2.68 -21.87
CA PRO E 135 10.04 -3.98 -21.56
C PRO E 135 10.77 -4.60 -22.75
N THR E 136 11.82 -5.36 -22.43
CA THR E 136 12.59 -6.14 -23.40
C THR E 136 12.75 -7.60 -23.03
N TRP E 137 12.17 -8.00 -21.91
CA TRP E 137 12.28 -9.36 -21.43
C TRP E 137 10.93 -10.08 -21.47
N GLY E 138 10.07 -9.71 -22.42
CA GLY E 138 8.85 -10.47 -22.73
C GLY E 138 7.60 -10.13 -21.96
N LEU E 139 7.68 -9.19 -21.03
CA LEU E 139 6.49 -8.83 -20.27
C LEU E 139 5.30 -8.61 -21.20
N SER E 140 5.51 -7.89 -22.28
CA SER E 140 4.37 -7.43 -23.04
C SER E 140 3.77 -8.58 -23.85
N VAL E 141 4.46 -9.72 -23.89
CA VAL E 141 3.89 -10.90 -24.51
C VAL E 141 3.30 -11.80 -23.46
N ARG E 142 4.08 -12.10 -22.42
CA ARG E 142 3.75 -13.18 -21.50
C ARG E 142 2.79 -12.76 -20.41
N LEU E 143 2.82 -11.49 -20.01
CA LEU E 143 1.84 -11.00 -19.05
C LEU E 143 0.41 -11.30 -19.51
N PRO E 144 0.05 -10.88 -20.73
CA PRO E 144 -1.34 -11.14 -21.06
C PRO E 144 -1.62 -12.63 -21.33
N GLN E 145 -0.61 -13.32 -21.83
CA GLN E 145 -0.64 -14.77 -21.95
C GLN E 145 -1.01 -15.46 -20.62
N LYS E 146 -0.49 -14.96 -19.50
CA LYS E 146 -0.59 -15.70 -18.26
C LYS E 146 -1.56 -15.07 -17.24
N VAL E 147 -1.88 -13.77 -17.34
CA VAL E 147 -2.95 -13.16 -16.48
C VAL E 147 -4.18 -12.71 -17.22
N GLY E 148 -4.15 -12.75 -18.55
CA GLY E 148 -5.25 -12.23 -19.37
C GLY E 148 -5.01 -10.82 -19.90
N ILE E 149 -5.66 -10.51 -21.02
CA ILE E 149 -5.38 -9.25 -21.73
C ILE E 149 -5.71 -8.01 -20.89
N GLY E 150 -6.89 -8.00 -20.29
CA GLY E 150 -7.34 -6.82 -19.56
C GLY E 150 -6.59 -6.60 -18.26
N LEU E 151 -6.37 -7.68 -17.52
CA LEU E 151 -5.59 -7.55 -16.30
C LEU E 151 -4.15 -7.10 -16.61
N ALA E 152 -3.54 -7.64 -17.64
CA ALA E 152 -2.20 -7.24 -18.06
C ALA E 152 -2.16 -5.73 -18.39
N ARG E 153 -3.21 -5.27 -19.05
CA ARG E 153 -3.29 -3.89 -19.44
C ARG E 153 -3.58 -2.97 -18.24
N ARG E 154 -4.47 -3.40 -17.36
CA ARG E 154 -4.65 -2.70 -16.10
C ARG E 154 -3.32 -2.62 -15.28
N MET E 155 -2.58 -3.74 -15.22
CA MET E 155 -1.32 -3.77 -14.45
C MET E 155 -0.26 -2.85 -15.05
N SER E 156 -0.07 -2.96 -16.36
CA SER E 156 0.98 -2.22 -17.04
C SER E 156 0.73 -0.70 -17.02
N LEU E 157 -0.50 -0.28 -17.25
CA LEU E 157 -0.79 1.12 -17.38
C LEU E 157 -0.98 1.83 -16.04
N THR E 158 -1.47 1.13 -15.02
CA THR E 158 -1.61 1.77 -13.70
C THR E 158 -0.31 1.67 -12.91
N GLY E 159 0.37 0.55 -13.10
CA GLY E 159 1.54 0.22 -12.30
C GLY E 159 1.20 -0.32 -10.92
N ASP E 160 -0.06 -0.70 -10.69
CA ASP E 160 -0.54 -1.07 -9.34
C ASP E 160 -0.17 -2.52 -9.08
N TYR E 161 -0.11 -2.86 -7.81
CA TYR E 161 0.23 -4.20 -7.39
C TYR E 161 -0.93 -5.15 -7.61
N LEU E 162 -0.60 -6.38 -8.05
CA LEU E 162 -1.53 -7.49 -8.02
C LEU E 162 -1.16 -8.42 -6.87
N SER E 163 -2.14 -8.74 -6.04
CA SER E 163 -1.95 -9.59 -4.91
C SER E 163 -1.83 -11.06 -5.31
N ALA E 164 -1.46 -11.87 -4.32
CA ALA E 164 -1.24 -13.29 -4.47
C ALA E 164 -2.58 -13.98 -4.77
N ALA E 165 -3.58 -13.64 -3.97
CA ALA E 165 -4.92 -14.14 -4.19
C ALA E 165 -5.42 -13.83 -5.60
N ASP E 166 -5.24 -12.61 -6.09
CA ASP E 166 -5.73 -12.27 -7.43
C ASP E 166 -4.87 -12.96 -8.47
N ALA E 167 -3.59 -13.14 -8.17
CA ALA E 167 -2.70 -13.78 -9.12
C ALA E 167 -3.12 -15.22 -9.30
N LEU E 168 -3.54 -15.87 -8.20
CA LEU E 168 -4.10 -17.23 -8.23
C LEU E 168 -5.36 -17.25 -9.09
N ARG E 169 -6.25 -16.28 -8.89
CA ARG E 169 -7.51 -16.20 -9.62
C ARG E 169 -7.31 -16.10 -11.12
N ALA E 170 -6.40 -15.22 -11.52
CA ALA E 170 -6.15 -14.95 -12.94
C ALA E 170 -5.30 -16.02 -13.62
N GLY E 171 -4.71 -16.92 -12.84
CA GLY E 171 -3.88 -18.02 -13.41
C GLY E 171 -2.40 -17.70 -13.59
N LEU E 172 -1.93 -16.61 -13.00
CA LEU E 172 -0.50 -16.28 -12.97
C LEU E 172 0.31 -17.22 -12.08
N VAL E 173 -0.26 -17.69 -10.96
CA VAL E 173 0.41 -18.71 -10.12
C VAL E 173 -0.51 -19.90 -10.01
N THR E 174 0.04 -21.08 -9.69
CA THR E 174 -0.77 -22.29 -9.58
C THR E 174 -1.26 -22.55 -8.16
N GLU E 175 -0.54 -21.97 -7.18
CA GLU E 175 -0.79 -22.25 -5.79
C GLU E 175 -0.35 -21.04 -4.92
N VAL E 176 -1.06 -20.81 -3.83
CA VAL E 176 -0.69 -19.84 -2.83
C VAL E 176 -0.70 -20.54 -1.48
N VAL E 177 0.34 -20.33 -0.68
CA VAL E 177 0.46 -20.95 0.62
C VAL E 177 1.02 -19.96 1.65
N PRO E 178 0.89 -20.27 2.94
CA PRO E 178 1.48 -19.38 3.96
C PRO E 178 2.96 -19.23 3.80
N HIS E 179 3.47 -18.06 4.15
CA HIS E 179 4.84 -17.71 3.86
C HIS E 179 5.82 -18.80 4.24
N ASP E 180 5.68 -19.32 5.46
CA ASP E 180 6.62 -20.30 6.00
C ASP E 180 6.59 -21.66 5.28
N GLN E 181 5.58 -21.90 4.42
CA GLN E 181 5.44 -23.17 3.70
C GLN E 181 5.94 -23.12 2.25
N LEU E 182 6.28 -21.92 1.76
CA LEU E 182 6.55 -21.71 0.33
C LEU E 182 7.54 -22.68 -0.29
N LEU E 183 8.75 -22.79 0.27
CA LEU E 183 9.79 -23.63 -0.31
C LEU E 183 9.46 -25.11 -0.23
N GLY E 184 8.82 -25.49 0.87
CA GLY E 184 8.31 -26.86 1.02
C GLY E 184 7.37 -27.24 -0.12
N ALA E 185 6.50 -26.31 -0.50
CA ALA E 185 5.52 -26.53 -1.55
C ALA E 185 6.20 -26.68 -2.90
N ALA E 186 7.22 -25.88 -3.14
CA ALA E 186 7.93 -25.93 -4.39
C ALA E 186 8.69 -27.24 -4.47
N GLN E 187 9.29 -27.63 -3.34
CA GLN E 187 10.02 -28.90 -3.29
C GLN E 187 9.08 -30.08 -3.48
N ALA E 188 7.83 -29.93 -3.06
CA ALA E 188 6.90 -31.05 -3.23
C ALA E 188 6.55 -31.23 -4.72
N VAL E 189 6.32 -30.13 -5.41
CA VAL E 189 6.02 -30.22 -6.83
C VAL E 189 7.22 -30.75 -7.56
N ALA E 190 8.41 -30.32 -7.15
CA ALA E 190 9.65 -30.80 -7.79
C ALA E 190 9.89 -32.30 -7.53
N ALA E 191 9.55 -32.78 -6.35
CA ALA E 191 9.76 -34.17 -6.02
C ALA E 191 8.89 -35.04 -6.92
N SER E 192 7.67 -34.56 -7.19
CA SER E 192 6.74 -35.29 -8.05
C SER E 192 7.29 -35.37 -9.48
N ILE E 193 7.90 -34.30 -9.95
CA ILE E 193 8.53 -34.31 -11.27
C ILE E 193 9.70 -35.29 -11.29
N VAL E 194 10.55 -35.21 -10.27
CA VAL E 194 11.74 -36.04 -10.14
C VAL E 194 11.40 -37.52 -10.17
N GLY E 195 10.27 -37.87 -9.57
CA GLY E 195 9.79 -39.26 -9.52
C GLY E 195 9.19 -39.78 -10.83
N ASN E 196 9.01 -38.92 -11.83
CA ASN E 196 8.55 -39.38 -13.15
C ASN E 196 9.74 -39.68 -14.07
N ASN E 197 9.44 -40.16 -15.29
CA ASN E 197 10.48 -40.53 -16.26
C ASN E 197 11.08 -39.28 -16.87
N GLN E 198 12.37 -39.07 -16.66
CA GLN E 198 12.98 -37.79 -16.97
C GLN E 198 13.21 -37.61 -18.46
N ASN E 199 13.42 -38.71 -19.20
CA ASN E 199 13.48 -38.59 -20.65
C ASN E 199 12.16 -37.95 -21.16
N ALA E 200 11.05 -38.39 -20.59
CA ALA E 200 9.75 -37.90 -21.02
C ALA E 200 9.48 -36.51 -20.49
N VAL E 201 9.89 -36.24 -19.26
CA VAL E 201 9.72 -34.92 -18.69
C VAL E 201 10.32 -33.88 -19.62
N ARG E 202 11.56 -34.13 -20.02
CA ARG E 202 12.35 -33.15 -20.78
C ARG E 202 11.89 -33.08 -22.24
N ALA E 203 11.65 -34.23 -22.88
CA ALA E 203 11.11 -34.24 -24.21
C ALA E 203 9.79 -33.52 -24.25
N LEU E 204 8.91 -33.78 -23.29
CA LEU E 204 7.63 -33.12 -23.26
C LEU E 204 7.79 -31.61 -23.02
N LEU E 205 8.61 -31.24 -22.04
CA LEU E 205 8.79 -29.83 -21.74
C LEU E 205 9.45 -29.10 -22.92
N ALA E 206 10.40 -29.77 -23.61
CA ALA E 206 11.03 -29.15 -24.79
C ALA E 206 9.96 -28.92 -25.84
N SER E 207 9.06 -29.88 -26.01
CA SER E 207 7.98 -29.72 -26.98
C SER E 207 7.05 -28.55 -26.62
N TYR E 208 6.68 -28.46 -25.36
CA TYR E 208 5.84 -27.34 -24.89
C TYR E 208 6.51 -25.98 -25.18
N HIS E 209 7.82 -25.90 -24.97
CA HIS E 209 8.56 -24.65 -25.20
C HIS E 209 8.56 -24.29 -26.67
N ARG E 210 8.64 -25.30 -27.52
CA ARG E 210 8.71 -25.10 -28.96
C ARG E 210 7.35 -24.55 -29.40
N ILE E 211 6.26 -25.19 -28.91
CA ILE E 211 4.89 -24.79 -29.28
C ILE E 211 4.61 -23.38 -28.75
N ASP E 212 4.96 -23.09 -27.51
CA ASP E 212 4.85 -21.76 -27.01
C ASP E 212 5.70 -20.78 -27.83
N ASP E 213 6.99 -21.08 -28.05
CA ASP E 213 7.89 -20.15 -28.78
C ASP E 213 7.33 -19.77 -30.16
N ALA E 214 6.77 -20.77 -30.84
CA ALA E 214 6.09 -20.56 -32.11
C ALA E 214 4.99 -19.50 -32.06
N GLN E 215 4.26 -19.42 -30.96
CA GLN E 215 3.23 -18.39 -30.80
C GLN E 215 3.77 -17.03 -30.34
N THR E 216 4.90 -17.02 -29.63
CA THR E 216 5.38 -15.80 -28.97
C THR E 216 6.51 -15.07 -29.72
N SER E 217 7.14 -15.72 -30.69
CA SER E 217 8.26 -15.13 -31.43
C SER E 217 7.90 -13.84 -32.11
N ALA E 218 6.83 -13.84 -32.89
CA ALA E 218 6.41 -12.66 -33.60
C ALA E 218 6.20 -11.56 -32.59
N GLY E 219 5.57 -11.86 -31.47
CA GLY E 219 5.24 -10.83 -30.49
C GLY E 219 6.46 -10.28 -29.75
N LEU E 220 7.37 -11.19 -29.39
CA LEU E 220 8.66 -10.80 -28.85
C LEU E 220 9.49 -9.94 -29.81
N TRP E 221 9.44 -10.22 -31.12
CA TRP E 221 10.12 -9.34 -32.08
C TRP E 221 9.56 -7.93 -32.04
N GLN E 222 8.24 -7.84 -32.04
CA GLN E 222 7.56 -6.57 -31.93
C GLN E 222 7.85 -5.87 -30.61
N GLU E 223 7.97 -6.62 -29.52
CA GLU E 223 8.34 -5.98 -28.26
C GLU E 223 9.72 -5.35 -28.45
N ALA E 224 10.64 -6.09 -29.05
CA ALA E 224 11.99 -5.55 -29.23
C ALA E 224 11.96 -4.29 -30.10
N MET E 225 11.20 -4.32 -31.19
CA MET E 225 11.18 -3.18 -32.10
C MET E 225 10.53 -1.97 -31.38
N ALA E 226 9.43 -2.19 -30.68
CA ALA E 226 8.77 -1.09 -29.95
C ALA E 226 9.76 -0.40 -28.98
N ALA E 227 10.55 -1.19 -28.25
CA ALA E 227 11.56 -0.65 -27.33
C ALA E 227 12.62 0.15 -28.04
N ARG E 228 13.16 -0.37 -29.15
CA ARG E 228 14.14 0.42 -29.89
C ARG E 228 13.52 1.74 -30.33
N GLN E 229 12.30 1.74 -30.89
CA GLN E 229 11.71 2.97 -31.41
C GLN E 229 11.44 3.97 -30.28
N PHE E 230 11.11 3.46 -29.11
CA PHE E 230 10.82 4.33 -27.97
C PHE E 230 12.11 5.01 -27.46
N ARG E 231 13.18 4.23 -27.43
CA ARG E 231 14.49 4.72 -27.05
C ARG E 231 15.03 5.70 -28.08
N THR E 232 14.84 5.41 -29.36
CA THR E 232 15.30 6.28 -30.43
C THR E 232 14.69 7.68 -30.35
N SER E 233 13.38 7.75 -30.10
CA SER E 233 12.68 9.05 -30.12
C SER E 233 12.91 9.86 -28.83
N GLY E 234 13.08 9.15 -27.72
CA GLY E 234 13.52 9.76 -26.45
C GLY E 234 14.96 10.23 -26.47
N ASP E 235 15.78 9.61 -27.33
CA ASP E 235 17.09 10.17 -27.70
C ASP E 235 16.88 10.96 -29.01
N GLU F 8 -7.23 25.97 57.07
CA GLU F 8 -8.22 25.03 56.43
C GLU F 8 -8.25 25.04 54.87
N ILE F 9 -8.14 26.19 54.21
CA ILE F 9 -8.31 26.22 52.74
C ILE F 9 -7.13 25.62 51.93
N LEU F 10 -5.94 25.57 52.52
CA LEU F 10 -4.82 24.82 51.97
C LEU F 10 -4.28 23.90 53.07
N LEU F 11 -4.27 22.58 52.83
CA LEU F 11 -3.65 21.61 53.75
C LEU F 11 -2.20 21.37 53.35
N SER F 12 -1.41 20.94 54.33
CA SER F 12 0.03 20.80 54.22
C SER F 12 0.43 19.65 55.15
N ASN F 13 1.07 18.63 54.59
CA ASN F 13 1.63 17.54 55.37
C ASN F 13 3.00 17.20 54.79
N THR F 14 3.93 16.80 55.65
CA THR F 14 5.27 16.45 55.24
C THR F 14 5.67 15.09 55.83
N GLU F 15 6.19 14.22 54.97
CA GLU F 15 6.50 12.83 55.32
C GLU F 15 7.57 12.29 54.41
N GLU F 16 8.64 11.76 55.00
CA GLU F 16 9.78 11.22 54.27
C GLU F 16 10.30 12.26 53.26
N ARG F 17 10.39 13.49 53.76
CA ARG F 17 10.91 14.65 53.04
C ARG F 17 10.07 15.04 51.82
N VAL F 18 8.79 14.69 51.80
CA VAL F 18 7.92 15.11 50.72
C VAL F 18 6.80 15.95 51.29
N ARG F 19 6.64 17.15 50.76
CA ARG F 19 5.56 17.99 51.20
C ARG F 19 4.40 18.00 50.20
N THR F 20 3.23 17.56 50.69
CA THR F 20 1.98 17.55 49.95
C THR F 20 1.13 18.76 50.34
N LEU F 21 0.74 19.51 49.31
CA LEU F 21 -0.10 20.68 49.42
C LEU F 21 -1.45 20.34 48.79
N THR F 22 -2.51 20.37 49.59
CA THR F 22 -3.83 20.11 49.07
C THR F 22 -4.66 21.39 48.99
N LEU F 23 -5.00 21.81 47.79
CA LEU F 23 -6.04 22.87 47.63
C LEU F 23 -7.32 22.26 48.27
N ASN F 24 -7.90 22.99 49.21
CA ASN F 24 -8.95 22.45 50.06
C ASN F 24 -10.19 23.33 50.21
N ARG F 25 -10.84 23.60 49.08
CA ARG F 25 -12.18 24.15 49.08
C ARG F 25 -13.09 23.21 48.24
N PRO F 26 -13.29 21.97 48.70
CA PRO F 26 -13.95 20.99 47.86
C PRO F 26 -15.32 21.40 47.33
N GLN F 27 -16.16 22.02 48.15
CA GLN F 27 -17.51 22.41 47.68
C GLN F 27 -17.44 23.51 46.63
N ALA F 28 -16.37 24.30 46.65
CA ALA F 28 -16.18 25.31 45.61
C ALA F 28 -15.17 24.87 44.55
N ARG F 29 -15.01 23.55 44.41
CA ARG F 29 -14.14 22.96 43.38
CA ARG F 29 -14.14 22.95 43.39
C ARG F 29 -12.70 23.50 43.47
N ASN F 30 -12.27 23.82 44.70
CA ASN F 30 -10.91 24.32 44.90
C ASN F 30 -10.58 25.53 44.03
N ALA F 31 -11.59 26.39 43.86
CA ALA F 31 -11.44 27.65 43.18
C ALA F 31 -10.40 28.49 43.91
N LEU F 32 -9.59 29.21 43.12
CA LEU F 32 -8.49 29.99 43.66
C LEU F 32 -8.94 31.41 43.98
N SER F 33 -9.44 31.56 45.21
CA SER F 33 -9.68 32.88 45.83
C SER F 33 -8.35 33.62 46.07
N ALA F 34 -8.43 34.92 46.40
CA ALA F 34 -7.22 35.72 46.73
C ALA F 34 -6.49 35.08 47.89
N ALA F 35 -7.24 34.77 48.93
CA ALA F 35 -6.67 34.16 50.13
C ALA F 35 -5.95 32.82 49.79
N LEU F 36 -6.55 31.99 48.96
CA LEU F 36 -5.97 30.69 48.62
C LEU F 36 -4.76 30.83 47.75
N ARG F 37 -4.79 31.79 46.82
CA ARG F 37 -3.60 32.09 46.00
C ARG F 37 -2.41 32.47 46.88
N ASP F 38 -2.62 33.46 47.75
CA ASP F 38 -1.58 33.90 48.66
C ASP F 38 -1.02 32.73 49.46
N ARG F 39 -1.92 31.87 49.93
CA ARG F 39 -1.55 30.76 50.78
C ARG F 39 -0.76 29.69 49.99
N PHE F 40 -1.17 29.45 48.76
CA PHE F 40 -0.60 28.42 47.97
C PHE F 40 0.78 28.83 47.45
N PHE F 41 0.85 29.99 46.79
CA PHE F 41 2.14 30.47 46.28
C PHE F 41 3.10 30.69 47.40
N GLY F 42 2.60 31.24 48.50
CA GLY F 42 3.41 31.40 49.72
C GLY F 42 3.93 30.09 50.29
N ALA F 43 3.08 29.06 50.25
CA ALA F 43 3.47 27.69 50.68
C ALA F 43 4.51 27.04 49.76
N LEU F 44 4.40 27.23 48.45
CA LEU F 44 5.51 26.78 47.57
C LEU F 44 6.84 27.50 47.89
N ALA F 45 6.81 28.79 48.16
CA ALA F 45 8.04 29.54 48.51
C ALA F 45 8.67 29.06 49.83
N ASP F 46 7.86 28.79 50.84
CA ASP F 46 8.34 28.20 52.10
C ASP F 46 8.94 26.82 51.86
N ALA F 47 8.34 26.03 50.97
CA ALA F 47 8.92 24.74 50.61
C ALA F 47 10.36 24.88 50.12
N GLU F 48 10.60 25.86 49.26
CA GLU F 48 11.91 26.04 48.66
C GLU F 48 13.02 26.17 49.70
N THR F 49 12.69 26.84 50.81
CA THR F 49 13.68 27.17 51.84
C THR F 49 13.59 26.33 53.15
N ASP F 50 12.62 25.42 53.24
CA ASP F 50 12.57 24.43 54.33
C ASP F 50 13.50 23.24 54.05
N ASP F 51 14.54 23.10 54.87
CA ASP F 51 15.53 22.03 54.71
C ASP F 51 14.96 20.65 55.03
N ASP F 52 13.78 20.60 55.65
CA ASP F 52 13.10 19.31 55.82
C ASP F 52 12.48 18.74 54.52
N VAL F 53 12.36 19.54 53.45
CA VAL F 53 11.68 19.10 52.20
C VAL F 53 12.61 18.93 50.98
N ASP F 54 12.49 17.79 50.29
CA ASP F 54 13.19 17.57 49.02
C ASP F 54 12.24 17.65 47.82
N VAL F 55 10.97 17.30 48.00
CA VAL F 55 10.00 17.28 46.90
C VAL F 55 8.62 17.78 47.32
N VAL F 56 7.92 18.44 46.42
CA VAL F 56 6.60 18.89 46.69
C VAL F 56 5.57 18.19 45.81
N ILE F 57 4.46 17.77 46.42
CA ILE F 57 3.34 17.29 45.65
C ILE F 57 2.21 18.27 45.81
N ILE F 58 1.54 18.63 44.70
CA ILE F 58 0.32 19.42 44.79
C ILE F 58 -0.83 18.58 44.29
N THR F 59 -2.00 18.76 44.89
CA THR F 59 -3.22 18.03 44.53
C THR F 59 -4.43 18.79 45.12
N GLY F 60 -5.65 18.34 44.78
CA GLY F 60 -6.90 18.98 45.23
C GLY F 60 -7.80 18.10 46.06
N ALA F 61 -8.57 18.70 46.95
CA ALA F 61 -9.55 17.93 47.71
C ALA F 61 -10.63 17.44 46.75
N ASP F 62 -10.88 16.14 46.74
CA ASP F 62 -11.84 15.54 45.80
C ASP F 62 -13.18 16.29 45.80
N PRO F 63 -13.88 16.30 44.66
CA PRO F 63 -13.56 15.54 43.44
C PRO F 63 -12.82 16.29 42.35
N VAL F 64 -12.48 17.56 42.60
CA VAL F 64 -11.83 18.40 41.58
C VAL F 64 -10.35 18.64 41.93
N PHE F 65 -9.47 18.78 40.92
CA PHE F 65 -8.14 19.31 41.17
C PHE F 65 -8.26 20.83 41.44
N CYS F 66 -8.66 21.60 40.43
CA CYS F 66 -8.79 23.06 40.58
C CYS F 66 -9.54 23.63 39.41
N ALA F 67 -10.67 24.26 39.74
CA ALA F 67 -11.60 24.82 38.74
C ALA F 67 -11.12 26.18 38.23
N GLY F 68 -9.94 26.63 38.66
CA GLY F 68 -9.45 27.92 38.26
C GLY F 68 -9.73 29.00 39.27
N LEU F 69 -9.53 30.24 38.84
CA LEU F 69 -9.74 31.41 39.70
C LEU F 69 -11.20 31.53 40.12
N ASP F 70 -11.41 32.06 41.33
CA ASP F 70 -12.73 32.36 41.89
C ASP F 70 -13.34 33.55 41.14
N LEU F 71 -14.14 33.26 40.12
CA LEU F 71 -14.77 34.31 39.31
C LEU F 71 -15.80 35.12 40.11
N LYS F 72 -16.48 34.48 41.08
CA LYS F 72 -17.43 35.19 41.95
C LYS F 72 -16.77 36.35 42.68
N GLU F 73 -15.53 36.16 43.12
CA GLU F 73 -14.76 37.19 43.84
C GLU F 73 -14.27 38.31 42.90
N LEU F 74 -13.60 37.94 41.81
CA LEU F 74 -13.09 38.91 40.81
C LEU F 74 -14.14 39.24 39.75
N ILE F 83 -3.77 40.06 37.19
CA ILE F 83 -3.31 38.80 37.78
C ILE F 83 -1.99 38.41 37.16
N SER F 84 -0.91 39.02 37.68
CA SER F 84 0.45 38.67 37.26
C SER F 84 0.80 37.27 37.70
N PRO F 85 1.78 36.64 37.04
CA PRO F 85 2.25 35.32 37.42
C PRO F 85 2.86 35.30 38.83
N ARG F 86 2.62 34.25 39.59
CA ARG F 86 3.10 34.22 40.96
C ARG F 86 3.86 32.97 41.35
N TRP F 87 3.94 32.04 40.43
CA TRP F 87 4.56 30.77 40.72
C TRP F 87 6.03 31.09 40.83
N PRO F 88 6.63 30.80 41.99
CA PRO F 88 7.98 31.24 42.30
C PRO F 88 9.09 30.34 41.73
N ALA F 89 10.31 30.87 41.68
CA ALA F 89 11.46 30.08 41.20
C ALA F 89 11.78 29.00 42.21
N LEU F 90 11.97 27.76 41.75
CA LEU F 90 12.17 26.65 42.68
C LEU F 90 13.28 25.73 42.16
N THR F 91 14.01 25.18 43.10
CA THR F 91 15.06 24.23 42.80
C THR F 91 14.67 22.81 43.22
N LYS F 92 13.48 22.63 43.77
CA LYS F 92 12.97 21.32 44.18
C LYS F 92 11.79 20.94 43.26
N PRO F 93 11.66 19.65 42.95
CA PRO F 93 10.66 19.27 41.97
C PRO F 93 9.25 19.32 42.51
N VAL F 94 8.32 19.62 41.63
CA VAL F 94 6.95 19.62 42.03
C VAL F 94 6.20 18.65 41.15
N ILE F 95 5.56 17.67 41.80
CA ILE F 95 4.74 16.68 41.15
C ILE F 95 3.29 17.10 41.28
N GLY F 96 2.60 17.26 40.16
CA GLY F 96 1.18 17.56 40.20
C GLY F 96 0.40 16.24 40.19
N ALA F 97 -0.37 16.01 41.24
CA ALA F 97 -1.21 14.82 41.33
C ALA F 97 -2.66 15.21 40.97
N ILE F 98 -2.98 15.06 39.69
CA ILE F 98 -4.23 15.60 39.19
C ILE F 98 -5.36 14.63 39.54
N ASN F 99 -6.18 15.00 40.54
CA ASN F 99 -7.29 14.12 41.02
C ASN F 99 -8.62 14.19 40.26
N GLY F 100 -8.81 15.23 39.46
CA GLY F 100 -10.07 15.52 38.78
C GLY F 100 -9.88 16.73 37.87
N ALA F 101 -10.97 17.43 37.59
CA ALA F 101 -10.95 18.51 36.63
C ALA F 101 -9.86 19.51 36.98
N ALA F 102 -9.08 19.88 35.96
CA ALA F 102 -8.12 20.98 36.06
C ALA F 102 -8.47 22.01 34.98
N VAL F 103 -8.99 23.16 35.35
CA VAL F 103 -9.65 24.03 34.40
C VAL F 103 -9.06 25.44 34.38
N THR F 104 -8.70 25.94 33.19
CA THR F 104 -8.28 27.32 32.99
C THR F 104 -7.11 27.67 33.91
N GLY F 105 -7.31 28.55 34.89
CA GLY F 105 -6.25 28.83 35.87
C GLY F 105 -5.72 27.57 36.52
N GLY F 106 -6.56 26.57 36.67
CA GLY F 106 -6.18 25.31 37.31
C GLY F 106 -5.32 24.46 36.43
N LEU F 107 -5.59 24.54 35.14
CA LEU F 107 -4.78 23.87 34.13
C LEU F 107 -3.39 24.50 34.09
N GLU F 108 -3.32 25.81 34.36
CA GLU F 108 -2.03 26.49 34.42
C GLU F 108 -1.24 26.03 35.63
N LEU F 109 -1.88 25.82 36.78
CA LEU F 109 -1.13 25.24 37.93
C LEU F 109 -0.57 23.89 37.51
N ALA F 110 -1.39 23.07 36.84
CA ALA F 110 -0.92 21.77 36.35
C ALA F 110 0.28 21.94 35.42
N LEU F 111 0.23 22.95 34.57
CA LEU F 111 1.27 23.14 33.54
C LEU F 111 2.61 23.63 34.14
N TYR F 112 2.57 24.25 35.31
CA TYR F 112 3.76 24.69 35.96
C TYR F 112 4.56 23.48 36.53
N CYS F 113 3.86 22.38 36.80
CA CYS F 113 4.48 21.28 37.52
C CYS F 113 5.57 20.67 36.70
N ASP F 114 6.60 20.19 37.41
CA ASP F 114 7.68 19.48 36.75
C ASP F 114 7.19 18.17 36.18
N ILE F 115 6.47 17.40 37.00
CA ILE F 115 5.98 16.08 36.62
C ILE F 115 4.51 15.99 36.96
N LEU F 116 3.71 15.39 36.09
CA LEU F 116 2.30 15.19 36.36
C LEU F 116 1.96 13.72 36.39
N ILE F 117 1.14 13.35 37.37
CA ILE F 117 0.53 12.03 37.41
C ILE F 117 -0.93 12.25 37.64
N ALA F 118 -1.76 11.41 37.01
CA ALA F 118 -3.21 11.64 36.90
C ALA F 118 -4.06 10.46 37.36
N SER F 119 -5.16 10.74 38.06
CA SER F 119 -6.23 9.80 38.29
C SER F 119 -6.97 9.53 36.98
N GLU F 120 -7.58 8.36 36.87
CA GLU F 120 -8.52 8.13 35.78
C GLU F 120 -9.63 9.18 35.77
N ASN F 121 -9.87 9.82 36.89
CA ASN F 121 -10.86 10.92 36.95
C ASN F 121 -10.37 12.29 36.47
N ALA F 122 -9.06 12.45 36.28
CA ALA F 122 -8.53 13.72 35.87
C ALA F 122 -9.13 14.12 34.55
N ARG F 123 -9.37 15.40 34.39
CA ARG F 123 -9.64 15.92 33.06
C ARG F 123 -9.22 17.38 32.99
N PHE F 124 -9.00 17.88 31.78
CA PHE F 124 -8.31 19.14 31.59
C PHE F 124 -9.07 20.05 30.64
N ALA F 125 -9.12 21.34 30.94
CA ALA F 125 -9.83 22.24 30.03
C ALA F 125 -9.42 23.68 30.18
N ASP F 126 -9.65 24.42 29.11
CA ASP F 126 -9.32 25.84 29.05
C ASP F 126 -10.55 26.59 28.64
N THR F 127 -11.16 27.32 29.58
CA THR F 127 -12.39 28.02 29.30
C THR F 127 -12.16 29.52 29.16
N HIS F 128 -10.90 29.93 28.98
CA HIS F 128 -10.57 31.36 28.83
C HIS F 128 -11.42 32.01 27.76
N ALA F 129 -11.39 31.51 26.53
CA ALA F 129 -12.18 32.08 25.44
C ALA F 129 -13.70 31.97 25.70
N ARG F 130 -14.14 30.90 26.35
CA ARG F 130 -15.56 30.76 26.66
C ARG F 130 -15.99 31.90 27.60
N VAL F 131 -15.16 32.24 28.57
CA VAL F 131 -15.50 33.33 29.54
C VAL F 131 -15.00 34.73 29.12
N GLY F 132 -14.46 34.89 27.92
CA GLY F 132 -14.01 36.22 27.46
C GLY F 132 -12.74 36.80 28.09
N LEU F 133 -11.80 35.94 28.49
CA LEU F 133 -10.54 36.37 29.07
C LEU F 133 -9.36 35.73 28.32
N LEU F 134 -8.17 36.28 28.52
CA LEU F 134 -6.94 35.72 28.00
C LEU F 134 -6.01 35.28 29.15
N PRO F 135 -5.21 34.24 28.91
CA PRO F 135 -4.36 33.72 29.97
C PRO F 135 -3.22 34.66 30.30
N THR F 136 -2.78 34.63 31.56
CA THR F 136 -1.59 35.34 32.00
C THR F 136 -0.67 34.48 32.87
N TRP F 137 -1.00 33.20 33.04
CA TRP F 137 -0.17 32.27 33.82
C TRP F 137 0.46 31.20 32.91
N GLY F 138 0.78 31.61 31.67
CA GLY F 138 1.56 30.80 30.72
C GLY F 138 0.82 29.76 29.92
N LEU F 139 -0.50 29.72 29.99
CA LEU F 139 -1.26 28.68 29.26
C LEU F 139 -0.90 28.76 27.78
N SER F 140 -0.89 29.96 27.21
CA SER F 140 -0.68 30.04 25.78
C SER F 140 0.71 29.61 25.34
N VAL F 141 1.66 29.43 26.25
CA VAL F 141 2.97 28.95 25.92
C VAL F 141 3.07 27.47 26.29
N ARG F 142 2.68 27.14 27.50
CA ARG F 142 2.93 25.78 28.01
C ARG F 142 1.92 24.76 27.53
N LEU F 143 0.68 25.17 27.24
CA LEU F 143 -0.29 24.16 26.76
C LEU F 143 0.19 23.54 25.46
N PRO F 144 0.40 24.32 24.39
CA PRO F 144 0.94 23.73 23.16
C PRO F 144 2.25 22.95 23.39
N GLN F 145 3.08 23.47 24.28
CA GLN F 145 4.35 22.87 24.61
C GLN F 145 4.19 21.46 25.19
N LYS F 146 3.13 21.22 25.97
CA LYS F 146 2.96 19.95 26.68
C LYS F 146 1.82 19.03 26.19
N VAL F 147 0.88 19.49 25.37
CA VAL F 147 -0.09 18.56 24.74
C VAL F 147 -0.06 18.57 23.22
N GLY F 148 0.71 19.48 22.62
CA GLY F 148 0.78 19.60 21.17
C GLY F 148 -0.02 20.80 20.71
N ILE F 149 0.40 21.37 19.58
CA ILE F 149 -0.23 22.60 19.05
C ILE F 149 -1.73 22.41 18.72
N GLY F 150 -2.05 21.33 18.01
CA GLY F 150 -3.42 21.08 17.59
C GLY F 150 -4.37 20.82 18.75
N LEU F 151 -4.00 19.96 19.66
CA LEU F 151 -4.87 19.69 20.79
C LEU F 151 -5.02 20.96 21.62
N ALA F 152 -3.95 21.75 21.74
CA ALA F 152 -4.00 23.00 22.53
C ALA F 152 -4.97 24.00 21.92
N ARG F 153 -4.90 24.18 20.62
CA ARG F 153 -5.80 25.11 19.99
C ARG F 153 -7.26 24.59 20.06
N ARG F 154 -7.43 23.28 19.88
CA ARG F 154 -8.76 22.67 19.97
C ARG F 154 -9.30 22.91 21.35
N MET F 155 -8.50 22.58 22.36
CA MET F 155 -8.87 22.81 23.77
C MET F 155 -9.26 24.25 24.07
N SER F 156 -8.42 25.18 23.64
CA SER F 156 -8.60 26.57 24.03
C SER F 156 -9.77 27.16 23.29
N LEU F 157 -9.98 26.74 22.05
CA LEU F 157 -11.01 27.39 21.26
C LEU F 157 -12.42 26.82 21.47
N THR F 158 -12.52 25.55 21.88
CA THR F 158 -13.84 24.96 22.10
C THR F 158 -14.23 24.98 23.56
N GLY F 159 -13.26 24.82 24.44
CA GLY F 159 -13.56 24.77 25.87
C GLY F 159 -13.79 23.36 26.37
N ASP F 160 -13.70 22.36 25.49
CA ASP F 160 -14.12 21.01 25.84
C ASP F 160 -13.05 20.39 26.75
N TYR F 161 -13.42 19.33 27.47
CA TYR F 161 -12.49 18.59 28.32
C TYR F 161 -11.58 17.57 27.57
N LEU F 162 -10.34 17.48 28.02
CA LEU F 162 -9.41 16.40 27.67
C LEU F 162 -9.44 15.29 28.75
N SER F 163 -9.87 14.10 28.38
CA SER F 163 -9.85 12.97 29.32
C SER F 163 -8.41 12.60 29.77
N ALA F 164 -8.34 11.85 30.85
CA ALA F 164 -7.07 11.36 31.38
C ALA F 164 -6.38 10.52 30.32
N ALA F 165 -7.07 9.53 29.76
CA ALA F 165 -6.49 8.68 28.70
C ALA F 165 -5.89 9.52 27.56
N ASP F 166 -6.58 10.58 27.16
CA ASP F 166 -6.11 11.45 26.07
C ASP F 166 -4.96 12.31 26.54
N ALA F 167 -5.00 12.75 27.78
CA ALA F 167 -3.87 13.47 28.35
C ALA F 167 -2.66 12.59 28.29
N LEU F 168 -2.77 11.35 28.76
CA LEU F 168 -1.64 10.41 28.68
C LEU F 168 -1.12 10.22 27.25
N ARG F 169 -2.01 10.07 26.29
CA ARG F 169 -1.60 9.89 24.90
C ARG F 169 -0.84 11.10 24.36
N ALA F 170 -1.34 12.30 24.64
CA ALA F 170 -0.68 13.53 24.18
C ALA F 170 0.63 13.86 24.90
N GLY F 171 0.87 13.21 26.05
CA GLY F 171 2.10 13.41 26.86
C GLY F 171 2.00 14.53 27.90
N LEU F 172 0.77 14.98 28.21
CA LEU F 172 0.56 16.02 29.21
C LEU F 172 0.83 15.44 30.59
N VAL F 173 0.49 14.16 30.76
CA VAL F 173 0.80 13.45 32.01
C VAL F 173 1.67 12.25 31.71
N THR F 174 2.37 11.75 32.73
CA THR F 174 3.32 10.65 32.58
C THR F 174 2.69 9.30 32.92
N GLU F 175 1.56 9.32 33.59
CA GLU F 175 0.98 8.14 34.18
C GLU F 175 -0.48 8.38 34.52
N VAL F 176 -1.30 7.34 34.37
CA VAL F 176 -2.68 7.39 34.76
C VAL F 176 -2.91 6.17 35.60
N VAL F 177 -3.48 6.36 36.78
CA VAL F 177 -3.70 5.26 37.70
C VAL F 177 -5.11 5.33 38.21
N PRO F 178 -5.61 4.21 38.73
CA PRO F 178 -6.91 4.26 39.35
C PRO F 178 -6.94 5.29 40.49
N HIS F 179 -8.10 5.88 40.71
CA HIS F 179 -8.26 7.02 41.59
C HIS F 179 -7.65 6.85 42.98
N ASP F 180 -7.98 5.73 43.64
CA ASP F 180 -7.51 5.45 44.99
C ASP F 180 -5.98 5.16 45.05
N GLN F 181 -5.34 4.97 43.90
CA GLN F 181 -3.85 4.81 43.85
C GLN F 181 -3.05 6.12 43.62
N LEU F 182 -3.71 7.27 43.43
CA LEU F 182 -3.04 8.50 42.94
C LEU F 182 -1.93 9.03 43.84
N LEU F 183 -2.22 9.26 45.09
CA LEU F 183 -1.24 9.81 46.01
C LEU F 183 -0.13 8.81 46.28
N GLY F 184 -0.45 7.52 46.37
CA GLY F 184 0.57 6.48 46.45
C GLY F 184 1.58 6.53 45.31
N ALA F 185 1.06 6.66 44.09
CA ALA F 185 1.86 6.78 42.87
C ALA F 185 2.75 8.06 42.85
N ALA F 186 2.23 9.18 43.35
CA ALA F 186 3.03 10.38 43.42
C ALA F 186 4.13 10.22 44.46
N GLN F 187 3.83 9.60 45.60
CA GLN F 187 4.83 9.46 46.68
C GLN F 187 5.95 8.52 46.29
N ALA F 188 5.66 7.56 45.40
CA ALA F 188 6.64 6.56 45.01
C ALA F 188 7.65 7.23 44.10
N VAL F 189 7.12 8.01 43.17
CA VAL F 189 7.96 8.83 42.35
C VAL F 189 8.75 9.80 43.24
N ALA F 190 8.08 10.44 44.19
CA ALA F 190 8.76 11.38 45.06
C ALA F 190 9.87 10.69 45.85
N ALA F 191 9.63 9.44 46.25
CA ALA F 191 10.61 8.69 47.04
C ALA F 191 11.82 8.33 46.21
N SER F 192 11.61 7.97 44.95
CA SER F 192 12.76 7.60 44.13
C SER F 192 13.65 8.81 44.02
N ILE F 193 13.06 9.98 43.81
CA ILE F 193 13.80 11.27 43.78
C ILE F 193 14.54 11.49 45.09
N VAL F 194 13.83 11.42 46.21
CA VAL F 194 14.47 11.60 47.52
C VAL F 194 15.70 10.68 47.76
N GLY F 195 15.68 9.51 47.14
CA GLY F 195 16.75 8.52 47.28
C GLY F 195 17.91 8.78 46.34
N ASN F 196 17.81 9.76 45.45
CA ASN F 196 18.96 10.19 44.68
C ASN F 196 19.72 11.32 45.36
N ASN F 197 20.91 11.58 44.83
CA ASN F 197 21.83 12.61 45.28
C ASN F 197 21.20 13.98 45.05
N GLN F 198 20.81 14.65 46.14
CA GLN F 198 19.98 15.84 46.05
C GLN F 198 20.70 17.01 45.40
N ASN F 199 21.98 17.14 45.67
CA ASN F 199 22.81 18.15 44.98
C ASN F 199 22.71 18.01 43.44
N ALA F 200 22.95 16.81 42.93
CA ALA F 200 22.78 16.51 41.50
C ALA F 200 21.35 16.75 41.06
N VAL F 201 20.39 16.31 41.87
CA VAL F 201 18.98 16.48 41.50
C VAL F 201 18.61 17.95 41.29
N ARG F 202 18.98 18.77 42.25
CA ARG F 202 18.61 20.17 42.18
C ARG F 202 19.37 20.93 41.12
N ALA F 203 20.63 20.59 40.89
CA ALA F 203 21.41 21.30 39.89
C ALA F 203 20.98 20.89 38.47
N LEU F 204 20.56 19.63 38.29
CA LEU F 204 20.04 19.20 36.99
C LEU F 204 18.71 19.86 36.75
N LEU F 205 17.86 19.88 37.78
CA LEU F 205 16.54 20.54 37.66
C LEU F 205 16.73 22.00 37.33
N ALA F 206 17.58 22.66 38.12
CA ALA F 206 17.91 24.07 37.90
C ALA F 206 18.29 24.28 36.44
N SER F 207 19.11 23.41 35.88
CA SER F 207 19.59 23.59 34.52
C SER F 207 18.43 23.32 33.52
N TYR F 208 17.64 22.27 33.75
CA TYR F 208 16.42 22.06 32.93
C TYR F 208 15.57 23.30 32.94
N HIS F 209 15.40 23.89 34.12
CA HIS F 209 14.59 25.09 34.25
C HIS F 209 15.16 26.26 33.47
N ARG F 210 16.47 26.46 33.49
CA ARG F 210 17.04 27.56 32.70
C ARG F 210 16.93 27.29 31.20
N ILE F 211 17.08 26.04 30.77
CA ILE F 211 16.98 25.71 29.36
C ILE F 211 15.55 25.99 28.85
N ASP F 212 14.54 25.48 29.54
CA ASP F 212 13.15 25.79 29.21
C ASP F 212 12.85 27.31 29.29
N ASP F 213 13.23 27.99 30.37
CA ASP F 213 12.96 29.44 30.51
C ASP F 213 13.46 30.23 29.26
N ALA F 214 14.66 29.90 28.80
CA ALA F 214 15.23 30.50 27.61
C ALA F 214 14.35 30.30 26.37
N GLN F 215 13.77 29.12 26.25
CA GLN F 215 12.82 28.85 25.17
C GLN F 215 11.47 29.59 25.39
N THR F 216 10.99 29.66 26.62
CA THR F 216 9.64 30.14 26.86
C THR F 216 9.54 31.67 27.05
N SER F 217 10.64 32.31 27.40
CA SER F 217 10.61 33.73 27.81
C SER F 217 9.94 34.69 26.82
N ALA F 218 10.19 34.48 25.53
CA ALA F 218 9.68 35.35 24.49
C ALA F 218 8.19 35.18 24.44
N GLY F 219 7.76 33.93 24.55
CA GLY F 219 6.35 33.62 24.46
C GLY F 219 5.59 34.18 25.62
N LEU F 220 6.18 34.12 26.81
CA LEU F 220 5.50 34.65 28.01
C LEU F 220 5.32 36.18 27.97
N TRP F 221 6.29 36.87 27.39
CA TRP F 221 6.15 38.30 27.17
C TRP F 221 5.03 38.60 26.16
N GLN F 222 5.04 37.87 25.06
CA GLN F 222 3.99 38.02 24.08
C GLN F 222 2.63 37.65 24.69
N GLU F 223 2.54 36.59 25.49
CA GLU F 223 1.27 36.32 26.24
C GLU F 223 0.85 37.50 27.10
N ALA F 224 1.78 38.10 27.83
CA ALA F 224 1.45 39.27 28.67
C ALA F 224 1.00 40.46 27.86
N MET F 225 1.62 40.75 26.73
CA MET F 225 1.19 41.90 25.95
C MET F 225 -0.18 41.63 25.34
N ALA F 226 -0.41 40.40 24.90
CA ALA F 226 -1.71 40.05 24.32
C ALA F 226 -2.79 40.26 25.41
N ALA F 227 -2.45 39.95 26.66
CA ALA F 227 -3.39 40.13 27.77
C ALA F 227 -3.65 41.60 28.01
N ARG F 228 -2.60 42.40 28.12
CA ARG F 228 -2.78 43.82 28.38
C ARG F 228 -3.53 44.48 27.24
N GLN F 229 -3.25 44.12 25.98
CA GLN F 229 -3.90 44.82 24.86
C GLN F 229 -5.40 44.46 24.81
N PHE F 230 -5.73 43.23 25.21
CA PHE F 230 -7.12 42.78 25.25
C PHE F 230 -7.89 43.48 26.38
N ARG F 231 -7.24 43.74 27.51
CA ARG F 231 -7.87 44.53 28.62
C ARG F 231 -8.14 45.96 28.18
N THR F 232 -7.25 46.48 27.31
CA THR F 232 -7.34 47.86 26.83
C THR F 232 -8.51 48.06 25.85
N SER F 233 -8.57 47.26 24.80
CA SER F 233 -9.66 47.39 23.83
C SER F 233 -11.02 47.02 24.46
N GLY F 234 -11.03 46.09 25.43
CA GLY F 234 -12.24 45.78 26.23
C GLY F 234 -12.73 46.91 27.14
N ASP F 235 -11.90 47.97 27.27
CA ASP F 235 -12.30 49.24 27.90
C ASP F 235 -12.80 50.26 26.84
N ASP F 236 -12.46 50.03 25.57
CA ASP F 236 -13.09 50.74 24.43
C ASP F 236 -14.41 50.07 24.00
C1 EDO G . -21.74 -7.42 -34.90
O1 EDO G . -21.54 -8.82 -34.85
C2 EDO G . -23.16 -7.01 -34.50
O2 EDO G . -24.10 -8.08 -34.52
C1 EDO H . 6.01 22.99 -1.35
O1 EDO H . 6.95 22.58 -0.37
C2 EDO H . 6.20 22.17 -2.61
O2 EDO H . 6.48 20.79 -2.35
C1 EDO I . -2.47 -40.14 -27.29
O1 EDO I . -2.27 -38.84 -26.78
C2 EDO I . -2.77 -41.02 -26.09
O2 EDO I . -1.62 -41.15 -25.24
C1 EDO J . 27.91 12.52 28.82
O1 EDO J . 26.89 13.43 29.26
C2 EDO J . 28.44 11.66 29.97
O2 EDO J . 27.49 10.74 30.48
C1 EDO K . 13.43 -5.78 -19.10
O1 EDO K . 12.16 -5.42 -19.62
C2 EDO K . 13.99 -4.69 -18.21
O2 EDO K . 12.99 -3.74 -17.80
C1 EDO L . -4.56 33.51 34.55
O1 EDO L . -4.20 32.86 33.33
C2 EDO L . -5.78 32.84 35.15
O2 EDO L . -6.94 32.97 34.30
#